data_6UWY
#
_entry.id   6UWY
#
_cell.length_a   264.042
_cell.length_b   65.218
_cell.length_c   138.758
_cell.angle_alpha   90.000
_cell.angle_beta   114.860
_cell.angle_gamma   90.000
#
_symmetry.space_group_name_H-M   'C 1 2 1'
#
loop_
_entity.id
_entity.type
_entity.pdbx_description
1 polymer 'Dual specificity tyrosine-phosphorylation-regulated kinase 1A'
2 non-polymer 4-(7-methoxy-1-methyl-9H-beta-carbolin-9-yl)butanamide
3 non-polymer 'TETRAETHYLENE GLYCOL'
4 water water
#
_entity_poly.entity_id   1
_entity_poly.type   'polypeptide(L)'
_entity_poly.pdbx_seq_one_letter_code
;SMSSHKKERKVYNDGYDDDNYDYIVKNGEKWMDRYEIDSLIGKGSFGQVVKAYDRVEQEWVAIKIIKNKKAFLNQAQIEV
RLLELMNKHDTEMKYYIVHLKRHFMFRNHLCLVFEMLSYNLYDLLRNTNFRGVSLNLTRKFAQQMCTALLFLATPELSII
HCDLKPENILLCNPKRSAIKIVDFGSSCQLGQRIYQ(PTR)IQSRFYRSPEVLLGMPYDLAIDMWSLGCILVEMHTGEPL
FSGANEVDQMNKIVEVLGIPPAHILDQAPKARKFFEKLPDGTWNLKKTKDGKREYKPPGTRKLHNILGVETGGPGGRRAG
ESGHTVADYLKFKDLILRMLDYDPKTRIQPYYALQHSFFKKTADE
;
_entity_poly.pdbx_strand_id   A,B,C,D
#
loop_
_chem_comp.id
_chem_comp.type
_chem_comp.name
_chem_comp.formula
PG4 non-polymer 'TETRAETHYLENE GLYCOL' 'C8 H18 O5'
QKG non-polymer 4-(7-methoxy-1-methyl-9H-beta-carbolin-9-yl)butanamide 'C17 H19 N3 O2'
#
# COMPACT_ATOMS: atom_id res chain seq x y z
N VAL A 11 4.25 54.44 42.58
CA VAL A 11 4.59 54.81 41.21
C VAL A 11 5.27 53.65 40.48
N TYR A 12 4.66 53.19 39.39
CA TYR A 12 5.16 52.06 38.62
C TYR A 12 5.75 52.54 37.30
N ASN A 13 7.01 52.17 37.05
CA ASN A 13 7.72 52.50 35.82
C ASN A 13 7.53 53.96 35.45
N ASP A 14 7.82 54.85 36.41
CA ASP A 14 7.71 56.30 36.21
C ASP A 14 6.32 56.71 35.75
N GLY A 15 5.29 55.95 36.13
CA GLY A 15 3.92 56.28 35.84
C GLY A 15 3.33 55.67 34.58
N TYR A 16 4.15 55.03 33.74
CA TYR A 16 3.64 54.43 32.49
C TYR A 16 2.93 53.10 32.71
N ASP A 17 3.18 52.43 33.84
CA ASP A 17 2.64 51.10 34.12
C ASP A 17 1.59 51.16 35.22
N ASP A 18 0.70 50.15 35.23
CA ASP A 18 -0.21 49.94 36.34
C ASP A 18 0.42 48.98 37.35
N ASP A 19 -0.32 48.64 38.39
CA ASP A 19 0.23 47.77 39.44
C ASP A 19 0.39 46.32 39.01
N ASN A 20 -0.04 45.95 37.80
CA ASN A 20 0.12 44.58 37.31
C ASN A 20 1.18 44.48 36.22
N TYR A 21 2.11 45.43 36.17
CA TYR A 21 3.22 45.49 35.21
C TYR A 21 2.75 45.73 33.78
N ASP A 22 1.48 46.07 33.56
CA ASP A 22 0.98 46.34 32.22
C ASP A 22 1.17 47.82 31.86
N TYR A 23 1.38 48.06 30.58
CA TYR A 23 1.48 49.44 30.10
C TYR A 23 0.10 50.08 30.06
N ILE A 24 -0.01 51.27 30.65
CA ILE A 24 -1.28 52.00 30.67
C ILE A 24 -1.58 52.52 29.27
N VAL A 25 -2.43 51.80 28.54
CA VAL A 25 -2.74 52.14 27.16
C VAL A 25 -3.53 53.43 27.10
N LYS A 26 -3.12 54.34 26.21
CA LYS A 26 -3.80 55.60 25.98
C LYS A 26 -4.13 55.69 24.49
N ASN A 27 -5.42 55.67 24.17
CA ASN A 27 -5.86 55.74 22.78
C ASN A 27 -5.43 57.06 22.15
N GLY A 28 -4.94 56.98 20.91
CA GLY A 28 -4.48 58.15 20.19
C GLY A 28 -3.02 58.48 20.41
N GLU A 29 -2.31 57.71 21.24
CA GLU A 29 -0.91 57.93 21.47
C GLU A 29 -0.11 57.49 20.24
N LYS A 30 0.96 58.23 19.94
CA LYS A 30 1.84 57.88 18.84
C LYS A 30 3.19 57.45 19.38
N TRP A 31 3.68 56.31 18.94
CA TRP A 31 4.93 55.75 19.43
C TRP A 31 5.99 55.94 18.35
N MET A 32 7.10 56.57 18.72
CA MET A 32 8.27 56.73 17.84
C MET A 32 7.91 57.31 16.47
N ASP A 33 6.92 58.21 16.44
CA ASP A 33 6.49 58.87 15.22
C ASP A 33 6.22 57.86 14.10
N ARG A 34 5.62 56.73 14.45
CA ARG A 34 5.33 55.69 13.47
C ARG A 34 3.97 55.07 13.72
N TYR A 35 3.80 54.44 14.88
CA TYR A 35 2.59 53.72 15.21
C TYR A 35 1.62 54.62 15.96
N GLU A 36 0.38 54.61 15.51
CA GLU A 36 -0.72 55.35 16.13
C GLU A 36 -1.62 54.36 16.86
N ILE A 37 -1.61 54.43 18.19
CA ILE A 37 -2.37 53.47 19.00
C ILE A 37 -3.85 53.80 18.91
N ASP A 38 -4.63 52.87 18.37
CA ASP A 38 -6.07 53.06 18.26
C ASP A 38 -6.79 52.64 19.54
N SER A 39 -6.67 51.37 19.91
CA SER A 39 -7.41 50.87 21.07
C SER A 39 -6.81 49.54 21.53
N LEU A 40 -7.27 49.11 22.71
CA LEU A 40 -6.86 47.84 23.27
C LEU A 40 -7.70 46.71 22.68
N ILE A 41 -7.04 45.68 22.17
CA ILE A 41 -7.74 44.53 21.62
C ILE A 41 -8.02 43.47 22.68
N GLY A 42 -6.99 43.13 23.46
CA GLY A 42 -7.15 42.09 24.46
C GLY A 42 -6.08 42.16 25.54
N LYS A 43 -6.37 41.50 26.66
CA LYS A 43 -5.49 41.40 27.80
C LYS A 43 -5.22 39.94 28.10
N GLY A 44 -3.98 39.63 28.48
CA GLY A 44 -3.59 38.27 28.80
C GLY A 44 -2.52 38.28 29.86
N SER A 45 -2.11 37.09 30.29
CA SER A 45 -1.02 36.99 31.25
C SER A 45 0.25 37.61 30.70
N PHE A 46 0.51 37.40 29.41
CA PHE A 46 1.70 37.95 28.76
C PHE A 46 1.70 39.47 28.79
N GLY A 47 0.55 40.09 28.58
CA GLY A 47 0.45 41.53 28.46
C GLY A 47 -0.81 41.89 27.70
N GLN A 48 -0.74 43.01 26.97
CA GLN A 48 -1.88 43.49 26.21
C GLN A 48 -1.54 43.56 24.71
N VAL A 49 -2.56 43.35 23.89
CA VAL A 49 -2.47 43.51 22.44
C VAL A 49 -3.33 44.72 22.06
N VAL A 50 -2.76 45.64 21.29
CA VAL A 50 -3.45 46.85 20.88
C VAL A 50 -3.51 46.94 19.37
N LYS A 51 -4.52 47.65 18.88
CA LYS A 51 -4.66 47.94 17.46
C LYS A 51 -3.95 49.25 17.17
N ALA A 52 -3.10 49.26 16.15
CA ALA A 52 -2.32 50.45 15.85
C ALA A 52 -2.10 50.56 14.34
N TYR A 53 -1.93 51.79 13.87
CA TYR A 53 -1.65 52.06 12.47
C TYR A 53 -0.17 52.37 12.29
N ASP A 54 0.46 51.68 11.34
CA ASP A 54 1.87 51.87 11.03
C ASP A 54 1.99 52.92 9.92
N ARG A 55 2.33 54.16 10.31
CA ARG A 55 2.43 55.24 9.34
C ARG A 55 3.46 54.95 8.25
N VAL A 56 4.53 54.22 8.58
CA VAL A 56 5.60 53.96 7.61
C VAL A 56 5.11 53.02 6.52
N GLU A 57 4.67 51.82 6.90
CA GLU A 57 4.21 50.84 5.93
C GLU A 57 2.79 51.09 5.46
N GLN A 58 2.10 52.05 6.08
CA GLN A 58 0.73 52.45 5.72
C GLN A 58 -0.23 51.26 5.77
N GLU A 59 -0.32 50.65 6.94
CA GLU A 59 -1.18 49.49 7.14
C GLU A 59 -1.51 49.37 8.62
N TRP A 60 -2.57 48.63 8.90
CA TRP A 60 -2.98 48.35 10.28
C TRP A 60 -2.22 47.14 10.82
N VAL A 61 -1.76 47.26 12.07
CA VAL A 61 -1.02 46.18 12.74
C VAL A 61 -1.58 45.97 14.14
N ALA A 62 -1.25 44.81 14.70
CA ALA A 62 -1.54 44.47 16.09
C ALA A 62 -0.22 44.42 16.86
N ILE A 63 -0.13 45.18 17.95
CA ILE A 63 1.09 45.27 18.75
C ILE A 63 0.85 44.63 20.11
N LYS A 64 1.62 43.58 20.40
CA LYS A 64 1.56 42.89 21.69
C LYS A 64 2.55 43.55 22.65
N ILE A 65 2.04 44.20 23.68
CA ILE A 65 2.87 44.89 24.67
C ILE A 65 3.11 43.95 25.85
N ILE A 66 4.32 43.38 25.91
CA ILE A 66 4.66 42.43 26.97
C ILE A 66 4.80 43.15 28.31
N LYS A 67 4.42 42.45 29.38
CA LYS A 67 4.53 43.00 30.73
C LYS A 67 5.96 43.42 31.04
N ASN A 68 6.09 44.51 31.79
CA ASN A 68 7.38 45.00 32.25
C ASN A 68 7.80 44.23 33.50
N LYS A 69 8.20 42.98 33.29
CA LYS A 69 8.68 42.11 34.36
C LYS A 69 9.61 41.06 33.76
N LYS A 70 10.78 40.91 34.39
CA LYS A 70 11.83 40.02 33.89
C LYS A 70 11.29 38.68 33.39
N ALA A 71 10.50 38.00 34.21
CA ALA A 71 10.02 36.67 33.85
C ALA A 71 9.21 36.70 32.57
N PHE A 72 8.36 37.72 32.39
CA PHE A 72 7.54 37.81 31.19
C PHE A 72 8.38 38.25 30.00
N LEU A 73 9.31 39.20 30.21
CA LEU A 73 10.20 39.61 29.13
C LEU A 73 11.01 38.42 28.63
N ASN A 74 11.63 37.66 29.55
CA ASN A 74 12.48 36.54 29.14
C ASN A 74 11.69 35.50 28.37
N GLN A 75 10.43 35.25 28.75
CA GLN A 75 9.62 34.29 28.04
C GLN A 75 9.20 34.84 26.67
N ALA A 76 8.89 36.14 26.61
CA ALA A 76 8.52 36.73 25.33
C ALA A 76 9.69 36.69 24.35
N GLN A 77 10.92 36.74 24.86
CA GLN A 77 12.09 36.61 23.99
C GLN A 77 12.11 35.25 23.30
N ILE A 78 11.61 34.21 23.98
CA ILE A 78 11.52 32.90 23.37
C ILE A 78 10.45 32.91 22.27
N GLU A 79 9.29 33.51 22.56
CA GLU A 79 8.27 33.63 21.53
C GLU A 79 8.83 34.28 20.27
N VAL A 80 9.62 35.35 20.44
CA VAL A 80 10.23 36.02 19.31
C VAL A 80 11.15 35.06 18.54
N ARG A 81 12.04 34.38 19.27
CA ARG A 81 12.94 33.43 18.62
C ARG A 81 12.16 32.41 17.81
N LEU A 82 11.09 31.86 18.37
CA LEU A 82 10.33 30.84 17.67
C LEU A 82 9.59 31.42 16.47
N LEU A 83 8.98 32.59 16.64
CA LEU A 83 8.26 33.21 15.53
C LEU A 83 9.20 33.49 14.36
N GLU A 84 10.37 34.05 14.63
CA GLU A 84 11.32 34.34 13.57
C GLU A 84 11.82 33.06 12.91
N LEU A 85 11.99 32.00 13.70
CA LEU A 85 12.42 30.71 13.15
C LEU A 85 11.35 30.13 12.22
N MET A 86 10.08 30.21 12.62
CA MET A 86 9.01 29.68 11.77
C MET A 86 8.84 30.52 10.50
N ASN A 87 8.87 31.85 10.65
CA ASN A 87 8.63 32.73 9.52
C ASN A 87 9.70 32.58 8.44
N LYS A 88 10.94 32.31 8.84
CA LYS A 88 12.01 32.18 7.86
C LYS A 88 11.80 30.97 6.95
N HIS A 89 11.34 29.85 7.52
CA HIS A 89 11.09 28.66 6.71
C HIS A 89 10.18 29.01 5.53
N ASP A 90 10.49 28.41 4.37
CA ASP A 90 9.73 28.66 3.16
C ASP A 90 8.87 27.42 2.88
N THR A 91 7.57 27.59 3.04
CA THR A 91 6.51 26.62 2.78
C THR A 91 5.20 27.37 2.91
N GLU A 92 4.17 26.91 2.19
CA GLU A 92 2.87 27.52 2.38
C GLU A 92 2.30 27.23 3.75
N MET A 93 2.75 26.15 4.40
CA MET A 93 2.26 25.81 5.72
C MET A 93 2.55 26.89 6.72
N LYS A 94 3.69 27.59 6.58
CA LYS A 94 4.05 28.64 7.51
C LYS A 94 2.99 29.74 7.59
N TYR A 95 2.12 29.83 6.60
CA TYR A 95 1.09 30.86 6.56
C TYR A 95 -0.13 30.51 7.41
N TYR A 96 -0.03 29.49 8.26
CA TYR A 96 -1.05 29.21 9.27
C TYR A 96 -0.62 29.75 10.63
N ILE A 97 0.58 30.28 10.72
CA ILE A 97 1.10 30.91 11.94
C ILE A 97 1.13 32.41 11.71
N VAL A 98 0.68 33.17 12.71
CA VAL A 98 0.66 34.62 12.60
C VAL A 98 2.07 35.14 12.30
N HIS A 99 2.15 36.17 11.47
CA HIS A 99 3.42 36.72 11.02
C HIS A 99 3.88 37.82 11.96
N LEU A 100 5.09 37.67 12.51
CA LEU A 100 5.72 38.70 13.33
C LEU A 100 6.52 39.62 12.42
N LYS A 101 6.04 40.86 12.27
CA LYS A 101 6.72 41.81 11.38
C LYS A 101 8.03 42.30 11.99
N ARG A 102 7.99 42.79 13.22
CA ARG A 102 9.18 43.30 13.88
C ARG A 102 8.91 43.43 15.36
N HIS A 103 9.96 43.73 16.13
CA HIS A 103 9.83 43.94 17.56
C HIS A 103 10.74 45.09 18.00
N PHE A 104 10.41 45.68 19.14
CA PHE A 104 11.18 46.81 19.66
C PHE A 104 10.89 46.99 21.14
N MET A 105 11.80 47.68 21.82
CA MET A 105 11.64 48.07 23.22
C MET A 105 11.08 49.48 23.26
N PHE A 106 10.07 49.70 24.10
CA PHE A 106 9.47 51.02 24.23
C PHE A 106 9.01 51.21 25.67
N ARG A 107 9.56 52.23 26.33
CA ARG A 107 9.24 52.53 27.73
C ARG A 107 9.33 51.28 28.59
N ASN A 108 10.39 50.49 28.35
CA ASN A 108 10.74 49.29 29.09
C ASN A 108 9.76 48.13 28.87
N HIS A 109 9.03 48.14 27.76
CA HIS A 109 8.15 47.04 27.39
C HIS A 109 8.62 46.49 26.05
N LEU A 110 8.73 45.16 25.96
CA LEU A 110 9.00 44.52 24.68
C LEU A 110 7.72 44.51 23.88
N CYS A 111 7.77 45.05 22.66
CA CYS A 111 6.59 45.17 21.82
C CYS A 111 6.77 44.35 20.56
N LEU A 112 5.79 43.50 20.28
CA LEU A 112 5.80 42.61 19.12
C LEU A 112 4.75 43.08 18.13
N VAL A 113 5.17 43.39 16.91
CA VAL A 113 4.29 43.90 15.87
C VAL A 113 3.86 42.74 14.99
N PHE A 114 2.55 42.51 14.93
CA PHE A 114 1.97 41.42 14.16
C PHE A 114 1.07 41.97 13.06
N GLU A 115 0.86 41.14 12.04
CA GLU A 115 -0.16 41.43 11.04
C GLU A 115 -1.52 41.49 11.72
N MET A 116 -2.42 42.30 11.15
CA MET A 116 -3.77 42.41 11.70
C MET A 116 -4.61 41.23 11.27
N LEU A 117 -5.38 40.68 12.21
CA LEU A 117 -6.27 39.54 11.99
C LEU A 117 -7.67 39.90 12.46
N SER A 118 -8.58 38.94 12.36
CA SER A 118 -9.96 39.12 12.74
C SER A 118 -10.21 38.47 14.11
N TYR A 119 -11.46 38.15 14.42
CA TYR A 119 -11.75 37.64 15.75
C TYR A 119 -11.49 36.13 15.83
N ASN A 120 -11.37 35.64 17.07
CA ASN A 120 -10.96 34.27 17.35
C ASN A 120 -12.17 33.33 17.40
N LEU A 121 -11.87 32.02 17.38
CA LEU A 121 -12.91 31.00 17.32
C LEU A 121 -13.84 31.02 18.53
N TYR A 122 -13.41 31.52 19.68
CA TYR A 122 -14.33 31.67 20.80
C TYR A 122 -15.35 32.76 20.51
N ASP A 123 -14.89 33.91 20.02
CA ASP A 123 -15.82 34.95 19.61
C ASP A 123 -16.76 34.43 18.55
N LEU A 124 -16.28 33.53 17.69
CA LEU A 124 -17.12 32.91 16.68
C LEU A 124 -18.19 32.05 17.32
N LEU A 125 -17.80 31.23 18.31
CA LEU A 125 -18.79 30.40 19.02
C LEU A 125 -19.80 31.26 19.74
N ARG A 126 -19.32 32.29 20.45
CA ARG A 126 -20.23 33.16 21.17
CA ARG A 126 -20.22 33.19 21.17
C ARG A 126 -21.23 33.84 20.23
N ASN A 127 -20.82 34.13 18.99
CA ASN A 127 -21.69 34.77 18.02
C ASN A 127 -22.85 33.86 17.59
N THR A 128 -22.66 32.55 17.67
CA THR A 128 -23.71 31.58 17.41
C THR A 128 -24.54 31.27 18.66
N ASN A 129 -24.37 32.06 19.72
CA ASN A 129 -25.02 31.79 21.00
C ASN A 129 -24.65 30.40 21.52
N PHE A 130 -23.46 29.93 21.16
CA PHE A 130 -22.93 28.64 21.60
C PHE A 130 -23.77 27.50 21.07
N ARG A 131 -24.39 27.71 19.91
CA ARG A 131 -25.00 26.61 19.18
C ARG A 131 -23.94 25.73 18.52
N GLY A 132 -22.77 26.29 18.23
CA GLY A 132 -21.73 25.58 17.52
C GLY A 132 -21.77 25.86 16.03
N VAL A 133 -20.61 25.69 15.39
CA VAL A 133 -20.51 25.89 13.94
C VAL A 133 -20.76 24.57 13.23
N SER A 134 -21.06 24.67 11.93
CA SER A 134 -21.39 23.51 11.13
C SER A 134 -20.22 22.51 11.09
N LEU A 135 -20.57 21.25 10.81
CA LEU A 135 -19.55 20.22 10.67
C LEU A 135 -18.61 20.53 9.50
N ASN A 136 -19.14 21.16 8.44
CA ASN A 136 -18.30 21.53 7.30
C ASN A 136 -17.29 22.59 7.70
N LEU A 137 -17.70 23.59 8.47
CA LEU A 137 -16.76 24.60 8.94
C LEU A 137 -15.76 23.99 9.91
N THR A 138 -16.24 23.12 10.80
CA THR A 138 -15.33 22.40 11.70
C THR A 138 -14.27 21.64 10.90
N ARG A 139 -14.70 20.97 9.82
CA ARG A 139 -13.75 20.25 8.98
C ARG A 139 -12.69 21.18 8.41
N LYS A 140 -13.10 22.37 7.95
CA LYS A 140 -12.14 23.34 7.42
C LYS A 140 -11.13 23.76 8.49
N PHE A 141 -11.62 24.06 9.70
CA PHE A 141 -10.70 24.41 10.78
C PHE A 141 -9.78 23.24 11.11
N ALA A 142 -10.32 22.03 11.14
CA ALA A 142 -9.52 20.86 11.48
C ALA A 142 -8.40 20.65 10.48
N GLN A 143 -8.71 20.73 9.18
CA GLN A 143 -7.68 20.52 8.17
C GLN A 143 -6.57 21.56 8.27
N GLN A 144 -6.95 22.82 8.47
CA GLN A 144 -5.95 23.87 8.61
C GLN A 144 -5.10 23.65 9.85
N MET A 145 -5.73 23.33 10.99
CA MET A 145 -4.99 23.12 12.22
C MET A 145 -4.05 21.92 12.10
N CYS A 146 -4.51 20.83 11.49
CA CYS A 146 -3.64 19.68 11.30
C CYS A 146 -2.46 20.03 10.39
N THR A 147 -2.69 20.89 9.40
CA THR A 147 -1.59 21.33 8.56
C THR A 147 -0.63 22.20 9.35
N ALA A 148 -1.16 23.10 10.19
CA ALA A 148 -0.32 23.92 11.05
C ALA A 148 0.52 23.05 11.98
N LEU A 149 -0.10 22.05 12.60
CA LEU A 149 0.66 21.17 13.48
C LEU A 149 1.70 20.37 12.70
N LEU A 150 1.41 20.01 11.45
CA LEU A 150 2.40 19.35 10.62
C LEU A 150 3.59 20.27 10.38
N PHE A 151 3.33 21.56 10.19
CA PHE A 151 4.42 22.52 10.01
C PHE A 151 5.28 22.60 11.27
N LEU A 152 4.66 22.72 12.44
CA LEU A 152 5.41 22.80 13.68
C LEU A 152 6.21 21.52 13.92
N ALA A 153 5.75 20.40 13.40
CA ALA A 153 6.43 19.11 13.60
C ALA A 153 7.65 18.92 12.72
N THR A 154 7.88 19.77 11.72
CA THR A 154 9.07 19.63 10.88
C THR A 154 10.32 19.56 11.75
N PRO A 155 11.16 18.54 11.60
CA PRO A 155 12.28 18.32 12.52
C PRO A 155 13.08 19.56 12.89
N GLU A 156 13.38 20.43 11.91
CA GLU A 156 14.15 21.62 12.22
C GLU A 156 13.45 22.51 13.22
N LEU A 157 12.12 22.49 13.26
CA LEU A 157 11.36 23.31 14.19
C LEU A 157 11.00 22.54 15.46
N SER A 158 10.23 21.48 15.33
CA SER A 158 9.79 20.66 16.46
C SER A 158 9.26 21.53 17.60
N ILE A 159 8.33 22.42 17.26
CA ILE A 159 7.79 23.39 18.19
C ILE A 159 6.50 22.87 18.81
N ILE A 160 6.38 23.00 20.12
CA ILE A 160 5.16 22.67 20.85
C ILE A 160 4.49 23.99 21.23
N HIS A 161 3.29 24.22 20.71
CA HIS A 161 2.58 25.46 21.01
C HIS A 161 2.31 25.59 22.51
N CYS A 162 1.79 24.52 23.11
CA CYS A 162 1.55 24.38 24.56
C CYS A 162 0.33 25.13 25.08
N ASP A 163 -0.40 25.88 24.24
CA ASP A 163 -1.59 26.57 24.74
C ASP A 163 -2.63 26.71 23.63
N LEU A 164 -2.87 25.64 22.88
CA LEU A 164 -3.92 25.70 21.87
C LEU A 164 -5.29 25.74 22.53
N LYS A 165 -6.12 26.68 22.08
CA LYS A 165 -7.49 26.85 22.56
C LYS A 165 -8.21 27.76 21.58
N PRO A 166 -9.55 27.75 21.60
CA PRO A 166 -10.28 28.62 20.67
C PRO A 166 -9.76 30.06 20.62
N GLU A 167 -9.45 30.65 21.78
CA GLU A 167 -9.00 32.04 21.82
C GLU A 167 -7.71 32.27 21.03
N ASN A 168 -6.87 31.25 20.88
CA ASN A 168 -5.59 31.40 20.20
C ASN A 168 -5.64 30.98 18.74
N ILE A 169 -6.83 30.77 18.18
CA ILE A 169 -7.01 30.50 16.77
C ILE A 169 -7.88 31.62 16.21
N LEU A 170 -7.32 32.40 15.27
CA LEU A 170 -8.00 33.59 14.78
C LEU A 170 -8.36 33.46 13.31
N LEU A 171 -9.47 34.08 12.95
CA LEU A 171 -9.85 34.20 11.56
C LEU A 171 -8.99 35.28 10.92
N CYS A 172 -8.61 35.06 9.66
CA CYS A 172 -7.88 36.11 8.97
C CYS A 172 -8.83 37.22 8.53
N ASN A 173 -10.04 36.85 8.12
CA ASN A 173 -11.07 37.76 7.62
C ASN A 173 -12.37 37.37 8.30
N PRO A 174 -13.17 38.35 8.72
CA PRO A 174 -14.37 38.03 9.52
C PRO A 174 -15.41 37.20 8.78
N LYS A 175 -15.40 37.19 7.45
CA LYS A 175 -16.39 36.47 6.66
C LYS A 175 -15.79 35.27 5.93
N ARG A 176 -14.54 34.92 6.20
CA ARG A 176 -13.85 33.82 5.53
C ARG A 176 -13.33 32.82 6.56
N SER A 177 -13.16 31.57 6.12
CA SER A 177 -12.78 30.45 6.98
C SER A 177 -11.27 30.31 7.23
N ALA A 178 -10.43 31.15 6.63
CA ALA A 178 -8.99 31.06 6.86
C ALA A 178 -8.63 31.43 8.29
N ILE A 179 -7.72 30.65 8.89
CA ILE A 179 -7.33 30.85 10.28
C ILE A 179 -5.81 30.87 10.43
N LYS A 180 -5.36 31.41 11.57
CA LYS A 180 -3.96 31.45 11.94
C LYS A 180 -3.84 31.27 13.45
N ILE A 181 -2.70 30.68 13.88
CA ILE A 181 -2.43 30.41 15.29
C ILE A 181 -1.64 31.57 15.88
N VAL A 182 -1.95 31.92 17.14
CA VAL A 182 -1.33 33.05 17.82
C VAL A 182 -0.87 32.62 19.21
N ASP A 183 -0.21 33.56 19.90
CA ASP A 183 0.24 33.39 21.28
C ASP A 183 1.18 32.19 21.44
N PHE A 184 2.38 32.36 20.91
CA PHE A 184 3.43 31.35 21.06
C PHE A 184 4.30 31.59 22.28
N GLY A 185 3.86 32.47 23.20
CA GLY A 185 4.69 32.81 24.35
C GLY A 185 5.02 31.61 25.22
N SER A 186 4.05 30.74 25.44
CA SER A 186 4.25 29.54 26.25
C SER A 186 4.84 28.38 25.46
N SER A 187 5.08 28.55 24.17
CA SER A 187 5.61 27.47 23.33
C SER A 187 7.08 27.18 23.65
N CYS A 188 7.52 25.99 23.22
CA CYS A 188 8.90 25.56 23.37
C CYS A 188 9.22 24.55 22.26
N GLN A 189 10.51 24.24 22.15
CA GLN A 189 10.99 23.24 21.20
C GLN A 189 11.13 21.90 21.92
N LEU A 190 11.12 20.83 21.14
CA LEU A 190 11.08 19.50 21.72
C LEU A 190 12.20 19.28 22.74
N GLY A 191 13.41 19.75 22.45
CA GLY A 191 14.51 19.59 23.39
C GLY A 191 14.38 20.44 24.64
N GLN A 192 14.01 21.71 24.46
CA GLN A 192 13.98 22.71 25.53
C GLN A 192 12.59 22.86 26.16
N ARG A 193 12.23 21.90 27.01
CA ARG A 193 11.00 22.01 27.79
C ARG A 193 11.37 22.43 29.21
N ILE A 194 10.75 23.52 29.67
CA ILE A 194 11.15 24.19 30.90
C ILE A 194 10.01 24.36 31.89
N TYR A 195 8.78 23.94 31.55
CA TYR A 195 7.65 24.06 32.46
C TYR A 195 6.96 22.70 32.63
N GLN A 196 6.28 22.54 33.77
CA GLN A 196 5.56 21.31 34.08
C GLN A 196 4.06 21.56 33.93
N PTR A 197 3.55 22.60 34.59
CA PTR A 197 2.13 22.96 34.56
C PTR A 197 1.87 23.84 33.35
O PTR A 197 2.11 25.06 33.39
CB PTR A 197 1.88 23.69 35.89
CG PTR A 197 0.46 24.09 36.24
CD1 PTR A 197 -0.05 25.33 35.91
CD2 PTR A 197 -0.36 23.24 36.98
CE1 PTR A 197 -1.33 25.72 36.26
CE2 PTR A 197 -1.65 23.62 37.34
CZ PTR A 197 -2.14 24.85 36.97
OH PTR A 197 -3.35 25.20 37.35
P PTR A 197 -4.69 25.28 36.48
O1P PTR A 197 -5.67 26.21 37.23
O2P PTR A 197 -4.44 25.89 35.09
O3P PTR A 197 -5.27 23.92 36.38
N ILE A 198 1.39 23.24 32.26
CA ILE A 198 1.20 23.95 30.99
C ILE A 198 -0.13 23.61 30.31
N GLN A 199 -0.49 24.41 29.32
CA GLN A 199 -1.76 24.29 28.58
C GLN A 199 -2.93 24.77 29.42
N SER A 200 -3.96 25.27 28.76
CA SER A 200 -5.17 25.68 29.47
C SER A 200 -5.92 24.43 29.93
N ARG A 201 -6.43 24.48 31.17
CA ARG A 201 -6.93 23.27 31.82
C ARG A 201 -7.88 22.47 30.93
N PHE A 202 -8.88 23.12 30.33
CA PHE A 202 -9.83 22.37 29.52
C PHE A 202 -9.14 21.59 28.41
N TYR A 203 -8.00 22.09 27.94
CA TYR A 203 -7.31 21.54 26.79
C TYR A 203 -6.00 20.86 27.17
N ARG A 204 -5.80 20.61 28.47
CA ARG A 204 -4.57 20.00 28.96
C ARG A 204 -4.59 18.49 28.76
N SER A 205 -3.47 17.96 28.29
CA SER A 205 -3.32 16.55 27.97
C SER A 205 -3.13 15.71 29.23
N PRO A 206 -3.46 14.42 29.18
CA PRO A 206 -3.24 13.56 30.36
C PRO A 206 -1.79 13.48 30.79
N GLU A 207 -0.83 13.47 29.85
CA GLU A 207 0.57 13.38 30.23
C GLU A 207 1.00 14.59 31.04
N VAL A 208 0.47 15.77 30.73
CA VAL A 208 0.78 16.96 31.52
C VAL A 208 0.07 16.90 32.86
N LEU A 209 -1.19 16.48 32.88
CA LEU A 209 -1.91 16.31 34.14
C LEU A 209 -1.18 15.33 35.06
N LEU A 210 -0.57 14.29 34.48
CA LEU A 210 0.14 13.26 35.24
C LEU A 210 1.58 13.63 35.53
N GLY A 211 2.03 14.81 35.11
CA GLY A 211 3.39 15.22 35.36
C GLY A 211 4.45 14.40 34.66
N MET A 212 4.13 13.87 33.49
CA MET A 212 5.09 13.10 32.71
C MET A 212 5.74 13.99 31.67
N PRO A 213 6.84 13.55 31.08
CA PRO A 213 7.42 14.32 29.97
C PRO A 213 6.49 14.35 28.78
N TYR A 214 6.56 15.43 28.02
CA TYR A 214 5.62 15.67 26.94
C TYR A 214 6.35 16.01 25.65
N ASP A 215 5.66 15.82 24.53
CA ASP A 215 6.20 16.12 23.21
C ASP A 215 5.10 16.83 22.42
N LEU A 216 5.25 16.88 21.11
CA LEU A 216 4.30 17.60 20.27
C LEU A 216 2.90 17.00 20.31
N ALA A 217 2.75 15.75 20.79
CA ALA A 217 1.44 15.13 20.83
C ALA A 217 0.44 15.89 21.69
N ILE A 218 0.91 16.69 22.65
CA ILE A 218 -0.02 17.41 23.53
C ILE A 218 -0.85 18.41 22.73
N ASP A 219 -0.29 18.96 21.64
CA ASP A 219 -1.08 19.88 20.82
C ASP A 219 -2.18 19.15 20.07
N MET A 220 -1.95 17.90 19.68
CA MET A 220 -2.99 17.13 19.02
C MET A 220 -4.15 16.84 19.97
N TRP A 221 -3.84 16.60 21.25
CA TRP A 221 -4.88 16.43 22.25
C TRP A 221 -5.76 17.69 22.32
N SER A 222 -5.12 18.85 22.51
CA SER A 222 -5.87 20.10 22.57
C SER A 222 -6.74 20.28 21.34
N LEU A 223 -6.19 19.97 20.17
CA LEU A 223 -6.95 20.12 18.93
C LEU A 223 -8.23 19.29 18.98
N GLY A 224 -8.12 18.02 19.40
CA GLY A 224 -9.31 17.20 19.53
C GLY A 224 -10.37 17.84 20.42
N CYS A 225 -9.94 18.35 21.58
CA CYS A 225 -10.87 19.02 22.46
C CYS A 225 -11.50 20.23 21.77
N ILE A 226 -10.66 21.02 21.09
CA ILE A 226 -11.15 22.24 20.43
C ILE A 226 -12.19 21.89 19.38
N LEU A 227 -11.87 20.94 18.50
CA LEU A 227 -12.79 20.62 17.40
C LEU A 227 -14.17 20.21 17.91
N VAL A 228 -14.21 19.38 18.95
CA VAL A 228 -15.51 19.00 19.50
C VAL A 228 -16.23 20.23 20.05
N GLU A 229 -15.50 21.09 20.76
CA GLU A 229 -16.13 22.30 21.30
C GLU A 229 -16.66 23.19 20.18
N MET A 230 -15.93 23.27 19.07
CA MET A 230 -16.37 24.12 17.97
C MET A 230 -17.73 23.67 17.44
N HIS A 231 -17.96 22.35 17.37
CA HIS A 231 -19.22 21.89 16.80
C HIS A 231 -20.34 21.85 17.84
N THR A 232 -20.04 21.47 19.08
CA THR A 232 -21.08 21.37 20.10
C THR A 232 -21.37 22.71 20.78
N GLY A 233 -20.38 23.60 20.85
CA GLY A 233 -20.57 24.87 21.51
C GLY A 233 -20.15 24.91 22.97
N GLU A 234 -19.70 23.79 23.54
CA GLU A 234 -19.26 23.77 24.92
C GLU A 234 -18.03 22.89 25.07
N PRO A 235 -17.17 23.19 26.04
CA PRO A 235 -15.94 22.41 26.21
C PRO A 235 -16.23 20.94 26.51
N LEU A 236 -15.42 20.07 25.89
CA LEU A 236 -15.58 18.64 26.09
C LEU A 236 -15.26 18.23 27.53
N PHE A 237 -14.15 18.74 28.08
CA PHE A 237 -13.71 18.42 29.44
C PHE A 237 -13.56 19.75 30.20
N SER A 238 -14.65 20.21 30.80
CA SER A 238 -14.67 21.50 31.50
C SER A 238 -14.40 21.30 32.99
N GLY A 239 -13.13 21.12 33.31
CA GLY A 239 -12.72 20.86 34.68
C GLY A 239 -12.44 22.13 35.46
N ALA A 240 -12.89 22.16 36.70
CA ALA A 240 -12.65 23.30 37.57
C ALA A 240 -11.24 23.29 38.15
N ASN A 241 -10.61 22.11 38.21
CA ASN A 241 -9.25 21.96 38.71
C ASN A 241 -8.69 20.68 38.10
N GLU A 242 -7.42 20.39 38.39
CA GLU A 242 -6.80 19.22 37.78
C GLU A 242 -7.54 17.93 38.13
N VAL A 243 -7.94 17.77 39.40
CA VAL A 243 -8.65 16.56 39.79
C VAL A 243 -9.97 16.45 39.04
N ASP A 244 -10.71 17.56 38.95
CA ASP A 244 -11.95 17.55 38.21
C ASP A 244 -11.68 17.29 36.72
N GLN A 245 -10.62 17.89 36.20
CA GLN A 245 -10.28 17.70 34.79
C GLN A 245 -10.02 16.23 34.48
N MET A 246 -9.17 15.57 35.27
CA MET A 246 -8.86 14.17 35.02
C MET A 246 -10.11 13.30 35.09
N ASN A 247 -10.95 13.54 36.09
CA ASN A 247 -12.17 12.74 36.22
C ASN A 247 -13.11 12.94 35.04
N LYS A 248 -13.19 14.16 34.51
CA LYS A 248 -14.05 14.40 33.34
C LYS A 248 -13.50 13.70 32.11
N ILE A 249 -12.18 13.59 32.00
CA ILE A 249 -11.59 12.82 30.90
C ILE A 249 -11.91 11.34 31.07
N VAL A 250 -11.82 10.86 32.32
CA VAL A 250 -12.09 9.45 32.59
C VAL A 250 -13.54 9.10 32.29
N GLU A 251 -14.46 10.05 32.53
CA GLU A 251 -15.88 9.79 32.21
C GLU A 251 -16.04 9.34 30.77
N VAL A 252 -15.24 9.88 29.86
CA VAL A 252 -15.38 9.63 28.44
C VAL A 252 -14.46 8.52 27.95
N LEU A 253 -13.20 8.53 28.39
CA LEU A 253 -12.18 7.62 27.86
C LEU A 253 -11.83 6.47 28.79
N GLY A 254 -12.38 6.44 30.00
CA GLY A 254 -12.06 5.38 30.94
C GLY A 254 -10.76 5.63 31.68
N ILE A 255 -10.38 4.65 32.49
CA ILE A 255 -9.13 4.75 33.26
C ILE A 255 -7.95 4.70 32.29
N PRO A 256 -6.94 5.55 32.46
CA PRO A 256 -5.78 5.48 31.57
C PRO A 256 -5.07 4.15 31.70
N PRO A 257 -4.38 3.70 30.66
CA PRO A 257 -3.73 2.38 30.69
C PRO A 257 -2.68 2.27 31.78
N ALA A 258 -2.53 1.06 32.30
CA ALA A 258 -1.59 0.82 33.39
C ALA A 258 -0.17 1.19 33.02
N HIS A 259 0.24 0.88 31.79
CA HIS A 259 1.63 1.15 31.41
C HIS A 259 1.94 2.64 31.51
N ILE A 260 0.92 3.50 31.36
CA ILE A 260 1.12 4.93 31.52
C ILE A 260 1.16 5.29 33.00
N LEU A 261 0.12 4.91 33.76
CA LEU A 261 0.07 5.27 35.18
C LEU A 261 1.27 4.72 35.94
N ASP A 262 1.78 3.54 35.56
CA ASP A 262 2.94 2.98 36.24
C ASP A 262 4.15 3.88 36.12
N GLN A 263 4.15 4.78 35.14
CA GLN A 263 5.27 5.70 34.92
C GLN A 263 4.90 7.14 35.27
N ALA A 264 3.68 7.39 35.74
CA ALA A 264 3.20 8.75 35.97
C ALA A 264 3.55 9.23 37.37
N PRO A 265 4.37 10.27 37.52
CA PRO A 265 4.68 10.77 38.88
C PRO A 265 3.45 11.22 39.66
N LYS A 266 2.44 11.79 38.99
CA LYS A 266 1.25 12.30 39.67
C LYS A 266 0.07 11.34 39.59
N ALA A 267 0.32 10.08 39.28
CA ALA A 267 -0.76 9.10 39.16
C ALA A 267 -1.61 9.06 40.43
N ARG A 268 -0.97 9.10 41.60
CA ARG A 268 -1.70 8.97 42.85
C ARG A 268 -2.40 10.27 43.27
N LYS A 269 -2.30 11.32 42.47
CA LYS A 269 -3.14 12.50 42.69
C LYS A 269 -4.57 12.23 42.28
N PHE A 270 -4.77 11.30 41.33
CA PHE A 270 -6.10 10.96 40.81
C PHE A 270 -6.49 9.50 41.00
N PHE A 271 -5.53 8.57 40.99
CA PHE A 271 -5.81 7.13 40.95
C PHE A 271 -5.12 6.42 42.09
N GLU A 272 -5.49 5.15 42.30
CA GLU A 272 -4.83 4.28 43.26
C GLU A 272 -4.68 2.89 42.66
N LYS A 273 -3.57 2.24 42.99
CA LYS A 273 -3.21 0.93 42.43
C LYS A 273 -3.71 -0.18 43.34
N LEU A 274 -4.53 -1.08 42.80
CA LEU A 274 -5.08 -2.20 43.53
C LEU A 274 -4.04 -3.30 43.70
N PRO A 275 -4.26 -4.22 44.65
CA PRO A 275 -3.30 -5.32 44.84
C PRO A 275 -3.01 -6.10 43.56
N ASP A 276 -4.04 -6.41 42.77
CA ASP A 276 -3.88 -7.13 41.51
C ASP A 276 -3.18 -6.30 40.43
N GLY A 277 -2.61 -5.14 40.76
CA GLY A 277 -1.85 -4.34 39.82
C GLY A 277 -2.65 -3.42 38.94
N THR A 278 -3.98 -3.52 38.95
CA THR A 278 -4.81 -2.63 38.15
C THR A 278 -5.03 -1.30 38.87
N TRP A 279 -5.37 -0.27 38.08
CA TRP A 279 -5.59 1.07 38.60
C TRP A 279 -7.08 1.40 38.61
N ASN A 280 -7.47 2.18 39.60
CA ASN A 280 -8.83 2.68 39.73
C ASN A 280 -8.78 4.12 40.24
N LEU A 281 -9.88 4.83 40.08
CA LEU A 281 -9.96 6.18 40.63
C LEU A 281 -9.84 6.12 42.15
N LYS A 282 -9.31 7.19 42.74
CA LYS A 282 -9.17 7.24 44.19
C LYS A 282 -10.54 7.11 44.85
N LYS A 283 -10.60 6.42 45.98
CA LYS A 283 -11.87 6.20 46.66
C LYS A 283 -12.50 7.50 47.13
N THR A 284 -13.82 7.57 47.01
CA THR A 284 -14.62 8.74 47.39
C THR A 284 -15.43 8.41 48.65
N LYS A 285 -15.35 9.27 49.65
CA LYS A 285 -15.95 9.02 50.94
C LYS A 285 -17.47 9.14 50.93
N ASP A 286 -18.11 8.35 51.80
CA ASP A 286 -19.53 8.49 52.12
C ASP A 286 -20.46 8.31 50.93
N GLY A 287 -20.09 7.47 49.98
CA GLY A 287 -20.99 7.21 48.86
C GLY A 287 -21.42 8.45 48.10
N LYS A 288 -20.47 9.34 47.81
CA LYS A 288 -20.75 10.54 47.04
C LYS A 288 -20.54 10.21 45.57
N ARG A 289 -21.52 10.53 44.74
CA ARG A 289 -21.45 10.28 43.32
C ARG A 289 -21.41 11.62 42.60
N GLU A 290 -20.30 11.89 41.93
CA GLU A 290 -20.15 13.13 41.18
C GLU A 290 -19.84 12.95 39.70
N TYR A 291 -19.39 11.76 39.29
CA TYR A 291 -19.03 11.53 37.89
C TYR A 291 -19.69 10.27 37.37
N LYS A 292 -19.90 10.24 36.07
CA LYS A 292 -20.40 9.04 35.42
C LYS A 292 -19.32 7.97 35.47
N PRO A 293 -19.70 6.70 35.58
CA PRO A 293 -18.69 5.64 35.67
C PRO A 293 -17.71 5.71 34.52
N PRO A 294 -16.46 5.33 34.75
CA PRO A 294 -15.43 5.47 33.71
C PRO A 294 -15.88 4.91 32.36
N GLY A 295 -15.73 5.74 31.33
CA GLY A 295 -16.02 5.36 29.96
C GLY A 295 -17.47 5.34 29.56
N THR A 296 -18.40 5.74 30.42
CA THR A 296 -19.82 5.69 30.10
C THR A 296 -20.35 6.95 29.44
N ARG A 297 -19.61 8.08 29.48
CA ARG A 297 -20.05 9.29 28.79
C ARG A 297 -19.55 9.22 27.35
N LYS A 298 -20.36 8.61 26.49
CA LYS A 298 -19.93 8.30 25.14
C LYS A 298 -19.91 9.52 24.24
N LEU A 299 -18.80 9.69 23.52
CA LEU A 299 -18.69 10.73 22.51
C LEU A 299 -19.73 10.54 21.42
N HIS A 300 -20.15 9.30 21.20
CA HIS A 300 -21.22 8.99 20.25
C HIS A 300 -22.48 9.80 20.55
N ASN A 301 -22.78 10.01 21.83
CA ASN A 301 -23.96 10.75 22.25
C ASN A 301 -23.68 12.26 22.35
N ILE A 302 -22.48 12.64 22.77
CA ILE A 302 -22.12 14.04 22.83
C ILE A 302 -22.27 14.70 21.47
N LEU A 303 -21.82 14.01 20.41
CA LEU A 303 -21.91 14.52 19.06
C LEU A 303 -23.29 14.31 18.42
N GLY A 304 -24.12 13.44 18.99
CA GLY A 304 -25.41 13.13 18.39
C GLY A 304 -25.26 12.46 17.04
N VAL A 305 -24.35 11.48 16.96
CA VAL A 305 -24.05 10.82 15.68
C VAL A 305 -25.34 10.39 14.99
N GLU A 306 -26.21 9.68 15.70
CA GLU A 306 -27.43 9.14 15.10
C GLU A 306 -28.69 9.87 15.52
N THR A 307 -28.56 11.03 16.17
CA THR A 307 -29.71 11.81 16.63
C THR A 307 -29.69 13.24 16.11
N GLY A 308 -29.07 13.46 14.96
CA GLY A 308 -29.07 14.78 14.34
C GLY A 308 -28.12 15.80 14.92
N GLY A 309 -26.92 15.38 15.32
CA GLY A 309 -25.91 16.28 15.83
C GLY A 309 -26.11 16.70 17.26
N PRO A 310 -25.24 17.58 17.74
CA PRO A 310 -25.30 18.03 19.13
C PRO A 310 -26.66 18.62 19.47
N GLY A 311 -27.33 18.01 20.45
CA GLY A 311 -28.64 18.46 20.87
C GLY A 311 -29.70 18.35 19.81
N GLY A 312 -29.47 17.55 18.77
CA GLY A 312 -30.40 17.44 17.67
C GLY A 312 -30.52 18.70 16.83
N ARG A 313 -29.65 19.68 17.05
CA ARG A 313 -29.74 20.96 16.36
C ARG A 313 -29.45 20.86 14.86
N ARG A 314 -28.76 19.81 14.42
CA ARG A 314 -28.39 19.65 13.02
C ARG A 314 -29.28 18.65 12.29
N ALA A 315 -30.42 18.29 12.88
CA ALA A 315 -31.33 17.33 12.27
C ALA A 315 -31.87 17.87 10.96
N GLY A 316 -31.78 17.05 9.90
CA GLY A 316 -32.28 17.45 8.61
C GLY A 316 -31.48 18.53 7.92
N GLU A 317 -30.18 18.62 8.23
CA GLU A 317 -29.28 19.57 7.60
C GLU A 317 -28.32 18.83 6.69
N SER A 318 -27.94 19.50 5.59
CA SER A 318 -26.98 18.93 4.66
C SER A 318 -25.58 18.91 5.26
N GLY A 319 -24.81 17.90 4.88
CA GLY A 319 -23.45 17.76 5.38
C GLY A 319 -23.33 17.24 6.79
N HIS A 320 -24.44 16.82 7.39
CA HIS A 320 -24.46 16.31 8.76
C HIS A 320 -24.95 14.86 8.79
N THR A 321 -24.62 14.09 7.77
CA THR A 321 -25.02 12.70 7.68
C THR A 321 -24.32 11.87 8.77
N VAL A 322 -24.91 10.72 9.07
CA VAL A 322 -24.32 9.82 10.07
C VAL A 322 -22.93 9.41 9.65
N ALA A 323 -22.74 9.11 8.36
CA ALA A 323 -21.41 8.77 7.87
C ALA A 323 -20.40 9.87 8.18
N ASP A 324 -20.81 11.14 8.01
CA ASP A 324 -19.92 12.24 8.36
C ASP A 324 -19.56 12.20 9.84
N TYR A 325 -20.56 12.03 10.70
CA TYR A 325 -20.31 12.03 12.14
C TYR A 325 -19.45 10.85 12.56
N LEU A 326 -19.66 9.68 11.97
CA LEU A 326 -18.85 8.52 12.34
C LEU A 326 -17.39 8.74 11.97
N LYS A 327 -17.13 9.44 10.87
CA LYS A 327 -15.76 9.78 10.52
C LYS A 327 -15.19 10.79 11.51
N PHE A 328 -15.95 11.86 11.76
CA PHE A 328 -15.53 12.87 12.73
C PHE A 328 -15.21 12.24 14.09
N LYS A 329 -16.11 11.38 14.58
CA LYS A 329 -15.90 10.72 15.86
C LYS A 329 -14.61 9.91 15.87
N ASP A 330 -14.36 9.14 14.80
CA ASP A 330 -13.15 8.34 14.75
C ASP A 330 -11.90 9.21 14.81
N LEU A 331 -11.88 10.31 14.07
CA LEU A 331 -10.73 11.20 14.11
C LEU A 331 -10.53 11.77 15.50
N ILE A 332 -11.60 12.27 16.11
CA ILE A 332 -11.48 12.84 17.46
C ILE A 332 -10.91 11.81 18.42
N LEU A 333 -11.47 10.59 18.42
CA LEU A 333 -10.98 9.56 19.33
C LEU A 333 -9.53 9.21 19.08
N ARG A 334 -9.07 9.32 17.83
CA ARG A 334 -7.65 9.10 17.56
C ARG A 334 -6.81 10.26 18.03
N MET A 335 -7.39 11.46 18.10
CA MET A 335 -6.69 12.61 18.67
C MET A 335 -6.67 12.55 20.19
N LEU A 336 -7.66 11.91 20.81
CA LEU A 336 -7.77 11.82 22.26
C LEU A 336 -7.21 10.50 22.81
N ASP A 337 -6.26 9.90 22.09
CA ASP A 337 -5.62 8.69 22.58
C ASP A 337 -4.83 9.00 23.85
N TYR A 338 -4.99 8.16 24.87
CA TYR A 338 -4.24 8.38 26.11
C TYR A 338 -2.74 8.28 25.87
N ASP A 339 -2.33 7.35 25.01
CA ASP A 339 -0.92 7.08 24.75
C ASP A 339 -0.38 8.07 23.72
N PRO A 340 0.54 8.96 24.10
CA PRO A 340 1.09 9.90 23.12
C PRO A 340 1.88 9.23 22.02
N LYS A 341 2.39 8.02 22.24
CA LYS A 341 3.12 7.32 21.19
C LYS A 341 2.21 6.85 20.07
N THR A 342 0.96 6.49 20.39
CA THR A 342 0.01 6.01 19.40
C THR A 342 -1.04 7.06 19.01
N ARG A 343 -1.04 8.22 19.66
CA ARG A 343 -1.97 9.28 19.29
C ARG A 343 -1.68 9.75 17.87
N ILE A 344 -2.74 9.88 17.07
CA ILE A 344 -2.60 10.25 15.66
C ILE A 344 -1.70 11.47 15.51
N GLN A 345 -0.79 11.41 14.51
CA GLN A 345 0.14 12.47 14.15
C GLN A 345 -0.40 13.27 12.96
N PRO A 346 -0.01 14.56 12.87
CA PRO A 346 -0.61 15.43 11.83
C PRO A 346 -0.60 14.84 10.43
N TYR A 347 0.55 14.33 9.97
CA TYR A 347 0.64 13.79 8.62
C TYR A 347 -0.47 12.77 8.35
N TYR A 348 -0.67 11.83 9.28
CA TYR A 348 -1.67 10.78 9.10
C TYR A 348 -3.09 11.27 9.36
N ALA A 349 -3.26 12.24 10.27
CA ALA A 349 -4.59 12.80 10.47
C ALA A 349 -5.10 13.44 9.20
N LEU A 350 -4.22 14.09 8.44
CA LEU A 350 -4.62 14.74 7.19
C LEU A 350 -5.09 13.73 6.14
N GLN A 351 -4.69 12.47 6.25
CA GLN A 351 -5.14 11.41 5.35
C GLN A 351 -6.42 10.76 5.81
N HIS A 352 -6.98 11.20 6.93
CA HIS A 352 -8.19 10.58 7.47
C HIS A 352 -9.39 10.79 6.55
N SER A 353 -10.26 9.77 6.49
CA SER A 353 -11.44 9.82 5.64
C SER A 353 -12.34 11.01 5.94
N PHE A 354 -12.25 11.59 7.13
CA PHE A 354 -13.04 12.77 7.46
C PHE A 354 -12.77 13.91 6.48
N PHE A 355 -11.57 13.97 5.92
CA PHE A 355 -11.17 15.02 4.99
C PHE A 355 -11.34 14.66 3.52
N LYS A 356 -11.74 13.43 3.21
CA LYS A 356 -11.85 13.01 1.81
C LYS A 356 -12.79 13.92 1.04
N LYS A 357 -12.36 14.30 -0.17
CA LYS A 357 -13.11 15.19 -1.05
C LYS A 357 -14.33 14.52 -1.63
N LYS B 10 2.43 -54.15 13.25
CA LYS B 10 1.56 -54.31 12.09
C LYS B 10 0.08 -54.25 12.47
N VAL B 11 -0.25 -54.83 13.63
CA VAL B 11 -1.63 -54.93 14.11
C VAL B 11 -1.86 -53.82 15.14
N TYR B 12 -2.82 -52.94 14.85
CA TYR B 12 -3.14 -51.81 15.73
C TYR B 12 -4.48 -52.07 16.40
N ASN B 13 -4.49 -52.00 17.73
CA ASN B 13 -5.71 -52.18 18.54
C ASN B 13 -6.51 -53.38 18.05
N ASP B 14 -5.83 -54.53 17.95
CA ASP B 14 -6.46 -55.78 17.52
C ASP B 14 -7.20 -55.61 16.19
N GLY B 15 -6.71 -54.71 15.34
CA GLY B 15 -7.25 -54.53 14.01
C GLY B 15 -8.30 -53.45 13.84
N TYR B 16 -8.81 -52.88 14.94
CA TYR B 16 -9.86 -51.88 14.82
C TYR B 16 -9.32 -50.50 14.42
N ASP B 17 -8.04 -50.25 14.61
CA ASP B 17 -7.44 -48.94 14.35
C ASP B 17 -6.52 -48.99 13.13
N ASP B 18 -6.32 -47.83 12.53
CA ASP B 18 -5.31 -47.69 11.48
C ASP B 18 -3.99 -47.26 12.12
N ASP B 19 -2.97 -47.01 11.28
CA ASP B 19 -1.65 -46.66 11.78
C ASP B 19 -1.58 -45.26 12.39
N ASN B 20 -2.64 -44.47 12.32
CA ASN B 20 -2.64 -43.14 12.93
C ASN B 20 -3.53 -43.06 14.17
N TYR B 21 -3.78 -44.20 14.81
CA TYR B 21 -4.59 -44.30 16.03
C TYR B 21 -6.06 -43.99 15.80
N ASP B 22 -6.50 -43.85 14.56
CA ASP B 22 -7.91 -43.60 14.26
C ASP B 22 -8.68 -44.90 14.17
N TYR B 23 -9.96 -44.86 14.56
CA TYR B 23 -10.81 -46.03 14.43
C TYR B 23 -11.20 -46.21 12.96
N ILE B 24 -11.03 -47.44 12.46
CA ILE B 24 -11.38 -47.74 11.08
C ILE B 24 -12.89 -47.77 10.95
N VAL B 25 -13.46 -46.67 10.45
CA VAL B 25 -14.91 -46.52 10.35
C VAL B 25 -15.45 -47.46 9.29
N LYS B 26 -16.51 -48.18 9.63
CA LYS B 26 -17.21 -49.08 8.72
C LYS B 26 -18.68 -48.68 8.69
N ASN B 27 -19.13 -48.20 7.53
CA ASN B 27 -20.52 -47.78 7.38
C ASN B 27 -21.46 -48.97 7.60
N GLY B 28 -22.55 -48.72 8.33
CA GLY B 28 -23.52 -49.74 8.63
C GLY B 28 -23.26 -50.52 9.91
N GLU B 29 -22.17 -50.21 10.60
CA GLU B 29 -21.84 -50.88 11.85
C GLU B 29 -22.78 -50.42 12.96
N LYS B 30 -23.14 -51.34 13.85
CA LYS B 30 -23.99 -51.02 14.99
C LYS B 30 -23.19 -51.17 16.28
N TRP B 31 -23.23 -50.13 17.12
CA TRP B 31 -22.47 -50.07 18.36
C TRP B 31 -23.39 -50.27 19.56
N MET B 32 -23.04 -51.21 20.44
CA MET B 32 -23.74 -51.40 21.71
C MET B 32 -25.25 -51.49 21.52
N ASP B 33 -25.69 -52.06 20.39
CA ASP B 33 -27.12 -52.16 20.07
C ASP B 33 -27.84 -50.83 20.30
N ARG B 34 -27.19 -49.74 19.89
CA ARG B 34 -27.79 -48.43 20.04
C ARG B 34 -27.51 -47.57 18.82
N TYR B 35 -26.24 -47.31 18.53
CA TYR B 35 -25.86 -46.40 17.46
C TYR B 35 -25.62 -47.15 16.16
N GLU B 36 -26.25 -46.68 15.08
CA GLU B 36 -26.05 -47.22 13.75
C GLU B 36 -25.22 -46.21 12.96
N ILE B 37 -23.98 -46.60 12.65
CA ILE B 37 -23.02 -45.71 12.00
C ILE B 37 -23.38 -45.55 10.54
N ASP B 38 -23.68 -44.31 10.13
CA ASP B 38 -24.01 -44.04 8.73
C ASP B 38 -22.76 -43.79 7.89
N SER B 39 -21.97 -42.78 8.24
CA SER B 39 -20.81 -42.43 7.44
C SER B 39 -19.89 -41.51 8.23
N LEU B 40 -18.71 -41.29 7.66
CA LEU B 40 -17.73 -40.38 8.22
C LEU B 40 -18.05 -38.95 7.82
N ILE B 41 -18.14 -38.05 8.79
CA ILE B 41 -18.41 -36.64 8.52
C ILE B 41 -17.11 -35.87 8.31
N GLY B 42 -16.14 -36.05 9.20
CA GLY B 42 -14.91 -35.31 9.10
C GLY B 42 -13.77 -35.97 9.84
N LYS B 43 -12.56 -35.56 9.48
CA LYS B 43 -11.34 -36.05 10.10
C LYS B 43 -10.58 -34.87 10.68
N GLY B 44 -10.00 -35.07 11.86
CA GLY B 44 -9.27 -34.01 12.53
C GLY B 44 -8.12 -34.58 13.34
N SER B 45 -7.35 -33.67 13.94
CA SER B 45 -6.25 -34.10 14.80
C SER B 45 -6.77 -34.94 15.96
N PHE B 46 -7.89 -34.53 16.55
CA PHE B 46 -8.48 -35.27 17.65
C PHE B 46 -8.89 -36.67 17.22
N GLY B 47 -9.43 -36.80 16.02
CA GLY B 47 -9.97 -38.06 15.54
C GLY B 47 -10.99 -37.78 14.44
N GLN B 48 -11.97 -38.67 14.34
CA GLN B 48 -12.99 -38.57 13.31
C GLN B 48 -14.37 -38.34 13.93
N VAL B 49 -15.21 -37.63 13.19
CA VAL B 49 -16.60 -37.41 13.54
C VAL B 49 -17.45 -38.19 12.55
N VAL B 50 -18.37 -39.00 13.06
CA VAL B 50 -19.21 -39.82 12.19
C VAL B 50 -20.67 -39.47 12.43
N LYS B 51 -21.48 -39.68 11.39
CA LYS B 51 -22.92 -39.51 11.48
C LYS B 51 -23.51 -40.85 11.88
N ALA B 52 -24.38 -40.84 12.89
CA ALA B 52 -24.96 -42.08 13.37
C ALA B 52 -26.38 -41.83 13.83
N TYR B 53 -27.19 -42.87 13.74
CA TYR B 53 -28.56 -42.83 14.23
C TYR B 53 -28.62 -43.51 15.59
N ASP B 54 -29.19 -42.80 16.57
CA ASP B 54 -29.35 -43.33 17.92
C ASP B 54 -30.71 -44.01 17.99
N ARG B 55 -30.70 -45.36 18.01
CA ARG B 55 -31.95 -46.10 18.05
C ARG B 55 -32.73 -45.86 19.34
N VAL B 56 -32.05 -45.58 20.45
CA VAL B 56 -32.75 -45.36 21.72
C VAL B 56 -33.52 -44.05 21.69
N GLU B 57 -32.82 -42.94 21.49
CA GLU B 57 -33.49 -41.65 21.47
C GLU B 57 -34.16 -41.35 20.14
N GLN B 58 -33.94 -42.20 19.14
CA GLN B 58 -34.55 -42.08 17.82
C GLN B 58 -34.25 -40.72 17.19
N GLU B 59 -32.96 -40.45 17.01
CA GLU B 59 -32.51 -39.19 16.44
C GLU B 59 -31.13 -39.39 15.84
N TRP B 60 -30.77 -38.48 14.94
CA TRP B 60 -29.45 -38.48 14.37
C TRP B 60 -28.49 -37.72 15.26
N VAL B 61 -27.30 -38.29 15.45
CA VAL B 61 -26.27 -37.67 16.29
C VAL B 61 -24.95 -37.67 15.54
N ALA B 62 -24.04 -36.82 16.01
CA ALA B 62 -22.66 -36.78 15.54
C ALA B 62 -21.78 -37.34 16.65
N ILE B 63 -21.00 -38.37 16.33
CA ILE B 63 -20.14 -39.02 17.31
C ILE B 63 -18.69 -38.72 16.96
N LYS B 64 -18.00 -38.03 17.87
CA LYS B 64 -16.60 -37.72 17.73
C LYS B 64 -15.78 -38.86 18.33
N ILE B 65 -15.07 -39.60 17.49
CA ILE B 65 -14.27 -40.75 17.92
C ILE B 65 -12.84 -40.26 18.14
N ILE B 66 -12.46 -40.08 19.41
CA ILE B 66 -11.12 -39.60 19.74
C ILE B 66 -10.08 -40.68 19.42
N LYS B 67 -8.90 -40.24 18.98
CA LYS B 67 -7.82 -41.16 18.68
C LYS B 67 -7.47 -42.01 19.90
N ASN B 68 -7.11 -43.27 19.65
CA ASN B 68 -6.71 -44.20 20.71
C ASN B 68 -5.23 -43.97 21.06
N LYS B 69 -5.00 -42.85 21.75
CA LYS B 69 -3.67 -42.49 22.23
C LYS B 69 -3.81 -41.61 23.45
N LYS B 70 -3.06 -41.96 24.51
CA LYS B 70 -3.15 -41.28 25.80
C LYS B 70 -3.23 -39.76 25.67
N ALA B 71 -2.31 -39.16 24.91
CA ALA B 71 -2.26 -37.71 24.82
C ALA B 71 -3.57 -37.14 24.29
N PHE B 72 -4.17 -37.79 23.28
CA PHE B 72 -5.43 -37.32 22.72
C PHE B 72 -6.59 -37.61 23.65
N LEU B 73 -6.59 -38.78 24.28
CA LEU B 73 -7.62 -39.11 25.26
C LEU B 73 -7.63 -38.10 26.41
N ASN B 74 -6.45 -37.82 26.98
CA ASN B 74 -6.37 -36.92 28.11
C ASN B 74 -6.87 -35.52 27.76
N GLN B 75 -6.59 -35.05 26.54
CA GLN B 75 -7.08 -33.74 26.15
C GLN B 75 -8.59 -33.76 25.92
N ALA B 76 -9.10 -34.85 25.33
CA ALA B 76 -10.54 -34.97 25.12
C ALA B 76 -11.28 -35.01 26.44
N GLN B 77 -10.65 -35.55 27.48
CA GLN B 77 -11.29 -35.54 28.80
C GLN B 77 -11.48 -34.12 29.30
N ILE B 78 -10.58 -33.20 28.94
CA ILE B 78 -10.77 -31.80 29.30
C ILE B 78 -11.93 -31.22 28.52
N GLU B 79 -12.01 -31.51 27.22
CA GLU B 79 -13.14 -31.05 26.43
C GLU B 79 -14.46 -31.49 27.07
N VAL B 80 -14.52 -32.75 27.50
CA VAL B 80 -15.74 -33.25 28.15
C VAL B 80 -16.03 -32.44 29.41
N ARG B 81 -15.02 -32.29 30.28
CA ARG B 81 -15.22 -31.52 31.51
C ARG B 81 -15.78 -30.14 31.21
N LEU B 82 -15.21 -29.45 30.23
CA LEU B 82 -15.66 -28.10 29.91
C LEU B 82 -17.06 -28.12 29.31
N LEU B 83 -17.33 -29.05 28.40
CA LEU B 83 -18.66 -29.13 27.80
C LEU B 83 -19.72 -29.38 28.85
N GLU B 84 -19.47 -30.32 29.76
CA GLU B 84 -20.45 -30.61 30.80
C GLU B 84 -20.64 -29.41 31.72
N LEU B 85 -19.57 -28.67 31.98
CA LEU B 85 -19.67 -27.47 32.80
C LEU B 85 -20.53 -26.41 32.11
N MET B 86 -20.35 -26.22 30.80
CA MET B 86 -21.15 -25.25 30.07
C MET B 86 -22.59 -25.71 29.93
N ASN B 87 -22.79 -26.99 29.58
CA ASN B 87 -24.13 -27.52 29.35
C ASN B 87 -24.97 -27.52 30.62
N LYS B 88 -24.33 -27.71 31.78
CA LYS B 88 -25.06 -27.68 33.05
C LYS B 88 -25.45 -26.26 33.45
N HIS B 89 -24.68 -25.25 33.03
CA HIS B 89 -25.00 -23.87 33.34
C HIS B 89 -26.36 -23.48 32.75
N ASP B 90 -27.10 -22.65 33.50
CA ASP B 90 -28.45 -22.23 33.11
C ASP B 90 -28.46 -20.76 32.67
N THR B 91 -28.68 -20.57 31.37
CA THR B 91 -28.85 -19.29 30.69
C THR B 91 -29.25 -19.60 29.26
N GLU B 92 -29.92 -18.65 28.63
CA GLU B 92 -30.23 -18.80 27.21
C GLU B 92 -28.95 -18.78 26.37
N MET B 93 -27.90 -18.17 26.88
CA MET B 93 -26.64 -18.06 26.17
C MET B 93 -25.98 -19.42 25.92
N LYS B 94 -26.17 -20.36 26.85
CA LYS B 94 -25.52 -21.67 26.72
C LYS B 94 -25.91 -22.38 25.43
N TYR B 95 -26.99 -21.98 24.78
CA TYR B 95 -27.44 -22.60 23.54
C TYR B 95 -26.69 -22.11 22.31
N TYR B 96 -25.57 -21.42 22.50
CA TYR B 96 -24.66 -21.10 21.40
C TYR B 96 -23.48 -22.06 21.37
N ILE B 97 -23.38 -22.94 22.35
CA ILE B 97 -22.35 -23.97 22.43
C ILE B 97 -23.00 -25.32 22.13
N VAL B 98 -22.32 -26.12 21.32
CA VAL B 98 -22.85 -27.42 20.95
C VAL B 98 -23.12 -28.26 22.19
N HIS B 99 -24.20 -29.04 22.15
CA HIS B 99 -24.64 -29.84 23.29
C HIS B 99 -24.01 -31.22 23.24
N LEU B 100 -23.30 -31.59 24.31
CA LEU B 100 -22.75 -32.92 24.45
C LEU B 100 -23.79 -33.79 25.15
N LYS B 101 -24.38 -34.73 24.40
CA LYS B 101 -25.43 -35.57 24.97
C LYS B 101 -24.85 -36.57 25.97
N ARG B 102 -23.83 -37.32 25.56
CA ARG B 102 -23.20 -38.30 26.45
C ARG B 102 -21.88 -38.70 25.83
N HIS B 103 -21.11 -39.49 26.58
CA HIS B 103 -19.85 -40.03 26.10
C HIS B 103 -19.71 -41.47 26.57
N PHE B 104 -18.85 -42.22 25.90
CA PHE B 104 -18.64 -43.61 26.25
C PHE B 104 -17.32 -44.08 25.65
N MET B 105 -16.79 -45.15 26.23
CA MET B 105 -15.60 -45.83 25.70
C MET B 105 -16.08 -46.98 24.83
N PHE B 106 -15.48 -47.12 23.65
CA PHE B 106 -15.86 -48.19 22.74
C PHE B 106 -14.63 -48.62 21.97
N ARG B 107 -14.26 -49.91 22.12
CA ARG B 107 -13.09 -50.45 21.46
C ARG B 107 -11.87 -49.56 21.69
N ASN B 108 -11.74 -49.08 22.93
CA ASN B 108 -10.61 -48.28 23.42
C ASN B 108 -10.58 -46.88 22.83
N HIS B 109 -11.71 -46.37 22.35
CA HIS B 109 -11.82 -45.00 21.86
C HIS B 109 -12.82 -44.26 22.72
N LEU B 110 -12.48 -43.05 23.15
CA LEU B 110 -13.44 -42.20 23.82
C LEU B 110 -14.34 -41.59 22.75
N CYS B 111 -15.64 -41.78 22.89
CA CYS B 111 -16.61 -41.32 21.91
C CYS B 111 -17.53 -40.28 22.54
N LEU B 112 -17.65 -39.14 21.87
CA LEU B 112 -18.46 -38.03 22.34
C LEU B 112 -19.68 -37.91 21.43
N VAL B 113 -20.87 -37.99 22.01
CA VAL B 113 -22.13 -37.96 21.26
C VAL B 113 -22.66 -36.53 21.32
N PHE B 114 -22.79 -35.90 20.16
CA PHE B 114 -23.27 -34.54 20.03
C PHE B 114 -24.57 -34.50 19.25
N GLU B 115 -25.30 -33.40 19.43
CA GLU B 115 -26.43 -33.09 18.57
C GLU B 115 -25.95 -32.93 17.14
N MET B 116 -26.81 -33.26 16.18
CA MET B 116 -26.45 -33.10 14.77
C MET B 116 -26.61 -31.64 14.36
N LEU B 117 -25.64 -31.15 13.60
CA LEU B 117 -25.63 -29.76 13.14
C LEU B 117 -25.47 -29.73 11.62
N SER B 118 -25.53 -28.52 11.06
CA SER B 118 -25.47 -28.31 9.63
C SER B 118 -24.10 -27.80 9.19
N TYR B 119 -24.06 -27.10 8.05
CA TYR B 119 -22.79 -26.65 7.48
C TYR B 119 -22.10 -25.64 8.38
N ASN B 120 -20.77 -25.63 8.32
CA ASN B 120 -19.97 -24.65 9.03
C ASN B 120 -19.74 -23.42 8.15
N LEU B 121 -19.28 -22.35 8.77
CA LEU B 121 -19.14 -21.08 8.05
C LEU B 121 -18.15 -21.14 6.90
N TYR B 122 -17.17 -22.05 6.95
CA TYR B 122 -16.27 -22.19 5.80
C TYR B 122 -17.01 -22.81 4.62
N ASP B 123 -17.83 -23.84 4.87
CA ASP B 123 -18.65 -24.40 3.80
C ASP B 123 -19.51 -23.32 3.19
N LEU B 124 -19.99 -22.39 4.02
CA LEU B 124 -20.80 -21.27 3.56
C LEU B 124 -19.96 -20.32 2.71
N LEU B 125 -18.71 -20.05 3.12
CA LEU B 125 -17.84 -19.18 2.33
C LEU B 125 -17.56 -19.78 0.95
N ARG B 126 -17.14 -21.05 0.92
CA ARG B 126 -16.95 -21.72 -0.36
C ARG B 126 -18.19 -21.59 -1.23
N ASN B 127 -19.37 -21.67 -0.61
CA ASN B 127 -20.62 -21.61 -1.37
C ASN B 127 -20.79 -20.27 -2.07
N THR B 128 -20.20 -19.22 -1.52
CA THR B 128 -20.23 -17.89 -2.14
C THR B 128 -19.08 -17.70 -3.12
N ASN B 129 -18.34 -18.77 -3.42
CA ASN B 129 -17.11 -18.67 -4.22
C ASN B 129 -16.18 -17.63 -3.63
N PHE B 130 -16.09 -17.63 -2.30
CA PHE B 130 -15.14 -16.78 -1.58
C PHE B 130 -15.34 -15.30 -1.89
N ARG B 131 -16.60 -14.89 -2.10
CA ARG B 131 -16.95 -13.49 -2.25
C ARG B 131 -17.67 -12.94 -1.03
N GLY B 132 -17.98 -13.78 -0.05
CA GLY B 132 -18.46 -13.33 1.25
C GLY B 132 -19.97 -13.27 1.32
N VAL B 133 -20.46 -13.34 2.56
CA VAL B 133 -21.89 -13.24 2.85
C VAL B 133 -22.23 -11.77 3.12
N SER B 134 -23.52 -11.45 3.09
CA SER B 134 -23.96 -10.08 3.27
C SER B 134 -23.52 -9.54 4.62
N LEU B 135 -23.44 -8.21 4.70
CA LEU B 135 -23.13 -7.56 5.97
C LEU B 135 -24.21 -7.84 7.01
N ASN B 136 -25.47 -7.98 6.56
CA ASN B 136 -26.55 -8.30 7.48
C ASN B 136 -26.38 -9.69 8.08
N LEU B 137 -26.00 -10.67 7.26
CA LEU B 137 -25.72 -11.99 7.79
C LEU B 137 -24.49 -11.98 8.69
N THR B 138 -23.45 -11.24 8.29
CA THR B 138 -22.27 -11.06 9.13
C THR B 138 -22.66 -10.50 10.49
N ARG B 139 -23.55 -9.50 10.50
CA ARG B 139 -24.00 -8.92 11.76
C ARG B 139 -24.67 -9.98 12.64
N LYS B 140 -25.51 -10.84 12.04
CA LYS B 140 -26.17 -11.89 12.80
C LYS B 140 -25.16 -12.84 13.42
N PHE B 141 -24.16 -13.28 12.64
CA PHE B 141 -23.13 -14.14 13.20
C PHE B 141 -22.35 -13.43 14.29
N ALA B 142 -22.04 -12.15 14.07
CA ALA B 142 -21.26 -11.39 15.06
C ALA B 142 -22.00 -11.30 16.39
N GLN B 143 -23.29 -10.96 16.36
CA GLN B 143 -24.05 -10.82 17.60
C GLN B 143 -24.10 -12.15 18.35
N GLN B 144 -24.33 -13.25 17.64
CA GLN B 144 -24.37 -14.55 18.28
C GLN B 144 -23.00 -14.90 18.87
N MET B 145 -21.94 -14.70 18.10
CA MET B 145 -20.60 -15.02 18.58
C MET B 145 -20.24 -14.17 19.80
N CYS B 146 -20.58 -12.88 19.78
CA CYS B 146 -20.31 -12.03 20.93
C CYS B 146 -21.11 -12.49 22.15
N THR B 147 -22.33 -12.98 21.94
CA THR B 147 -23.10 -13.52 23.05
C THR B 147 -22.47 -14.81 23.57
N ALA B 148 -22.04 -15.69 22.67
CA ALA B 148 -21.34 -16.90 23.09
C ALA B 148 -20.10 -16.58 23.89
N LEU B 149 -19.30 -15.61 23.41
CA LEU B 149 -18.10 -15.23 24.15
C LEU B 149 -18.45 -14.61 25.50
N LEU B 150 -19.57 -13.88 25.57
CA LEU B 150 -20.03 -13.35 26.85
C LEU B 150 -20.36 -14.49 27.80
N PHE B 151 -20.96 -15.57 27.27
CA PHE B 151 -21.25 -16.74 28.08
C PHE B 151 -19.97 -17.39 28.61
N LEU B 152 -18.99 -17.59 27.72
CA LEU B 152 -17.74 -18.21 28.14
C LEU B 152 -17.01 -17.36 29.18
N ALA B 153 -17.23 -16.04 29.16
CA ALA B 153 -16.57 -15.14 30.08
C ALA B 153 -17.18 -15.15 31.48
N THR B 154 -18.34 -15.75 31.70
CA THR B 154 -18.94 -15.79 33.03
C THR B 154 -17.92 -16.32 34.04
N PRO B 155 -17.67 -15.60 35.14
CA PRO B 155 -16.57 -15.97 36.05
C PRO B 155 -16.48 -17.45 36.40
N GLU B 156 -17.61 -18.11 36.65
CA GLU B 156 -17.58 -19.52 37.02
C GLU B 156 -16.97 -20.37 35.90
N LEU B 157 -17.11 -19.92 34.64
CA LEU B 157 -16.56 -20.67 33.51
C LEU B 157 -15.18 -20.15 33.10
N SER B 158 -15.11 -18.90 32.67
CA SER B 158 -13.87 -18.28 32.22
C SER B 158 -13.13 -19.20 31.24
N ILE B 159 -13.84 -19.64 30.21
CA ILE B 159 -13.31 -20.59 29.25
C ILE B 159 -12.75 -19.87 28.03
N ILE B 160 -11.55 -20.26 27.61
CA ILE B 160 -10.93 -19.77 26.38
C ILE B 160 -11.05 -20.87 25.35
N HIS B 161 -11.77 -20.61 24.26
CA HIS B 161 -11.95 -21.63 23.23
C HIS B 161 -10.61 -22.03 22.62
N CYS B 162 -9.79 -21.04 22.24
CA CYS B 162 -8.42 -21.17 21.75
C CYS B 162 -8.33 -21.62 20.29
N ASP B 163 -9.43 -21.90 19.60
CA ASP B 163 -9.33 -22.29 18.20
C ASP B 163 -10.57 -21.85 17.41
N LEU B 164 -11.00 -20.61 17.62
CA LEU B 164 -12.11 -20.10 16.83
C LEU B 164 -11.69 -19.88 15.40
N LYS B 165 -12.50 -20.37 14.47
CA LYS B 165 -12.28 -20.25 13.03
C LYS B 165 -13.57 -20.61 12.34
N PRO B 166 -13.73 -20.22 11.07
CA PRO B 166 -14.97 -20.56 10.35
C PRO B 166 -15.36 -22.02 10.48
N GLU B 167 -14.40 -22.95 10.38
CA GLU B 167 -14.72 -24.37 10.43
C GLU B 167 -15.36 -24.80 11.74
N ASN B 168 -15.09 -24.09 12.83
CA ASN B 168 -15.60 -24.45 14.15
C ASN B 168 -16.86 -23.70 14.53
N ILE B 169 -17.49 -23.00 13.58
CA ILE B 169 -18.77 -22.35 13.79
C ILE B 169 -19.76 -22.98 12.81
N LEU B 170 -20.78 -23.66 13.34
CA LEU B 170 -21.70 -24.41 12.51
C LEU B 170 -23.11 -23.86 12.59
N LEU B 171 -23.83 -23.95 11.48
CA LEU B 171 -25.24 -23.61 11.46
C LEU B 171 -26.05 -24.73 12.12
N CYS B 172 -27.12 -24.35 12.81
CA CYS B 172 -28.03 -25.36 13.34
C CYS B 172 -28.89 -25.96 12.23
N ASN B 173 -29.43 -25.10 11.36
CA ASN B 173 -30.21 -25.57 10.24
CA ASN B 173 -30.29 -25.50 10.24
C ASN B 173 -29.75 -24.88 8.95
N PRO B 174 -29.75 -25.62 7.84
CA PRO B 174 -29.10 -25.11 6.61
C PRO B 174 -29.72 -23.85 6.02
N LYS B 175 -30.97 -23.52 6.36
CA LYS B 175 -31.61 -22.35 5.79
C LYS B 175 -31.83 -21.22 6.79
N ARG B 176 -31.35 -21.35 8.02
CA ARG B 176 -31.48 -20.29 9.01
C ARG B 176 -30.12 -19.94 9.58
N SER B 177 -30.01 -18.72 10.10
CA SER B 177 -28.75 -18.12 10.54
C SER B 177 -28.29 -18.55 11.94
N ALA B 178 -29.04 -19.39 12.66
CA ALA B 178 -28.61 -19.80 14.00
C ALA B 178 -27.33 -20.62 13.92
N ILE B 179 -26.38 -20.34 14.83
CA ILE B 179 -25.08 -20.99 14.83
C ILE B 179 -24.73 -21.51 16.23
N LYS B 180 -23.77 -22.43 16.25
CA LYS B 180 -23.23 -23.00 17.48
C LYS B 180 -21.73 -23.23 17.32
N ILE B 181 -21.00 -23.15 18.44
CA ILE B 181 -19.55 -23.31 18.47
C ILE B 181 -19.19 -24.77 18.74
N VAL B 182 -18.13 -25.26 18.09
CA VAL B 182 -17.72 -26.65 18.22
C VAL B 182 -16.22 -26.74 18.48
N ASP B 183 -15.77 -27.97 18.76
CA ASP B 183 -14.36 -28.31 18.93
C ASP B 183 -13.71 -27.50 20.06
N PHE B 184 -14.12 -27.85 21.28
CA PHE B 184 -13.54 -27.27 22.50
C PHE B 184 -12.35 -28.08 23.01
N GLY B 185 -11.81 -29.00 22.21
CA GLY B 185 -10.75 -29.86 22.69
C GLY B 185 -9.51 -29.10 23.13
N SER B 186 -9.13 -28.07 22.39
CA SER B 186 -7.96 -27.28 22.72
C SER B 186 -8.25 -26.20 23.76
N SER B 187 -9.49 -26.07 24.20
CA SER B 187 -9.89 -25.02 25.13
C SER B 187 -9.30 -25.23 26.53
N CYS B 188 -9.28 -24.15 27.30
CA CYS B 188 -8.78 -24.16 28.66
C CYS B 188 -9.47 -23.06 29.46
N GLN B 189 -9.26 -23.09 30.78
CA GLN B 189 -9.77 -22.07 31.67
C GLN B 189 -8.69 -21.05 32.02
N LEU B 190 -9.15 -19.88 32.47
CA LEU B 190 -8.24 -18.77 32.77
C LEU B 190 -7.17 -19.20 33.77
N GLY B 191 -7.54 -20.04 34.74
CA GLY B 191 -6.59 -20.47 35.75
C GLY B 191 -5.44 -21.25 35.17
N GLN B 192 -5.70 -22.07 34.15
CA GLN B 192 -4.68 -22.96 33.60
C GLN B 192 -3.49 -22.15 33.10
N ARG B 193 -2.32 -22.78 33.17
CA ARG B 193 -1.05 -22.09 32.87
C ARG B 193 -0.90 -21.84 31.37
N ILE B 194 -0.07 -20.85 31.06
CA ILE B 194 0.10 -20.34 29.69
C ILE B 194 1.18 -21.16 28.98
N TYR B 195 0.87 -21.60 27.76
CA TYR B 195 1.81 -22.32 26.93
C TYR B 195 1.51 -22.00 25.46
N GLN B 196 2.51 -22.22 24.61
CA GLN B 196 2.80 -21.27 23.55
C GLN B 196 2.14 -21.36 22.16
N PTR B 197 1.78 -22.53 21.65
CA PTR B 197 1.37 -22.62 20.23
CA PTR B 197 1.37 -22.66 20.25
C PTR B 197 -0.12 -22.72 19.89
O PTR B 197 -0.50 -23.10 18.76
CB PTR B 197 2.11 -23.75 19.52
CB PTR B 197 2.05 -23.89 19.65
CG PTR B 197 3.17 -23.31 18.55
CG PTR B 197 2.47 -23.66 18.24
CD1 PTR B 197 2.98 -23.39 17.18
CD1 PTR B 197 2.07 -24.50 17.22
CD2 PTR B 197 4.39 -22.79 19.01
CD2 PTR B 197 3.24 -22.55 17.91
CE1 PTR B 197 3.96 -22.99 16.28
CE1 PTR B 197 2.47 -24.27 15.91
CE2 PTR B 197 5.37 -22.39 18.12
CE2 PTR B 197 3.63 -22.31 16.62
CZ PTR B 197 5.15 -22.48 16.76
CZ PTR B 197 3.24 -23.16 15.62
OH PTR B 197 6.11 -22.10 15.95
OH PTR B 197 3.61 -22.94 14.39
P PTR B 197 5.94 -21.31 14.56
P PTR B 197 2.52 -22.52 13.27
O1P PTR B 197 4.74 -21.84 13.77
O1P PTR B 197 1.14 -23.01 13.72
O2P PTR B 197 7.21 -21.52 13.72
O2P PTR B 197 2.90 -23.20 11.96
O3P PTR B 197 5.81 -19.84 14.86
O3P PTR B 197 2.51 -21.05 13.11
N ILE B 198 -0.99 -22.35 20.81
CA ILE B 198 -2.43 -22.49 20.58
C ILE B 198 -2.99 -21.64 19.43
N GLN B 199 -4.19 -21.98 18.96
CA GLN B 199 -4.91 -21.29 17.88
C GLN B 199 -4.41 -21.50 16.47
N SER B 200 -5.31 -21.34 15.49
CA SER B 200 -4.98 -21.41 14.08
C SER B 200 -4.20 -20.19 13.64
N ARG B 201 -3.16 -20.41 12.82
CA ARG B 201 -2.26 -19.33 12.44
C ARG B 201 -3.02 -18.09 11.94
N PHE B 202 -3.96 -18.27 11.01
CA PHE B 202 -4.67 -17.11 10.47
C PHE B 202 -5.41 -16.35 11.55
N TYR B 203 -5.83 -17.04 12.61
CA TYR B 203 -6.66 -16.45 13.65
C TYR B 203 -5.92 -16.31 14.97
N ARG B 204 -4.60 -16.43 14.95
CA ARG B 204 -3.78 -16.33 16.15
C ARG B 204 -3.55 -14.88 16.54
N SER B 205 -3.67 -14.60 17.83
CA SER B 205 -3.56 -13.26 18.40
C SER B 205 -2.11 -12.83 18.53
N PRO B 206 -1.85 -11.52 18.56
CA PRO B 206 -0.47 -11.05 18.75
C PRO B 206 0.16 -11.49 20.06
N GLU B 207 -0.61 -11.56 21.15
CA GLU B 207 -0.02 -11.98 22.42
C GLU B 207 0.48 -13.41 22.34
N VAL B 208 -0.22 -14.28 21.61
CA VAL B 208 0.26 -15.64 21.44
C VAL B 208 1.45 -15.66 20.49
N LEU B 209 1.38 -14.89 19.40
CA LEU B 209 2.53 -14.80 18.49
C LEU B 209 3.77 -14.31 19.21
N LEU B 210 3.60 -13.40 20.18
CA LEU B 210 4.72 -12.83 20.92
C LEU B 210 5.13 -13.67 22.13
N GLY B 211 4.46 -14.80 22.35
CA GLY B 211 4.80 -15.66 23.48
C GLY B 211 4.52 -15.06 24.83
N MET B 212 3.53 -14.19 24.93
CA MET B 212 3.15 -13.59 26.20
C MET B 212 1.99 -14.37 26.80
N PRO B 213 1.70 -14.17 28.08
CA PRO B 213 0.53 -14.82 28.68
C PRO B 213 -0.75 -14.29 28.06
N TYR B 214 -1.77 -15.15 28.01
CA TYR B 214 -3.00 -14.85 27.30
C TYR B 214 -4.21 -15.12 28.17
N ASP B 215 -5.32 -14.49 27.81
CA ASP B 215 -6.59 -14.64 28.52
C ASP B 215 -7.68 -14.79 27.47
N LEU B 216 -8.94 -14.57 27.88
CA LEU B 216 -10.07 -14.74 26.98
C LEU B 216 -10.05 -13.77 25.80
N ALA B 217 -9.26 -12.70 25.88
CA ALA B 217 -9.21 -11.72 24.80
C ALA B 217 -8.76 -12.34 23.48
N ILE B 218 -8.03 -13.45 23.51
CA ILE B 218 -7.54 -14.05 22.27
C ILE B 218 -8.70 -14.53 21.40
N ASP B 219 -9.82 -14.93 22.02
CA ASP B 219 -10.97 -15.34 21.22
C ASP B 219 -11.62 -14.15 20.53
N MET B 220 -11.58 -12.98 21.16
CA MET B 220 -12.13 -11.78 20.52
C MET B 220 -11.31 -11.40 19.29
N TRP B 221 -9.98 -11.56 19.37
CA TRP B 221 -9.15 -11.33 18.20
C TRP B 221 -9.57 -12.25 17.06
N SER B 222 -9.65 -13.56 17.33
CA SER B 222 -10.06 -14.51 16.30
C SER B 222 -11.41 -14.12 15.70
N LEU B 223 -12.35 -13.70 16.55
CA LEU B 223 -13.66 -13.30 16.06
C LEU B 223 -13.53 -12.15 15.06
N GLY B 224 -12.74 -11.14 15.38
CA GLY B 224 -12.52 -10.04 14.45
C GLY B 224 -12.01 -10.53 13.11
N CYS B 225 -11.02 -11.41 13.12
CA CYS B 225 -10.51 -11.97 11.88
C CYS B 225 -11.62 -12.71 11.14
N ILE B 226 -12.39 -13.52 11.86
CA ILE B 226 -13.43 -14.33 11.24
C ILE B 226 -14.46 -13.42 10.57
N LEU B 227 -14.96 -12.42 11.30
CA LEU B 227 -16.03 -11.57 10.78
C LEU B 227 -15.61 -10.89 9.48
N VAL B 228 -14.38 -10.39 9.41
CA VAL B 228 -13.90 -9.78 8.17
C VAL B 228 -13.87 -10.82 7.06
N GLU B 229 -13.37 -12.03 7.36
CA GLU B 229 -13.31 -13.09 6.36
C GLU B 229 -14.71 -13.47 5.88
N MET B 230 -15.68 -13.48 6.79
CA MET B 230 -17.04 -13.83 6.40
C MET B 230 -17.59 -12.87 5.35
N HIS B 231 -17.30 -11.58 5.49
CA HIS B 231 -17.86 -10.61 4.55
C HIS B 231 -17.03 -10.47 3.27
N THR B 232 -15.69 -10.53 3.39
CA THR B 232 -14.84 -10.38 2.21
C THR B 232 -14.68 -11.67 1.44
N GLY B 233 -14.79 -12.82 2.11
CA GLY B 233 -14.63 -14.11 1.49
C GLY B 233 -13.25 -14.73 1.60
N GLU B 234 -12.25 -13.98 2.03
CA GLU B 234 -10.91 -14.54 2.19
C GLU B 234 -10.30 -14.09 3.50
N PRO B 235 -9.31 -14.84 4.01
CA PRO B 235 -8.76 -14.54 5.33
C PRO B 235 -8.11 -13.16 5.39
N LEU B 236 -8.33 -12.47 6.51
CA LEU B 236 -7.72 -11.17 6.69
C LEU B 236 -6.20 -11.26 6.79
N PHE B 237 -5.71 -12.21 7.60
CA PHE B 237 -4.26 -12.38 7.84
C PHE B 237 -3.89 -13.83 7.52
N SER B 238 -3.57 -14.08 6.24
CA SER B 238 -3.25 -15.43 5.75
C SER B 238 -1.74 -15.64 5.76
N GLY B 239 -1.19 -15.97 6.93
CA GLY B 239 0.23 -16.20 7.11
C GLY B 239 0.62 -17.66 6.91
N ALA B 240 1.75 -17.88 6.24
CA ALA B 240 2.31 -19.20 6.03
C ALA B 240 3.05 -19.70 7.26
N ASN B 241 3.54 -18.78 8.08
CA ASN B 241 4.20 -19.08 9.34
C ASN B 241 4.06 -17.86 10.24
N GLU B 242 4.56 -17.97 11.47
CA GLU B 242 4.39 -16.88 12.42
C GLU B 242 5.02 -15.58 11.93
N VAL B 243 6.23 -15.65 11.35
CA VAL B 243 6.86 -14.42 10.85
C VAL B 243 6.02 -13.79 9.76
N ASP B 244 5.53 -14.61 8.83
CA ASP B 244 4.65 -14.11 7.78
C ASP B 244 3.34 -13.60 8.38
N GLN B 245 2.81 -14.33 9.38
CA GLN B 245 1.57 -13.93 10.02
C GLN B 245 1.70 -12.56 10.67
N MET B 246 2.76 -12.36 11.47
CA MET B 246 2.94 -11.08 12.15
C MET B 246 3.08 -9.94 11.16
N ASN B 247 3.85 -10.14 10.09
CA ASN B 247 4.04 -9.09 9.10
C ASN B 247 2.72 -8.74 8.41
N LYS B 248 1.88 -9.73 8.15
CA LYS B 248 0.59 -9.45 7.53
C LYS B 248 -0.32 -8.67 8.47
N ILE B 249 -0.20 -8.93 9.77
CA ILE B 249 -0.94 -8.13 10.76
C ILE B 249 -0.40 -6.71 10.76
N VAL B 250 0.92 -6.56 10.72
CA VAL B 250 1.56 -5.24 10.75
C VAL B 250 1.17 -4.43 9.52
N GLU B 251 0.99 -5.08 8.37
CA GLU B 251 0.55 -4.36 7.18
C GLU B 251 -0.71 -3.56 7.45
N VAL B 252 -1.60 -4.09 8.28
CA VAL B 252 -2.91 -3.49 8.51
C VAL B 252 -2.92 -2.63 9.76
N LEU B 253 -2.32 -3.09 10.85
CA LEU B 253 -2.42 -2.42 12.15
C LEU B 253 -1.16 -1.67 12.55
N GLY B 254 -0.08 -1.77 11.77
CA GLY B 254 1.15 -1.11 12.12
C GLY B 254 1.97 -1.88 13.13
N ILE B 255 3.06 -1.26 13.55
CA ILE B 255 3.94 -1.88 14.56
C ILE B 255 3.20 -1.94 15.89
N PRO B 256 3.27 -3.06 16.62
CA PRO B 256 2.62 -3.11 17.92
C PRO B 256 3.23 -2.10 18.86
N PRO B 257 2.46 -1.63 19.86
CA PRO B 257 2.96 -0.61 20.78
C PRO B 257 4.19 -1.06 21.56
N ALA B 258 5.04 -0.09 21.90
CA ALA B 258 6.29 -0.39 22.60
C ALA B 258 6.05 -1.05 23.94
N HIS B 259 5.02 -0.61 24.69
CA HIS B 259 4.81 -1.20 26.01
C HIS B 259 4.52 -2.69 25.93
N ILE B 260 4.01 -3.15 24.79
CA ILE B 260 3.78 -4.57 24.59
C ILE B 260 5.08 -5.29 24.22
N LEU B 261 5.75 -4.81 23.17
CA LEU B 261 6.98 -5.46 22.73
C LEU B 261 8.05 -5.46 23.82
N ASP B 262 8.08 -4.42 24.66
CA ASP B 262 9.04 -4.38 25.75
C ASP B 262 8.84 -5.53 26.73
N GLN B 263 7.67 -6.15 26.73
CA GLN B 263 7.35 -7.27 27.61
C GLN B 263 7.21 -8.59 26.88
N ALA B 264 7.40 -8.61 25.55
CA ALA B 264 7.14 -9.78 24.74
C ALA B 264 8.39 -10.65 24.64
N PRO B 265 8.37 -11.90 25.12
CA PRO B 265 9.56 -12.75 25.00
C PRO B 265 9.99 -12.99 23.57
N LYS B 266 9.06 -13.06 22.62
CA LYS B 266 9.37 -13.35 21.22
C LYS B 266 9.39 -12.10 20.36
N ALA B 267 9.49 -10.92 20.98
CA ALA B 267 9.46 -9.68 20.20
C ALA B 267 10.53 -9.68 19.13
N ARG B 268 11.73 -10.16 19.46
CA ARG B 268 12.85 -10.11 18.53
C ARG B 268 12.79 -11.22 17.48
N LYS B 269 11.75 -12.06 17.50
CA LYS B 269 11.52 -12.97 16.39
C LYS B 269 11.00 -12.19 15.18
N PHE B 270 10.34 -11.06 15.42
CA PHE B 270 9.75 -10.25 14.36
C PHE B 270 10.28 -8.83 14.29
N PHE B 271 10.70 -8.23 15.41
CA PHE B 271 11.02 -6.82 15.49
C PHE B 271 12.42 -6.61 16.06
N GLU B 272 12.91 -5.38 15.94
CA GLU B 272 14.17 -4.98 16.56
C GLU B 272 14.00 -3.59 17.18
N LYS B 273 14.67 -3.38 18.30
CA LYS B 273 14.55 -2.15 19.09
C LYS B 273 15.65 -1.17 18.69
N LEU B 274 15.25 0.02 18.25
CA LEU B 274 16.19 1.05 17.86
C LEU B 274 16.80 1.73 19.08
N PRO B 275 17.92 2.44 18.90
CA PRO B 275 18.54 3.13 20.05
C PRO B 275 17.59 4.07 20.78
N ASP B 276 16.79 4.83 20.04
CA ASP B 276 15.82 5.74 20.65
C ASP B 276 14.66 5.01 21.33
N GLY B 277 14.74 3.69 21.51
CA GLY B 277 13.74 2.94 22.24
C GLY B 277 12.53 2.52 21.44
N THR B 278 12.37 3.00 20.21
CA THR B 278 11.24 2.60 19.38
C THR B 278 11.51 1.27 18.71
N TRP B 279 10.44 0.60 18.30
CA TRP B 279 10.52 -0.71 17.65
C TRP B 279 10.23 -0.57 16.16
N ASN B 280 10.90 -1.41 15.37
CA ASN B 280 10.69 -1.49 13.94
C ASN B 280 10.77 -2.95 13.53
N LEU B 281 10.26 -3.23 12.33
CA LEU B 281 10.35 -4.59 11.80
C LEU B 281 11.81 -4.97 11.59
N LYS B 282 12.11 -6.25 11.77
CA LYS B 282 13.47 -6.72 11.60
C LYS B 282 13.95 -6.52 10.16
N LYS B 283 15.23 -6.20 10.04
CA LYS B 283 15.84 -5.99 8.73
C LYS B 283 15.82 -7.30 7.95
N THR B 284 15.58 -7.21 6.64
CA THR B 284 15.42 -8.38 5.79
C THR B 284 16.60 -8.56 4.84
N LYS B 285 17.14 -9.78 4.78
CA LYS B 285 18.30 -10.07 3.94
C LYS B 285 17.94 -10.09 2.45
N ASP B 286 18.97 -9.84 1.64
CA ASP B 286 18.92 -9.75 0.18
C ASP B 286 18.09 -8.57 -0.30
N GLY B 287 17.97 -7.54 0.53
CA GLY B 287 17.34 -6.30 0.11
C GLY B 287 16.00 -6.48 -0.60
N LYS B 288 15.19 -7.43 -0.14
CA LYS B 288 13.87 -7.67 -0.70
C LYS B 288 12.78 -7.28 0.28
N ARG B 289 11.78 -6.55 -0.21
CA ARG B 289 10.62 -6.13 0.57
C ARG B 289 9.39 -6.86 0.03
N GLU B 290 8.71 -7.61 0.90
CA GLU B 290 7.53 -8.37 0.51
C GLU B 290 6.22 -7.85 1.08
N TYR B 291 6.24 -6.87 1.98
CA TYR B 291 5.01 -6.44 2.61
C TYR B 291 4.82 -4.94 2.43
N LYS B 292 3.55 -4.54 2.45
CA LYS B 292 3.22 -3.12 2.40
C LYS B 292 3.72 -2.46 3.67
N PRO B 293 4.13 -1.20 3.59
CA PRO B 293 4.66 -0.51 4.79
C PRO B 293 3.70 -0.61 5.95
N PRO B 294 4.22 -0.65 7.18
CA PRO B 294 3.35 -0.82 8.35
C PRO B 294 2.16 0.12 8.35
N GLY B 295 0.97 -0.44 8.54
CA GLY B 295 -0.26 0.31 8.67
C GLY B 295 -0.84 0.87 7.39
N THR B 296 -0.27 0.56 6.23
CA THR B 296 -0.77 1.11 4.97
C THR B 296 -1.85 0.26 4.31
N ARG B 297 -2.01 -1.00 4.71
CA ARG B 297 -3.09 -1.82 4.15
C ARG B 297 -4.33 -1.56 4.99
N LYS B 298 -5.08 -0.53 4.60
CA LYS B 298 -6.19 -0.05 5.39
C LYS B 298 -7.39 -0.97 5.32
N LEU B 299 -7.95 -1.30 6.49
CA LEU B 299 -9.20 -2.04 6.54
C LEU B 299 -10.31 -1.26 5.85
N HIS B 300 -10.20 0.07 5.82
CA HIS B 300 -11.15 0.90 5.12
C HIS B 300 -11.28 0.48 3.66
N ASN B 301 -10.18 0.07 3.05
CA ASN B 301 -10.17 -0.37 1.66
C ASN B 301 -10.51 -1.85 1.52
N ILE B 302 -10.05 -2.67 2.47
CA ILE B 302 -10.38 -4.09 2.45
C ILE B 302 -11.88 -4.30 2.45
N LEU B 303 -12.59 -3.54 3.28
CA LEU B 303 -14.05 -3.64 3.36
C LEU B 303 -14.76 -2.87 2.26
N GLY B 304 -14.07 -1.94 1.58
CA GLY B 304 -14.70 -1.10 0.59
C GLY B 304 -15.75 -0.19 1.18
N VAL B 305 -15.40 0.44 2.31
CA VAL B 305 -16.35 1.27 3.05
C VAL B 305 -17.07 2.25 2.13
N GLU B 306 -16.31 3.01 1.35
CA GLU B 306 -16.87 4.05 0.49
C GLU B 306 -16.84 3.68 -0.99
N THR B 307 -16.53 2.43 -1.32
CA THR B 307 -16.44 1.97 -2.70
C THR B 307 -17.36 0.77 -2.96
N GLY B 308 -18.46 0.68 -2.22
CA GLY B 308 -19.45 -0.36 -2.46
C GLY B 308 -19.08 -1.74 -1.97
N GLY B 309 -18.42 -1.83 -0.82
CA GLY B 309 -18.12 -3.11 -0.22
C GLY B 309 -16.95 -3.83 -0.86
N PRO B 310 -16.68 -5.05 -0.39
CA PRO B 310 -15.55 -5.82 -0.93
C PRO B 310 -15.64 -6.01 -2.44
N GLY B 311 -14.64 -5.48 -3.14
CA GLY B 311 -14.61 -5.57 -4.59
C GLY B 311 -15.73 -4.83 -5.28
N GLY B 312 -16.36 -3.89 -4.59
CA GLY B 312 -17.49 -3.17 -5.16
C GLY B 312 -18.71 -4.02 -5.42
N ARG B 313 -18.71 -5.27 -4.95
CA ARG B 313 -19.79 -6.20 -5.24
C ARG B 313 -21.10 -5.81 -4.57
N ARG B 314 -21.07 -4.98 -3.53
CA ARG B 314 -22.27 -4.59 -2.80
C ARG B 314 -22.77 -3.20 -3.17
N ALA B 315 -22.26 -2.63 -4.26
CA ALA B 315 -22.72 -1.32 -4.70
C ALA B 315 -24.18 -1.39 -5.11
N GLY B 316 -24.98 -0.46 -4.59
CA GLY B 316 -26.40 -0.45 -4.91
C GLY B 316 -27.18 -1.57 -4.24
N GLU B 317 -26.72 -2.05 -3.08
CA GLU B 317 -27.43 -3.04 -2.29
C GLU B 317 -27.93 -2.42 -0.99
N SER B 318 -29.08 -2.91 -0.53
CA SER B 318 -29.64 -2.47 0.75
C SER B 318 -28.86 -3.07 1.92
N GLY B 319 -28.80 -2.32 3.02
CA GLY B 319 -28.14 -2.76 4.23
C GLY B 319 -26.62 -2.70 4.19
N HIS B 320 -26.04 -2.14 3.14
CA HIS B 320 -24.59 -2.02 2.98
C HIS B 320 -24.16 -0.56 2.83
N THR B 321 -24.84 0.34 3.55
CA THR B 321 -24.53 1.76 3.47
C THR B 321 -23.16 2.07 4.07
N VAL B 322 -22.62 3.23 3.69
CA VAL B 322 -21.34 3.69 4.23
C VAL B 322 -21.40 3.75 5.74
N ALA B 323 -22.52 4.26 6.28
CA ALA B 323 -22.69 4.29 7.73
C ALA B 323 -22.58 2.89 8.33
N ASP B 324 -23.19 1.89 7.68
CA ASP B 324 -23.08 0.52 8.16
C ASP B 324 -21.63 0.06 8.18
N TYR B 325 -20.90 0.31 7.08
CA TYR B 325 -19.52 -0.14 7.00
C TYR B 325 -18.64 0.58 8.02
N LEU B 326 -18.89 1.87 8.25
CA LEU B 326 -18.07 2.59 9.24
C LEU B 326 -18.28 2.03 10.64
N LYS B 327 -19.50 1.57 10.95
CA LYS B 327 -19.74 0.93 12.23
C LYS B 327 -19.05 -0.42 12.29
N PHE B 328 -19.22 -1.23 11.24
CA PHE B 328 -18.54 -2.52 11.16
C PHE B 328 -17.04 -2.37 11.33
N LYS B 329 -16.44 -1.42 10.59
CA LYS B 329 -15.01 -1.19 10.68
C LYS B 329 -14.58 -0.86 12.11
N ASP B 330 -15.31 0.04 12.77
CA ASP B 330 -14.95 0.42 14.14
C ASP B 330 -14.99 -0.77 15.07
N LEU B 331 -16.02 -1.60 14.96
CA LEU B 331 -16.11 -2.77 15.82
C LEU B 331 -14.94 -3.72 15.58
N ILE B 332 -14.66 -4.01 14.31
CA ILE B 332 -13.55 -4.88 13.97
C ILE B 332 -12.24 -4.34 14.54
N LEU B 333 -11.98 -3.05 14.34
CA LEU B 333 -10.74 -2.47 14.85
C LEU B 333 -10.67 -2.54 16.36
N ARG B 334 -11.82 -2.46 17.05
CA ARG B 334 -11.85 -2.63 18.50
CA ARG B 334 -11.80 -2.62 18.49
C ARG B 334 -11.57 -4.08 18.88
N MET B 335 -11.97 -5.02 18.02
CA MET B 335 -11.67 -6.42 18.27
C MET B 335 -10.20 -6.73 17.96
N LEU B 336 -9.59 -5.98 17.04
CA LEU B 336 -8.22 -6.20 16.63
C LEU B 336 -7.24 -5.27 17.36
N ASP B 337 -7.59 -4.83 18.55
CA ASP B 337 -6.70 -4.03 19.36
C ASP B 337 -5.48 -4.85 19.75
N TYR B 338 -4.29 -4.27 19.58
CA TYR B 338 -3.07 -4.99 19.94
C TYR B 338 -3.03 -5.30 21.43
N ASP B 339 -3.52 -4.37 22.25
CA ASP B 339 -3.49 -4.49 23.69
C ASP B 339 -4.68 -5.31 24.18
N PRO B 340 -4.45 -6.51 24.73
CA PRO B 340 -5.57 -7.31 25.21
C PRO B 340 -6.30 -6.68 26.39
N LYS B 341 -5.65 -5.77 27.13
CA LYS B 341 -6.31 -5.11 28.25
C LYS B 341 -7.36 -4.11 27.76
N THR B 342 -7.15 -3.49 26.60
CA THR B 342 -8.07 -2.50 26.04
C THR B 342 -8.91 -3.06 24.89
N ARG B 343 -8.64 -4.30 24.46
CA ARG B 343 -9.44 -4.90 23.39
C ARG B 343 -10.88 -5.07 23.86
N ILE B 344 -11.82 -4.67 23.00
CA ILE B 344 -13.25 -4.71 23.35
C ILE B 344 -13.62 -6.08 23.90
N GLN B 345 -14.43 -6.08 24.99
CA GLN B 345 -14.97 -7.23 25.68
C GLN B 345 -16.39 -7.51 25.23
N PRO B 346 -16.83 -8.79 25.31
CA PRO B 346 -18.15 -9.14 24.76
C PRO B 346 -19.30 -8.26 25.23
N TYR B 347 -19.41 -8.02 26.54
CA TYR B 347 -20.51 -7.21 27.06
C TYR B 347 -20.61 -5.87 26.32
N TYR B 348 -19.47 -5.18 26.17
CA TYR B 348 -19.46 -3.87 25.52
C TYR B 348 -19.58 -3.98 24.00
N ALA B 349 -19.03 -5.04 23.40
CA ALA B 349 -19.20 -5.22 21.96
C ALA B 349 -20.68 -5.33 21.59
N LEU B 350 -21.46 -6.02 22.41
CA LEU B 350 -22.88 -6.18 22.12
C LEU B 350 -23.64 -4.86 22.16
N GLN B 351 -23.10 -3.85 22.85
CA GLN B 351 -23.72 -2.53 22.89
C GLN B 351 -23.26 -1.63 21.75
N HIS B 352 -22.39 -2.14 20.87
CA HIS B 352 -21.85 -1.34 19.77
C HIS B 352 -22.95 -0.94 18.79
N SER B 353 -22.83 0.28 18.25
CA SER B 353 -23.82 0.80 17.31
C SER B 353 -24.00 -0.11 16.09
N PHE B 354 -23.00 -0.95 15.78
CA PHE B 354 -23.13 -1.87 14.66
C PHE B 354 -24.36 -2.77 14.81
N PHE B 355 -24.78 -3.05 16.04
CA PHE B 355 -25.92 -3.92 16.29
C PHE B 355 -27.23 -3.18 16.48
N LYS B 356 -27.21 -1.84 16.51
CA LYS B 356 -28.42 -1.07 16.74
C LYS B 356 -29.48 -1.36 15.67
N LYS B 357 -30.71 -1.57 16.11
CA LYS B 357 -31.82 -1.84 15.19
C LYS B 357 -32.28 -0.57 14.49
N VAL C 11 -25.90 51.66 -27.22
CA VAL C 11 -26.12 50.82 -26.06
C VAL C 11 -25.83 49.36 -26.40
N TYR C 12 -24.85 48.77 -25.72
CA TYR C 12 -24.43 47.39 -25.96
C TYR C 12 -24.89 46.52 -24.79
N ASN C 13 -25.63 45.46 -25.11
CA ASN C 13 -26.13 44.50 -24.11
C ASN C 13 -26.71 45.22 -22.89
N ASP C 14 -27.64 46.14 -23.15
CA ASP C 14 -28.33 46.88 -22.10
C ASP C 14 -27.35 47.60 -21.17
N GLY C 15 -26.18 47.98 -21.70
CA GLY C 15 -25.21 48.75 -20.97
C GLY C 15 -24.13 47.97 -20.25
N TYR C 16 -24.23 46.64 -20.16
CA TYR C 16 -23.23 45.86 -19.46
C TYR C 16 -21.96 45.64 -20.26
N ASP C 17 -22.00 45.81 -21.58
CA ASP C 17 -20.89 45.54 -22.47
C ASP C 17 -20.31 46.85 -23.03
N ASP C 18 -19.04 46.78 -23.43
CA ASP C 18 -18.42 47.86 -24.19
C ASP C 18 -18.59 47.60 -25.68
N ASP C 19 -18.02 48.47 -26.51
CA ASP C 19 -18.18 48.35 -27.95
C ASP C 19 -17.39 47.18 -28.56
N ASN C 20 -16.59 46.48 -27.76
CA ASN C 20 -15.83 45.33 -28.26
C ASN C 20 -16.37 44.00 -27.73
N TYR C 21 -17.66 43.97 -27.34
CA TYR C 21 -18.35 42.78 -26.83
C TYR C 21 -17.81 42.30 -25.48
N ASP C 22 -16.95 43.07 -24.82
CA ASP C 22 -16.43 42.69 -23.50
C ASP C 22 -17.35 43.19 -22.40
N TYR C 23 -17.39 42.42 -21.30
CA TYR C 23 -18.15 42.84 -20.13
C TYR C 23 -17.41 43.96 -19.40
N ILE C 24 -18.11 45.04 -19.10
CA ILE C 24 -17.52 46.17 -18.38
C ILE C 24 -17.28 45.76 -16.93
N VAL C 25 -16.05 45.38 -16.61
CA VAL C 25 -15.73 44.88 -15.28
C VAL C 25 -15.82 46.01 -14.26
N LYS C 26 -16.49 45.73 -13.14
CA LYS C 26 -16.61 46.68 -12.04
C LYS C 26 -16.12 46.02 -10.76
N ASN C 27 -15.03 46.55 -10.20
CA ASN C 27 -14.44 45.99 -9.00
C ASN C 27 -15.42 46.07 -7.83
N GLY C 28 -15.49 45.00 -7.04
CA GLY C 28 -16.39 44.94 -5.91
C GLY C 28 -17.77 44.40 -6.22
N GLU C 29 -18.04 44.07 -7.48
CA GLU C 29 -19.34 43.54 -7.86
C GLU C 29 -19.51 42.11 -7.35
N LYS C 30 -20.74 41.78 -6.96
CA LYS C 30 -21.08 40.45 -6.49
C LYS C 30 -22.02 39.78 -7.48
N TRP C 31 -21.67 38.56 -7.90
CA TRP C 31 -22.41 37.81 -8.91
C TRP C 31 -23.18 36.66 -8.27
N MET C 32 -24.49 36.60 -8.55
CA MET C 32 -25.32 35.48 -8.13
C MET C 32 -25.14 35.16 -6.65
N ASP C 33 -24.90 36.20 -5.83
CA ASP C 33 -24.65 36.01 -4.41
C ASP C 33 -23.62 34.91 -4.17
N ARG C 34 -22.59 34.88 -5.01
CA ARG C 34 -21.54 33.87 -4.88
C ARG C 34 -20.16 34.45 -5.10
N TYR C 35 -19.90 34.99 -6.28
CA TYR C 35 -18.58 35.47 -6.65
C TYR C 35 -18.43 36.96 -6.36
N GLU C 36 -17.34 37.33 -5.68
CA GLU C 36 -17.01 38.71 -5.39
C GLU C 36 -15.86 39.11 -6.31
N ILE C 37 -16.14 40.00 -7.25
CA ILE C 37 -15.15 40.40 -8.25
C ILE C 37 -14.13 41.35 -7.61
N ASP C 38 -12.85 40.93 -7.61
CA ASP C 38 -11.81 41.79 -7.07
C ASP C 38 -11.30 42.79 -8.11
N SER C 39 -10.74 42.30 -9.21
CA SER C 39 -10.18 43.16 -10.25
C SER C 39 -9.92 42.35 -11.51
N LEU C 40 -9.56 43.08 -12.57
CA LEU C 40 -9.23 42.49 -13.86
C LEU C 40 -7.80 41.98 -13.86
N ILE C 41 -7.60 40.72 -14.24
CA ILE C 41 -6.27 40.14 -14.32
C ILE C 41 -5.65 40.39 -15.68
N GLY C 42 -6.37 40.10 -16.75
CA GLY C 42 -5.84 40.25 -18.09
C GLY C 42 -6.92 40.32 -19.13
N LYS C 43 -6.53 40.81 -20.30
CA LYS C 43 -7.40 40.94 -21.46
C LYS C 43 -6.86 40.10 -22.61
N GLY C 44 -7.76 39.46 -23.35
CA GLY C 44 -7.37 38.65 -24.48
C GLY C 44 -8.44 38.74 -25.55
N SER C 45 -8.16 38.11 -26.69
CA SER C 45 -9.12 38.11 -27.79
C SER C 45 -10.43 37.44 -27.38
N PHE C 46 -10.35 36.31 -26.68
CA PHE C 46 -11.54 35.61 -26.23
C PHE C 46 -12.35 36.45 -25.25
N GLY C 47 -11.67 37.18 -24.39
CA GLY C 47 -12.36 37.97 -23.37
C GLY C 47 -11.41 38.35 -22.25
N GLN C 48 -12.00 38.58 -21.08
CA GLN C 48 -11.26 39.07 -19.92
C GLN C 48 -11.25 38.03 -18.81
N VAL C 49 -10.15 37.99 -18.07
CA VAL C 49 -9.98 37.13 -16.91
C VAL C 49 -9.96 38.00 -15.67
N VAL C 50 -10.80 37.67 -14.68
CA VAL C 50 -10.89 38.46 -13.46
C VAL C 50 -10.62 37.58 -12.25
N LYS C 51 -10.16 38.24 -11.18
CA LYS C 51 -9.94 37.60 -9.89
C LYS C 51 -11.19 37.74 -9.03
N ALA C 52 -11.63 36.63 -8.44
CA ALA C 52 -12.85 36.63 -7.65
C ALA C 52 -12.76 35.64 -6.50
N TYR C 53 -13.53 35.91 -5.44
CA TYR C 53 -13.64 35.02 -4.29
C TYR C 53 -14.94 34.24 -4.36
N ASP C 54 -14.85 32.92 -4.20
CA ASP C 54 -16.00 32.03 -4.19
C ASP C 54 -16.49 31.86 -2.75
N ARG C 55 -17.64 32.46 -2.44
CA ARG C 55 -18.19 32.34 -1.08
C ARG C 55 -18.53 30.90 -0.74
N VAL C 56 -19.00 30.12 -1.72
CA VAL C 56 -19.46 28.76 -1.43
C VAL C 56 -18.28 27.88 -1.02
N GLU C 57 -17.28 27.75 -1.89
CA GLU C 57 -16.13 26.92 -1.59
C GLU C 57 -15.09 27.62 -0.72
N GLN C 58 -15.25 28.93 -0.47
CA GLN C 58 -14.32 29.70 0.36
C GLN C 58 -12.89 29.63 -0.19
N GLU C 59 -12.74 30.10 -1.42
CA GLU C 59 -11.45 30.10 -2.10
C GLU C 59 -11.46 31.18 -3.17
N TRP C 60 -10.25 31.58 -3.57
CA TRP C 60 -10.07 32.52 -4.68
C TRP C 60 -10.05 31.77 -5.99
N VAL C 61 -10.73 32.32 -6.99
CA VAL C 61 -10.83 31.71 -8.31
C VAL C 61 -10.55 32.74 -9.39
N ALA C 62 -10.24 32.25 -10.58
CA ALA C 62 -10.07 33.07 -11.78
C ALA C 62 -11.25 32.81 -12.71
N ILE C 63 -11.97 33.87 -13.09
CA ILE C 63 -13.15 33.77 -13.95
C ILE C 63 -12.84 34.39 -15.29
N LYS C 64 -12.90 33.58 -16.35
CA LYS C 64 -12.72 34.04 -17.72
C LYS C 64 -14.07 34.44 -18.30
N ILE C 65 -14.25 35.74 -18.57
CA ILE C 65 -15.51 36.26 -19.10
C ILE C 65 -15.40 36.31 -20.63
N ILE C 66 -16.06 35.36 -21.29
CA ILE C 66 -16.02 35.29 -22.75
C ILE C 66 -16.81 36.44 -23.37
N LYS C 67 -16.32 36.93 -24.51
CA LYS C 67 -16.99 37.99 -25.24
C LYS C 67 -18.42 37.58 -25.60
N ASN C 68 -19.32 38.56 -25.56
CA ASN C 68 -20.73 38.34 -25.92
C ASN C 68 -20.93 38.44 -27.43
N LYS C 69 -20.44 37.41 -28.13
CA LYS C 69 -20.67 37.35 -29.57
C LYS C 69 -20.54 35.89 -30.00
N LYS C 70 -21.51 35.43 -30.79
CA LYS C 70 -21.66 34.02 -31.16
C LYS C 70 -20.33 33.32 -31.47
N ALA C 71 -19.50 33.92 -32.33
CA ALA C 71 -18.27 33.24 -32.76
C ALA C 71 -17.36 32.95 -31.57
N PHE C 72 -17.26 33.88 -30.62
CA PHE C 72 -16.41 33.66 -29.45
C PHE C 72 -17.06 32.68 -28.47
N LEU C 73 -18.38 32.80 -28.29
CA LEU C 73 -19.09 31.84 -27.44
C LEU C 73 -18.92 30.41 -27.95
N ASN C 74 -19.13 30.21 -29.26
CA ASN C 74 -19.03 28.87 -29.82
C ASN C 74 -17.64 28.29 -29.65
N GLN C 75 -16.60 29.11 -29.77
CA GLN C 75 -15.24 28.60 -29.58
C GLN C 75 -14.96 28.30 -28.11
N ALA C 76 -15.47 29.15 -27.21
CA ALA C 76 -15.28 28.91 -25.78
C ALA C 76 -15.96 27.62 -25.35
N GLN C 77 -17.05 27.25 -26.02
CA GLN C 77 -17.71 25.99 -25.72
C GLN C 77 -16.79 24.81 -26.02
N ILE C 78 -15.92 24.94 -27.04
CA ILE C 78 -14.95 23.90 -27.33
C ILE C 78 -13.90 23.85 -26.23
N GLU C 79 -13.41 25.01 -25.79
CA GLU C 79 -12.47 25.02 -24.67
C GLU C 79 -13.04 24.29 -23.47
N VAL C 80 -14.32 24.54 -23.16
CA VAL C 80 -14.96 23.86 -22.03
C VAL C 80 -14.96 22.35 -22.26
N ARG C 81 -15.40 21.90 -23.44
CA ARG C 81 -15.43 20.47 -23.72
C ARG C 81 -14.06 19.85 -23.51
N LEU C 82 -13.00 20.49 -23.99
CA LEU C 82 -11.67 19.93 -23.86
C LEU C 82 -11.19 19.94 -22.40
N LEU C 83 -11.43 21.04 -21.69
CA LEU C 83 -11.01 21.12 -20.30
C LEU C 83 -11.67 20.03 -19.46
N GLU C 84 -12.98 19.83 -19.65
CA GLU C 84 -13.68 18.81 -18.88
C GLU C 84 -13.17 17.43 -19.24
N LEU C 85 -12.82 17.21 -20.50
CA LEU C 85 -12.26 15.92 -20.92
C LEU C 85 -10.91 15.67 -20.25
N MET C 86 -10.06 16.70 -20.20
CA MET C 86 -8.75 16.55 -19.56
C MET C 86 -8.89 16.38 -18.06
N ASN C 87 -9.73 17.21 -17.43
CA ASN C 87 -9.87 17.20 -15.98
C ASN C 87 -10.43 15.89 -15.47
N LYS C 88 -11.25 15.20 -16.27
CA LYS C 88 -11.84 13.94 -15.82
C LYS C 88 -10.86 12.79 -15.84
N HIS C 89 -9.85 12.84 -16.70
CA HIS C 89 -8.85 11.78 -16.74
C HIS C 89 -8.09 11.70 -15.42
N ASP C 90 -7.78 10.47 -15.00
CA ASP C 90 -7.07 10.22 -13.75
C ASP C 90 -5.62 9.87 -14.07
N THR C 91 -4.71 10.77 -13.72
CA THR C 91 -3.26 10.65 -13.88
C THR C 91 -2.62 11.81 -13.15
N GLU C 92 -1.37 11.61 -12.71
CA GLU C 92 -0.65 12.73 -12.11
C GLU C 92 -0.36 13.80 -13.14
N MET C 93 -0.28 13.40 -14.42
CA MET C 93 0.03 14.33 -15.49
C MET C 93 -1.06 15.38 -15.68
N LYS C 94 -2.33 15.02 -15.46
CA LYS C 94 -3.41 15.99 -15.68
C LYS C 94 -3.22 17.23 -14.83
N TYR C 95 -2.38 17.16 -13.80
CA TYR C 95 -2.09 18.29 -12.91
C TYR C 95 -1.07 19.27 -13.50
N TYR C 96 -0.81 19.19 -14.80
CA TYR C 96 -0.07 20.24 -15.49
C TYR C 96 -0.98 21.15 -16.30
N ILE C 97 -2.27 20.85 -16.39
CA ILE C 97 -3.26 21.67 -17.08
C ILE C 97 -4.16 22.34 -16.04
N VAL C 98 -4.46 23.61 -16.25
CA VAL C 98 -5.30 24.36 -15.32
C VAL C 98 -6.64 23.66 -15.14
N HIS C 99 -7.16 23.69 -13.92
CA HIS C 99 -8.40 23.01 -13.57
C HIS C 99 -9.60 23.93 -13.76
N LEU C 100 -10.56 23.50 -14.57
CA LEU C 100 -11.82 24.23 -14.75
C LEU C 100 -12.82 23.72 -13.70
N LYS C 101 -13.16 24.58 -12.74
CA LYS C 101 -14.08 24.18 -11.68
C LYS C 101 -15.51 24.07 -12.20
N ARG C 102 -16.02 25.13 -12.84
CA ARG C 102 -17.38 25.14 -13.36
C ARG C 102 -17.52 26.30 -14.33
N HIS C 103 -18.67 26.36 -15.00
CA HIS C 103 -18.98 27.46 -15.91
C HIS C 103 -20.45 27.85 -15.74
N PHE C 104 -20.77 29.07 -16.19
CA PHE C 104 -22.12 29.58 -16.09
C PHE C 104 -22.30 30.75 -17.06
N MET C 105 -23.56 31.03 -17.39
CA MET C 105 -23.94 32.19 -18.17
C MET C 105 -24.33 33.30 -17.23
N PHE C 106 -23.84 34.51 -17.49
CA PHE C 106 -24.16 35.65 -16.63
C PHE C 106 -24.20 36.91 -17.49
N ARG C 107 -25.36 37.57 -17.51
CA ARG C 107 -25.55 38.78 -18.31
C ARG C 107 -25.09 38.56 -19.76
N ASN C 108 -25.43 37.39 -20.30
CA ASN C 108 -25.18 36.99 -21.69
C ASN C 108 -23.71 36.76 -21.98
N HIS C 109 -22.89 36.47 -20.96
CA HIS C 109 -21.49 36.12 -21.13
C HIS C 109 -21.26 34.72 -20.58
N LEU C 110 -20.55 33.89 -21.34
CA LEU C 110 -20.13 32.60 -20.81
C LEU C 110 -18.93 32.81 -19.91
N CYS C 111 -19.03 32.34 -18.67
CA CYS C 111 -17.99 32.54 -17.66
C CYS C 111 -17.40 31.21 -17.23
N LEU C 112 -16.07 31.11 -17.27
CA LEU C 112 -15.34 29.89 -16.92
C LEU C 112 -14.60 30.14 -15.61
N VAL C 113 -14.86 29.31 -14.61
CA VAL C 113 -14.24 29.43 -13.29
C VAL C 113 -13.06 28.47 -13.20
N PHE C 114 -11.88 29.04 -12.98
CA PHE C 114 -10.63 28.27 -12.89
C PHE C 114 -10.03 28.43 -11.50
N GLU C 115 -9.16 27.48 -11.14
CA GLU C 115 -8.35 27.64 -9.94
C GLU C 115 -7.46 28.88 -10.08
N MET C 116 -7.16 29.52 -8.96
CA MET C 116 -6.28 30.68 -8.97
C MET C 116 -4.82 30.24 -9.05
N LEU C 117 -4.06 30.91 -9.91
CA LEU C 117 -2.66 30.62 -10.17
C LEU C 117 -1.85 31.91 -10.00
N SER C 118 -0.52 31.80 -10.19
CA SER C 118 0.37 32.94 -10.07
C SER C 118 0.80 33.48 -11.45
N TYR C 119 1.89 34.26 -11.46
CA TYR C 119 2.41 34.93 -12.66
C TYR C 119 2.52 34.00 -13.86
N ASN C 120 2.54 34.56 -15.07
CA ASN C 120 2.92 33.81 -16.26
C ASN C 120 4.41 33.97 -16.52
N LEU C 121 4.96 33.08 -17.36
CA LEU C 121 6.40 33.08 -17.62
C LEU C 121 6.88 34.36 -18.30
N TYR C 122 6.01 35.10 -19.01
CA TYR C 122 6.45 36.36 -19.58
C TYR C 122 6.72 37.39 -18.50
N ASP C 123 5.78 37.57 -17.58
CA ASP C 123 6.01 38.47 -16.45
C ASP C 123 7.20 38.01 -15.62
N LEU C 124 7.44 36.70 -15.58
CA LEU C 124 8.65 36.20 -14.91
C LEU C 124 9.89 36.67 -15.63
N LEU C 125 9.91 36.58 -16.97
CA LEU C 125 11.03 37.10 -17.74
C LEU C 125 11.15 38.60 -17.57
N ARG C 126 10.00 39.29 -17.56
CA ARG C 126 9.99 40.73 -17.40
C ARG C 126 10.56 41.15 -16.06
N ASN C 127 10.38 40.33 -15.01
CA ASN C 127 10.94 40.69 -13.71
C ASN C 127 12.46 40.64 -13.71
N THR C 128 13.05 39.81 -14.56
CA THR C 128 14.50 39.73 -14.69
C THR C 128 15.01 40.77 -15.67
N ASN C 129 14.19 41.77 -16.01
CA ASN C 129 14.57 42.77 -16.99
CA ASN C 129 14.54 42.78 -17.00
C ASN C 129 15.05 42.11 -18.27
N PHE C 130 14.47 40.95 -18.58
CA PHE C 130 14.75 40.18 -19.78
C PHE C 130 16.20 39.70 -19.84
N ARG C 131 16.76 39.35 -18.69
CA ARG C 131 18.07 38.71 -18.64
C ARG C 131 17.97 37.20 -18.66
N GLY C 132 16.76 36.65 -18.53
CA GLY C 132 16.54 35.22 -18.60
C GLY C 132 16.69 34.53 -17.26
N VAL C 133 16.03 33.38 -17.14
CA VAL C 133 16.12 32.56 -15.93
C VAL C 133 17.23 31.54 -16.09
N SER C 134 17.64 30.96 -14.97
CA SER C 134 18.73 29.99 -14.94
C SER C 134 18.41 28.77 -15.81
N LEU C 135 19.47 28.11 -16.26
CA LEU C 135 19.30 26.87 -17.02
C LEU C 135 18.66 25.79 -16.17
N ASN C 136 18.91 25.81 -14.85
CA ASN C 136 18.28 24.85 -13.96
C ASN C 136 16.77 25.07 -13.89
N LEU C 137 16.34 26.33 -13.80
CA LEU C 137 14.91 26.62 -13.82
C LEU C 137 14.30 26.31 -15.18
N THR C 138 15.02 26.64 -16.26
CA THR C 138 14.56 26.29 -17.60
C THR C 138 14.37 24.78 -17.72
N ARG C 139 15.30 24.00 -17.16
CA ARG C 139 15.17 22.55 -17.19
C ARG C 139 13.90 22.11 -16.49
N LYS C 140 13.59 22.71 -15.35
CA LYS C 140 12.37 22.36 -14.60
C LYS C 140 11.12 22.66 -15.44
N PHE C 141 11.07 23.82 -16.09
CA PHE C 141 9.94 24.14 -16.95
C PHE C 141 9.86 23.17 -18.12
N ALA C 142 11.00 22.83 -18.71
CA ALA C 142 11.01 21.93 -19.86
C ALA C 142 10.44 20.56 -19.49
N GLN C 143 10.89 20.00 -18.37
CA GLN C 143 10.43 18.67 -17.98
C GLN C 143 8.92 18.68 -17.72
N GLN C 144 8.42 19.71 -17.04
CA GLN C 144 7.00 19.80 -16.78
C GLN C 144 6.20 19.96 -18.08
N MET C 145 6.67 20.83 -18.96
CA MET C 145 5.98 21.04 -20.23
C MET C 145 5.98 19.78 -21.07
N CYS C 146 7.10 19.06 -21.12
CA CYS C 146 7.16 17.81 -21.86
C CYS C 146 6.21 16.78 -21.28
N THR C 147 6.04 16.78 -19.95
CA THR C 147 5.09 15.87 -19.32
C THR C 147 3.66 16.28 -19.67
N ALA C 148 3.36 17.58 -19.62
CA ALA C 148 2.05 18.06 -20.01
C ALA C 148 1.74 17.67 -21.45
N LEU C 149 2.69 17.86 -22.36
CA LEU C 149 2.47 17.49 -23.76
C LEU C 149 2.31 15.99 -23.92
N LEU C 150 3.00 15.20 -23.08
CA LEU C 150 2.79 13.75 -23.09
C LEU C 150 1.37 13.41 -22.66
N PHE C 151 0.84 14.15 -21.68
CA PHE C 151 -0.54 13.96 -21.25
C PHE C 151 -1.51 14.28 -22.37
N LEU C 152 -1.31 15.42 -23.04
CA LEU C 152 -2.21 15.80 -24.13
C LEU C 152 -2.17 14.78 -25.25
N ALA C 153 -1.04 14.10 -25.42
CA ALA C 153 -0.86 13.12 -26.50
C ALA C 153 -1.54 11.80 -26.26
N THR C 154 -2.03 11.53 -25.05
CA THR C 154 -2.71 10.27 -24.78
C THR C 154 -3.82 10.05 -25.81
N PRO C 155 -3.84 8.90 -26.50
CA PRO C 155 -4.76 8.70 -27.63
C PRO C 155 -6.19 9.16 -27.39
N GLU C 156 -6.75 8.91 -26.21
CA GLU C 156 -8.13 9.31 -25.95
C GLU C 156 -8.30 10.82 -26.03
N LEU C 157 -7.24 11.58 -25.74
CA LEU C 157 -7.31 13.04 -25.79
C LEU C 157 -6.82 13.59 -27.13
N SER C 158 -5.55 13.37 -27.44
CA SER C 158 -4.93 13.86 -28.67
C SER C 158 -5.25 15.33 -28.89
N ILE C 159 -4.97 16.15 -27.88
CA ILE C 159 -5.30 17.57 -27.90
C ILE C 159 -4.10 18.39 -28.34
N ILE C 160 -4.34 19.32 -29.25
CA ILE C 160 -3.33 20.28 -29.70
C ILE C 160 -3.67 21.63 -29.07
N HIS C 161 -2.77 22.14 -28.22
CA HIS C 161 -3.04 23.42 -27.56
C HIS C 161 -3.20 24.55 -28.57
N CYS C 162 -2.27 24.63 -29.51
CA CYS C 162 -2.29 25.56 -30.65
C CYS C 162 -1.89 26.99 -30.31
N ASP C 163 -1.61 27.32 -29.05
CA ASP C 163 -1.19 28.69 -28.74
C ASP C 163 -0.26 28.70 -27.53
N LEU C 164 0.72 27.79 -27.51
CA LEU C 164 1.70 27.81 -26.44
C LEU C 164 2.61 29.02 -26.58
N LYS C 165 2.78 29.72 -25.47
CA LYS C 165 3.64 30.90 -25.40
C LYS C 165 3.87 31.22 -23.94
N PRO C 166 4.90 32.00 -23.60
CA PRO C 166 5.13 32.33 -22.19
C PRO C 166 3.89 32.78 -21.44
N GLU C 167 3.06 33.63 -22.05
CA GLU C 167 1.87 34.14 -21.37
C GLU C 167 0.89 33.04 -20.96
N ASN C 168 0.89 31.91 -21.68
CA ASN C 168 -0.05 30.83 -21.41
C ASN C 168 0.53 29.74 -20.52
N ILE C 169 1.70 29.98 -19.92
CA ILE C 169 2.28 29.07 -18.96
C ILE C 169 2.42 29.82 -17.64
N LEU C 170 1.70 29.38 -16.61
CA LEU C 170 1.63 30.09 -15.35
C LEU C 170 2.24 29.30 -14.21
N LEU C 171 2.86 30.04 -13.29
CA LEU C 171 3.34 29.46 -12.05
C LEU C 171 2.16 29.22 -11.12
N CYS C 172 2.22 28.13 -10.36
CA CYS C 172 1.20 27.90 -9.34
C CYS C 172 1.42 28.82 -8.15
N ASN C 173 2.68 29.07 -7.80
CA ASN C 173 3.05 29.89 -6.66
C ASN C 173 4.22 30.78 -7.05
N PRO C 174 4.27 32.02 -6.56
CA PRO C 174 5.34 32.94 -6.99
C PRO C 174 6.73 32.52 -6.57
N LYS C 175 6.88 31.65 -5.56
CA LYS C 175 8.18 31.23 -5.09
C LYS C 175 8.51 29.79 -5.41
N ARG C 176 7.67 29.09 -6.17
CA ARG C 176 7.95 27.71 -6.55
C ARG C 176 7.88 27.54 -8.06
N SER C 177 8.57 26.51 -8.56
CA SER C 177 8.73 26.25 -9.99
C SER C 177 7.57 25.51 -10.62
N ALA C 178 6.54 25.11 -9.87
CA ALA C 178 5.43 24.37 -10.46
C ALA C 178 4.65 25.25 -11.42
N ILE C 179 4.29 24.69 -12.58
CA ILE C 179 3.56 25.41 -13.61
C ILE C 179 2.37 24.60 -14.10
N LYS C 180 1.43 25.32 -14.73
CA LYS C 180 0.25 24.76 -15.38
C LYS C 180 -0.06 25.54 -16.66
N ILE C 181 -0.64 24.84 -17.64
CA ILE C 181 -0.94 25.39 -18.96
C ILE C 181 -2.35 25.97 -18.97
N VAL C 182 -2.54 27.08 -19.68
CA VAL C 182 -3.83 27.78 -19.71
C VAL C 182 -4.24 28.12 -21.15
N ASP C 183 -5.48 28.61 -21.28
CA ASP C 183 -6.07 29.10 -22.52
C ASP C 183 -6.04 28.03 -23.63
N PHE C 184 -6.90 27.04 -23.44
CA PHE C 184 -7.08 25.98 -24.43
C PHE C 184 -8.19 26.31 -25.43
N GLY C 185 -8.65 27.57 -25.47
CA GLY C 185 -9.78 27.93 -26.30
C GLY C 185 -9.55 27.70 -27.78
N SER C 186 -8.36 28.04 -28.27
CA SER C 186 -8.04 27.83 -29.68
C SER C 186 -7.64 26.40 -29.96
N SER C 187 -7.57 25.57 -28.93
CA SER C 187 -7.15 24.19 -29.05
C SER C 187 -8.16 23.37 -29.83
N CYS C 188 -7.70 22.22 -30.28
CA CYS C 188 -8.55 21.28 -31.01
C CYS C 188 -8.01 19.89 -30.75
N GLN C 189 -8.80 18.89 -31.12
CA GLN C 189 -8.36 17.51 -30.99
C GLN C 189 -7.72 17.08 -32.29
N LEU C 190 -6.88 16.05 -32.20
CA LEU C 190 -6.15 15.61 -33.39
C LEU C 190 -7.08 15.34 -34.55
N GLY C 191 -8.23 14.72 -34.30
CA GLY C 191 -9.14 14.40 -35.38
C GLY C 191 -9.73 15.62 -36.04
N GLN C 192 -10.24 16.56 -35.23
CA GLN C 192 -10.93 17.74 -35.75
C GLN C 192 -10.03 18.97 -35.76
N ARG C 193 -9.74 19.48 -36.95
CA ARG C 193 -9.02 20.73 -37.15
C ARG C 193 -9.95 21.71 -37.85
N ILE C 194 -9.97 22.97 -37.40
CA ILE C 194 -10.92 23.90 -37.99
C ILE C 194 -10.30 25.24 -38.39
N TYR C 195 -9.02 25.44 -38.12
CA TYR C 195 -8.37 26.71 -38.46
C TYR C 195 -7.07 26.48 -39.24
N GLN C 196 -6.81 27.39 -40.17
CA GLN C 196 -5.58 27.42 -40.98
C GLN C 196 -4.43 28.20 -40.34
N PTR C 197 -4.74 29.43 -39.91
CA PTR C 197 -3.76 30.39 -39.39
C PTR C 197 -3.85 30.38 -37.86
O PTR C 197 -4.74 30.99 -37.28
CB PTR C 197 -4.17 31.72 -40.06
CG PTR C 197 -3.42 32.99 -39.70
CD1 PTR C 197 -3.81 33.77 -38.62
CD2 PTR C 197 -2.40 33.47 -40.51
CE1 PTR C 197 -3.17 34.97 -38.32
CE2 PTR C 197 -1.75 34.67 -40.23
CZ PTR C 197 -2.12 35.40 -39.11
OH PTR C 197 -1.52 36.54 -38.86
P PTR C 197 -0.37 36.89 -37.80
O1P PTR C 197 -0.59 36.17 -36.52
O2P PTR C 197 -0.41 38.41 -37.56
O3P PTR C 197 1.01 36.55 -38.40
N ILE C 198 -2.93 29.64 -37.25
CA ILE C 198 -2.98 29.39 -35.80
C ILE C 198 -1.62 29.57 -35.15
N GLN C 199 -1.64 29.62 -33.81
CA GLN C 199 -0.45 29.84 -32.98
C GLN C 199 -0.01 31.30 -33.05
N SER C 200 0.61 31.78 -31.98
CA SER C 200 1.16 33.13 -31.99
C SER C 200 2.40 33.17 -32.87
N ARG C 201 2.53 34.23 -33.66
CA ARG C 201 3.53 34.25 -34.73
C ARG C 201 4.91 33.83 -34.27
N PHE C 202 5.42 34.39 -33.16
CA PHE C 202 6.77 34.06 -32.74
C PHE C 202 6.93 32.56 -32.51
N TYR C 203 5.85 31.88 -32.15
CA TYR C 203 5.88 30.48 -31.75
C TYR C 203 5.20 29.58 -32.78
N ARG C 204 4.93 30.10 -33.97
CA ARG C 204 4.25 29.35 -35.01
C ARG C 204 5.21 28.40 -35.72
N SER C 205 4.75 27.17 -35.95
CA SER C 205 5.55 26.12 -36.56
C SER C 205 5.67 26.30 -38.07
N PRO C 206 6.72 25.75 -38.69
CA PRO C 206 6.85 25.86 -40.15
C PRO C 206 5.69 25.24 -40.91
N GLU C 207 5.15 24.11 -40.44
CA GLU C 207 4.04 23.48 -41.16
C GLU C 207 2.82 24.39 -41.19
N VAL C 208 2.59 25.15 -40.12
CA VAL C 208 1.48 26.11 -40.11
C VAL C 208 1.81 27.30 -40.99
N LEU C 209 3.05 27.81 -40.92
CA LEU C 209 3.46 28.89 -41.81
C LEU C 209 3.32 28.47 -43.27
N LEU C 210 3.59 27.20 -43.57
CA LEU C 210 3.54 26.66 -44.91
C LEU C 210 2.16 26.19 -45.33
N GLY C 211 1.15 26.33 -44.47
CA GLY C 211 -0.20 25.93 -44.80
C GLY C 211 -0.41 24.45 -45.00
N MET C 212 0.37 23.64 -44.32
CA MET C 212 0.32 22.19 -44.37
C MET C 212 -0.53 21.65 -43.23
N PRO C 213 -0.99 20.40 -43.30
CA PRO C 213 -1.71 19.83 -42.16
C PRO C 213 -0.78 19.71 -40.97
N TYR C 214 -1.36 19.83 -39.78
CA TYR C 214 -0.58 19.84 -38.56
C TYR C 214 -1.14 18.85 -37.54
N ASP C 215 -0.28 18.46 -36.61
CA ASP C 215 -0.65 17.53 -35.53
C ASP C 215 -0.07 18.08 -34.24
N LEU C 216 0.02 17.21 -33.23
CA LEU C 216 0.50 17.65 -31.91
C LEU C 216 1.95 18.12 -31.94
N ALA C 217 2.70 17.81 -33.00
CA ALA C 217 4.09 18.24 -33.07
C ALA C 217 4.25 19.75 -33.05
N ILE C 218 3.22 20.51 -33.43
CA ILE C 218 3.36 21.97 -33.47
C ILE C 218 3.56 22.53 -32.07
N ASP C 219 3.00 21.86 -31.04
CA ASP C 219 3.22 22.33 -29.68
C ASP C 219 4.65 22.11 -29.23
N MET C 220 5.29 21.05 -29.74
CA MET C 220 6.70 20.81 -29.40
C MET C 220 7.58 21.89 -30.01
N TRP C 221 7.25 22.36 -31.22
CA TRP C 221 7.97 23.47 -31.81
C TRP C 221 7.88 24.71 -30.93
N SER C 222 6.66 25.11 -30.57
CA SER C 222 6.48 26.27 -29.71
C SER C 222 7.28 26.12 -28.42
N LEU C 223 7.27 24.93 -27.84
CA LEU C 223 8.02 24.70 -26.61
C LEU C 223 9.50 25.00 -26.80
N GLY C 224 10.07 24.51 -27.90
CA GLY C 224 11.47 24.82 -28.19
C GLY C 224 11.73 26.32 -28.24
N CYS C 225 10.88 27.06 -28.94
CA CYS C 225 11.01 28.51 -29.00
C CYS C 225 10.91 29.11 -27.59
N ILE C 226 9.93 28.66 -26.81
CA ILE C 226 9.71 29.20 -25.48
C ILE C 226 10.92 28.97 -24.60
N LEU C 227 11.43 27.73 -24.56
CA LEU C 227 12.54 27.40 -23.68
C LEU C 227 13.76 28.26 -23.99
N VAL C 228 14.06 28.47 -25.28
CA VAL C 228 15.16 29.34 -25.65
C VAL C 228 14.90 30.77 -25.17
N GLU C 229 13.68 31.26 -25.35
CA GLU C 229 13.35 32.61 -24.89
C GLU C 229 13.45 32.70 -23.37
N MET C 230 13.06 31.65 -22.66
CA MET C 230 13.11 31.68 -21.19
C MET C 230 14.53 31.87 -20.68
N HIS C 231 15.51 31.24 -21.34
CA HIS C 231 16.89 31.33 -20.86
C HIS C 231 17.59 32.59 -21.36
N THR C 232 17.33 32.99 -22.61
CA THR C 232 17.98 34.16 -23.17
C THR C 232 17.27 35.47 -22.83
N GLY C 233 15.97 35.43 -22.61
CA GLY C 233 15.21 36.63 -22.30
C GLY C 233 14.59 37.32 -23.48
N GLU C 234 14.83 36.85 -24.70
CA GLU C 234 14.27 37.45 -25.90
CA GLU C 234 14.28 37.46 -25.91
C GLU C 234 13.76 36.38 -26.84
N PRO C 235 12.71 36.67 -27.62
CA PRO C 235 12.17 35.67 -28.53
C PRO C 235 13.20 35.19 -29.54
N LEU C 236 13.20 33.88 -29.79
CA LEU C 236 14.14 33.29 -30.74
C LEU C 236 13.84 33.75 -32.16
N PHE C 237 12.57 33.72 -32.56
CA PHE C 237 12.15 34.10 -33.91
C PHE C 237 11.08 35.19 -33.77
N SER C 238 11.52 36.44 -33.68
CA SER C 238 10.63 37.58 -33.47
C SER C 238 10.26 38.21 -34.81
N GLY C 239 9.33 37.56 -35.51
CA GLY C 239 8.93 38.01 -36.83
C GLY C 239 7.76 39.00 -36.79
N ALA C 240 7.87 40.03 -37.63
CA ALA C 240 6.81 41.04 -37.72
C ALA C 240 5.63 40.56 -38.55
N ASN C 241 5.84 39.59 -39.44
CA ASN C 241 4.80 39.00 -40.26
C ASN C 241 5.28 37.61 -40.66
N GLU C 242 4.41 36.87 -41.37
CA GLU C 242 4.76 35.50 -41.71
C GLU C 242 6.04 35.43 -42.54
N VAL C 243 6.21 36.32 -43.51
CA VAL C 243 7.43 36.29 -44.32
C VAL C 243 8.65 36.56 -43.46
N ASP C 244 8.57 37.56 -42.58
CA ASP C 244 9.66 37.85 -41.67
C ASP C 244 9.91 36.69 -40.72
N GLN C 245 8.82 36.07 -40.24
CA GLN C 245 8.94 34.92 -39.34
C GLN C 245 9.70 33.77 -39.99
N MET C 246 9.30 33.38 -41.20
CA MET C 246 9.97 32.26 -41.87
C MET C 246 11.45 32.56 -42.10
N ASN C 247 11.77 33.78 -42.55
CA ASN C 247 13.17 34.13 -42.79
C ASN C 247 13.98 34.08 -41.50
N LYS C 248 13.39 34.50 -40.38
CA LYS C 248 14.12 34.44 -39.11
C LYS C 248 14.38 33.00 -38.69
N ILE C 249 13.45 32.10 -39.00
CA ILE C 249 13.67 30.68 -38.75
C ILE C 249 14.79 30.16 -39.65
N VAL C 250 14.78 30.57 -40.93
CA VAL C 250 15.79 30.13 -41.88
C VAL C 250 17.17 30.61 -41.48
N GLU C 251 17.27 31.80 -40.88
CA GLU C 251 18.56 32.29 -40.41
C GLU C 251 19.24 31.27 -39.51
N VAL C 252 18.46 30.56 -38.70
CA VAL C 252 18.99 29.65 -37.70
C VAL C 252 19.05 28.21 -38.21
N LEU C 253 17.99 27.75 -38.87
CA LEU C 253 17.86 26.34 -39.24
C LEU C 253 18.10 26.06 -40.71
N GLY C 254 18.32 27.09 -41.53
CA GLY C 254 18.54 26.88 -42.95
C GLY C 254 17.25 26.69 -43.74
N ILE C 255 17.41 26.38 -45.01
CA ILE C 255 16.26 26.14 -45.89
C ILE C 255 15.57 24.85 -45.47
N PRO C 256 14.24 24.82 -45.37
CA PRO C 256 13.57 23.57 -45.01
C PRO C 256 13.81 22.52 -46.07
N PRO C 257 13.75 21.24 -45.69
CA PRO C 257 14.02 20.15 -46.65
C PRO C 257 13.06 20.16 -47.84
N ALA C 258 13.57 19.71 -48.98
CA ALA C 258 12.79 19.70 -50.22
C ALA C 258 11.53 18.85 -50.10
N HIS C 259 11.63 17.69 -49.44
CA HIS C 259 10.46 16.81 -49.37
C HIS C 259 9.31 17.49 -48.64
N ILE C 260 9.60 18.44 -47.77
CA ILE C 260 8.56 19.21 -47.11
C ILE C 260 8.03 20.30 -48.04
N LEU C 261 8.94 21.12 -48.58
CA LEU C 261 8.53 22.22 -49.46
C LEU C 261 7.78 21.71 -50.68
N ASP C 262 8.13 20.52 -51.19
CA ASP C 262 7.42 19.97 -52.33
C ASP C 262 5.96 19.69 -52.03
N GLN C 263 5.60 19.58 -50.75
CA GLN C 263 4.22 19.31 -50.33
C GLN C 263 3.56 20.50 -49.66
N ALA C 264 4.25 21.64 -49.56
CA ALA C 264 3.74 22.80 -48.82
C ALA C 264 2.93 23.70 -49.74
N PRO C 265 1.64 23.89 -49.48
CA PRO C 265 0.85 24.80 -50.34
C PRO C 265 1.38 26.23 -50.38
N LYS C 266 1.94 26.73 -49.28
CA LYS C 266 2.42 28.10 -49.19
C LYS C 266 3.93 28.21 -49.36
N ALA C 267 4.57 27.17 -49.90
CA ALA C 267 6.02 27.20 -50.08
C ALA C 267 6.47 28.42 -50.86
N ARG C 268 5.74 28.78 -51.92
CA ARG C 268 6.14 29.88 -52.78
C ARG C 268 5.81 31.26 -52.19
N LYS C 269 5.22 31.30 -50.98
CA LYS C 269 5.11 32.56 -50.28
C LYS C 269 6.46 33.01 -49.74
N PHE C 270 7.35 32.06 -49.48
CA PHE C 270 8.68 32.33 -48.92
C PHE C 270 9.83 31.87 -49.80
N PHE C 271 9.67 30.81 -50.57
CA PHE C 271 10.76 30.16 -51.28
C PHE C 271 10.45 30.05 -52.77
N GLU C 272 11.48 29.69 -53.55
CA GLU C 272 11.32 29.41 -54.97
C GLU C 272 12.16 28.19 -55.34
N LYS C 273 11.64 27.40 -56.27
CA LYS C 273 12.27 26.15 -56.68
C LYS C 273 13.16 26.39 -57.89
N LEU C 274 14.44 26.05 -57.76
CA LEU C 274 15.39 26.22 -58.85
C LEU C 274 15.21 25.14 -59.90
N PRO C 275 15.75 25.35 -61.11
CA PRO C 275 15.62 24.32 -62.16
C PRO C 275 16.12 22.95 -61.72
N ASP C 276 17.26 22.90 -61.02
CA ASP C 276 17.81 21.65 -60.52
C ASP C 276 16.99 21.03 -59.38
N GLY C 277 15.78 21.54 -59.11
CA GLY C 277 14.89 20.97 -58.13
C GLY C 277 15.13 21.37 -56.69
N THR C 278 16.22 22.10 -56.40
CA THR C 278 16.47 22.56 -55.04
C THR C 278 15.70 23.84 -54.76
N TRP C 279 15.49 24.11 -53.47
CA TRP C 279 14.74 25.28 -53.02
C TRP C 279 15.70 26.31 -52.45
N ASN C 280 15.33 27.58 -52.64
CA ASN C 280 16.05 28.71 -52.08
C ASN C 280 15.02 29.76 -51.66
N LEU C 281 15.47 30.70 -50.84
CA LEU C 281 14.59 31.81 -50.46
C LEU C 281 14.24 32.62 -51.70
N LYS C 282 13.07 33.25 -51.68
CA LYS C 282 12.68 34.06 -52.82
C LYS C 282 13.71 35.16 -53.05
N LYS C 283 13.94 35.48 -54.33
CA LYS C 283 14.96 36.46 -54.66
C LYS C 283 14.63 37.82 -54.05
N THR C 284 15.67 38.52 -53.60
CA THR C 284 15.56 39.83 -52.99
C THR C 284 16.09 40.88 -53.95
N LYS C 285 15.27 41.89 -54.20
CA LYS C 285 15.54 42.88 -55.23
C LYS C 285 16.66 43.85 -54.85
N ASP C 286 17.42 44.28 -55.87
CA ASP C 286 18.37 45.40 -55.75
C ASP C 286 19.47 45.17 -54.72
N GLY C 287 19.88 43.92 -54.51
CA GLY C 287 20.97 43.66 -53.60
C GLY C 287 20.79 44.23 -52.21
N LYS C 288 19.58 44.15 -51.68
CA LYS C 288 19.29 44.57 -50.31
C LYS C 288 19.33 43.34 -49.43
N ARG C 289 20.09 43.40 -48.34
CA ARG C 289 20.25 42.28 -47.42
C ARG C 289 19.66 42.65 -46.06
N GLU C 290 18.70 41.85 -45.60
CA GLU C 290 18.05 42.08 -44.33
C GLU C 290 18.26 40.94 -43.34
N TYR C 291 18.70 39.77 -43.80
CA TYR C 291 18.85 38.59 -42.96
C TYR C 291 20.22 37.96 -43.13
N LYS C 292 20.65 37.27 -42.08
CA LYS C 292 21.88 36.49 -42.15
C LYS C 292 21.69 35.30 -43.09
N PRO C 293 22.75 34.89 -43.78
CA PRO C 293 22.61 33.77 -44.73
C PRO C 293 22.01 32.55 -44.08
N PRO C 294 21.26 31.74 -44.82
CA PRO C 294 20.58 30.58 -44.23
C PRO C 294 21.52 29.73 -43.38
N GLY C 295 21.09 29.46 -42.15
CA GLY C 295 21.80 28.59 -41.23
C GLY C 295 23.02 29.19 -40.55
N THR C 296 23.31 30.47 -40.75
CA THR C 296 24.50 31.07 -40.15
C THR C 296 24.27 31.66 -38.77
N ARG C 297 23.02 31.88 -38.36
CA ARG C 297 22.74 32.37 -37.01
C ARG C 297 22.66 31.15 -36.09
N LYS C 298 23.81 30.76 -35.58
CA LYS C 298 23.92 29.51 -34.84
C LYS C 298 23.32 29.60 -33.44
N LEU C 299 22.50 28.61 -33.11
CA LEU C 299 21.98 28.49 -31.75
C LEU C 299 23.12 28.32 -30.76
N HIS C 300 24.23 27.75 -31.21
CA HIS C 300 25.43 27.61 -30.39
C HIS C 300 25.86 28.95 -29.80
N ASN C 301 25.73 30.03 -30.58
CA ASN C 301 26.11 31.37 -30.14
C ASN C 301 24.97 32.07 -29.41
N ILE C 302 23.73 31.84 -29.83
CA ILE C 302 22.58 32.44 -29.16
C ILE C 302 22.57 32.04 -27.69
N LEU C 303 22.85 30.77 -27.40
CA LEU C 303 22.88 30.27 -26.03
C LEU C 303 24.20 30.58 -25.32
N GLY C 304 25.25 30.93 -26.06
CA GLY C 304 26.56 31.14 -25.47
C GLY C 304 27.12 29.87 -24.86
N VAL C 305 27.03 28.77 -25.61
CA VAL C 305 27.46 27.47 -25.12
C VAL C 305 28.86 27.55 -24.51
N GLU C 306 29.82 28.10 -25.27
CA GLU C 306 31.21 28.14 -24.84
C GLU C 306 31.66 29.54 -24.42
N THR C 307 30.73 30.49 -24.27
CA THR C 307 31.06 31.86 -23.90
C THR C 307 30.31 32.30 -22.65
N GLY C 308 29.96 31.36 -21.77
CA GLY C 308 29.33 31.70 -20.52
C GLY C 308 27.86 32.06 -20.60
N GLY C 309 27.10 31.39 -21.45
CA GLY C 309 25.67 31.59 -21.54
C GLY C 309 25.25 32.84 -22.29
N PRO C 310 23.94 33.10 -22.34
CA PRO C 310 23.44 34.26 -23.07
C PRO C 310 24.07 35.56 -22.59
N GLY C 311 24.76 36.23 -23.50
CA GLY C 311 25.42 37.48 -23.18
C GLY C 311 26.54 37.34 -22.17
N GLY C 312 27.06 36.13 -21.98
CA GLY C 312 28.09 35.90 -21.00
C GLY C 312 27.64 36.09 -19.57
N ARG C 313 26.34 36.27 -19.34
CA ARG C 313 25.82 36.57 -18.01
C ARG C 313 25.96 35.41 -17.03
N ARG C 314 26.11 34.19 -17.53
CA ARG C 314 26.19 32.99 -16.69
C ARG C 314 27.62 32.48 -16.54
N ALA C 315 28.62 33.30 -16.87
CA ALA C 315 30.01 32.87 -16.78
C ALA C 315 30.40 32.60 -15.33
N GLY C 316 31.00 31.43 -15.11
CA GLY C 316 31.45 31.05 -13.78
C GLY C 316 30.35 30.73 -12.79
N GLU C 317 29.20 30.25 -13.28
CA GLU C 317 28.10 29.87 -12.41
C GLU C 317 27.93 28.35 -12.43
N SER C 318 27.54 27.79 -11.29
CA SER C 318 27.37 26.35 -11.21
C SER C 318 26.14 25.91 -11.99
N GLY C 319 26.22 24.72 -12.58
CA GLY C 319 25.13 24.20 -13.37
C GLY C 319 25.02 24.81 -14.76
N HIS C 320 26.00 25.62 -15.16
CA HIS C 320 26.01 26.30 -16.45
C HIS C 320 27.19 25.83 -17.29
N THR C 321 27.58 24.58 -17.09
CA THR C 321 28.74 24.02 -17.78
C THR C 321 28.45 23.86 -19.27
N VAL C 322 29.55 23.79 -20.05
CA VAL C 322 29.40 23.58 -21.48
C VAL C 322 28.66 22.27 -21.74
N ALA C 323 28.96 21.24 -20.96
CA ALA C 323 28.23 19.98 -21.09
C ALA C 323 26.73 20.18 -20.92
N ASP C 324 26.33 21.01 -19.96
CA ASP C 324 24.90 21.30 -19.79
C ASP C 324 24.35 21.99 -21.03
N TYR C 325 25.05 23.00 -21.52
CA TYR C 325 24.56 23.75 -22.68
C TYR C 325 24.51 22.88 -23.93
N LEU C 326 25.49 21.99 -24.11
CA LEU C 326 25.48 21.13 -25.30
C LEU C 326 24.29 20.18 -25.27
N LYS C 327 23.88 19.73 -24.08
CA LYS C 327 22.68 18.91 -23.96
C LYS C 327 21.44 19.73 -24.25
N PHE C 328 21.34 20.91 -23.63
CA PHE C 328 20.22 21.82 -23.87
C PHE C 328 20.08 22.12 -25.36
N LYS C 329 21.19 22.48 -26.01
CA LYS C 329 21.14 22.78 -27.43
C LYS C 329 20.62 21.60 -28.25
N ASP C 330 21.11 20.39 -27.96
CA ASP C 330 20.67 19.22 -28.70
C ASP C 330 19.17 19.01 -28.57
N LEU C 331 18.63 19.15 -27.36
CA LEU C 331 17.20 18.98 -27.15
C LEU C 331 16.42 20.03 -27.93
N ILE C 332 16.82 21.30 -27.82
CA ILE C 332 16.14 22.36 -28.55
C ILE C 332 16.13 22.07 -30.05
N LEU C 333 17.29 21.71 -30.61
CA LEU C 333 17.36 21.43 -32.03
C LEU C 333 16.49 20.23 -32.41
N ARG C 334 16.35 19.26 -31.50
CA ARG C 334 15.41 18.16 -31.74
C ARG C 334 13.97 18.65 -31.68
N MET C 335 13.68 19.66 -30.85
CA MET C 335 12.35 20.23 -30.81
C MET C 335 12.07 21.11 -32.02
N LEU C 336 13.11 21.71 -32.61
CA LEU C 336 12.98 22.61 -33.74
C LEU C 336 13.23 21.91 -35.07
N ASP C 337 13.00 20.59 -35.12
CA ASP C 337 13.12 19.85 -36.36
C ASP C 337 12.07 20.34 -37.35
N TYR C 338 12.51 20.58 -38.59
CA TYR C 338 11.56 21.03 -39.62
C TYR C 338 10.50 19.97 -39.88
N ASP C 339 10.90 18.70 -39.86
CA ASP C 339 10.03 17.58 -40.18
C ASP C 339 9.20 17.18 -38.95
N PRO C 340 7.89 17.36 -38.98
CA PRO C 340 7.08 16.96 -37.82
C PRO C 340 7.08 15.46 -37.57
N LYS C 341 7.38 14.64 -38.59
CA LYS C 341 7.42 13.20 -38.39
C LYS C 341 8.64 12.78 -37.57
N THR C 342 9.75 13.50 -37.69
CA THR C 342 10.98 13.19 -36.97
C THR C 342 11.23 14.14 -35.80
N ARG C 343 10.40 15.15 -35.62
CA ARG C 343 10.56 16.04 -34.47
C ARG C 343 10.33 15.27 -33.18
N ILE C 344 11.24 15.46 -32.22
CA ILE C 344 11.19 14.72 -30.97
C ILE C 344 9.79 14.78 -30.37
N GLN C 345 9.31 13.62 -29.87
CA GLN C 345 8.03 13.43 -29.22
C GLN C 345 8.19 13.47 -27.71
N PRO C 346 7.15 13.88 -26.98
CA PRO C 346 7.29 14.07 -25.51
C PRO C 346 7.91 12.89 -24.78
N TYR C 347 7.42 11.67 -25.02
CA TYR C 347 7.94 10.49 -24.32
C TYR C 347 9.46 10.42 -24.43
N TYR C 348 9.99 10.57 -25.65
CA TYR C 348 11.44 10.48 -25.86
C TYR C 348 12.18 11.72 -25.40
N ALA C 349 11.55 12.89 -25.49
CA ALA C 349 12.18 14.11 -24.98
C ALA C 349 12.47 13.99 -23.49
N LEU C 350 11.56 13.37 -22.75
CA LEU C 350 11.74 13.20 -21.31
C LEU C 350 12.91 12.28 -20.97
N GLN C 351 13.32 11.42 -21.91
CA GLN C 351 14.48 10.55 -21.71
C GLN C 351 15.79 11.20 -22.13
N HIS C 352 15.75 12.45 -22.59
CA HIS C 352 16.94 13.13 -23.08
C HIS C 352 17.93 13.38 -21.95
N SER C 353 19.23 13.28 -22.29
CA SER C 353 20.29 13.47 -21.30
C SER C 353 20.21 14.82 -20.60
N PHE C 354 19.57 15.82 -21.20
CA PHE C 354 19.40 17.11 -20.56
C PHE C 354 18.72 16.98 -19.20
N PHE C 355 17.86 15.97 -19.03
CA PHE C 355 17.12 15.77 -17.79
C PHE C 355 17.78 14.77 -16.84
N LYS C 356 18.87 14.13 -17.24
CA LYS C 356 19.52 13.12 -16.40
C LYS C 356 19.98 13.72 -15.06
N LYS C 357 19.68 13.00 -13.98
CA LYS C 357 20.07 13.41 -12.64
C LYS C 357 21.56 13.11 -12.41
N LYS D 10 -16.30 -33.79 -33.03
CA LYS D 10 -16.15 -35.17 -32.59
C LYS D 10 -16.41 -35.28 -31.08
N VAL D 11 -17.11 -36.34 -30.67
CA VAL D 11 -17.52 -36.52 -29.29
C VAL D 11 -16.52 -37.42 -28.58
N TYR D 12 -15.88 -36.90 -27.53
CA TYR D 12 -14.88 -37.63 -26.76
C TYR D 12 -15.43 -37.96 -25.37
N ASN D 13 -15.40 -39.25 -25.02
CA ASN D 13 -15.86 -39.73 -23.71
C ASN D 13 -17.21 -39.12 -23.34
N ASP D 14 -18.17 -39.25 -24.26
CA ASP D 14 -19.53 -38.76 -24.05
C ASP D 14 -19.55 -37.28 -23.66
N GLY D 15 -18.54 -36.53 -24.14
CA GLY D 15 -18.48 -35.10 -23.92
C GLY D 15 -17.67 -34.64 -22.74
N TYR D 16 -17.22 -35.55 -21.87
CA TYR D 16 -16.45 -35.16 -20.70
C TYR D 16 -14.99 -34.86 -21.01
N ASP D 17 -14.45 -35.35 -22.13
CA ASP D 17 -13.05 -35.20 -22.47
C ASP D 17 -12.86 -34.23 -23.63
N ASP D 18 -11.66 -33.67 -23.72
CA ASP D 18 -11.25 -32.90 -24.90
C ASP D 18 -10.56 -33.84 -25.90
N ASP D 19 -10.08 -33.28 -27.01
CA ASP D 19 -9.47 -34.09 -28.05
C ASP D 19 -8.09 -34.64 -27.66
N ASN D 20 -7.55 -34.25 -26.51
CA ASN D 20 -6.26 -34.76 -26.07
C ASN D 20 -6.37 -35.74 -24.90
N TYR D 21 -7.54 -36.37 -24.74
CA TYR D 21 -7.84 -37.35 -23.71
C TYR D 21 -7.87 -36.77 -22.30
N ASP D 22 -7.83 -35.44 -22.17
CA ASP D 22 -7.88 -34.79 -20.86
C ASP D 22 -9.34 -34.56 -20.45
N TYR D 23 -9.59 -34.61 -19.14
CA TYR D 23 -10.92 -34.31 -18.63
C TYR D 23 -11.15 -32.81 -18.70
N ILE D 24 -12.30 -32.41 -19.25
CA ILE D 24 -12.66 -31.01 -19.35
C ILE D 24 -13.00 -30.49 -17.96
N VAL D 25 -12.04 -29.82 -17.32
CA VAL D 25 -12.20 -29.35 -15.96
C VAL D 25 -13.24 -28.24 -15.92
N LYS D 26 -14.19 -28.34 -14.99
CA LYS D 26 -15.21 -27.32 -14.79
C LYS D 26 -15.15 -26.89 -13.32
N ASN D 27 -14.76 -25.64 -13.10
CA ASN D 27 -14.65 -25.12 -11.73
C ASN D 27 -16.01 -25.14 -11.05
N GLY D 28 -16.01 -25.55 -9.79
CA GLY D 28 -17.24 -25.65 -9.02
C GLY D 28 -17.94 -26.99 -9.10
N GLU D 29 -17.42 -27.93 -9.87
CA GLU D 29 -18.04 -29.24 -9.99
C GLU D 29 -17.84 -30.05 -8.71
N LYS D 30 -18.85 -30.84 -8.35
CA LYS D 30 -18.80 -31.70 -7.17
C LYS D 30 -18.78 -33.16 -7.60
N TRP D 31 -17.80 -33.90 -7.10
CA TRP D 31 -17.60 -35.30 -7.47
C TRP D 31 -17.97 -36.22 -6.30
N MET D 32 -18.88 -37.16 -6.56
CA MET D 32 -19.22 -38.22 -5.61
C MET D 32 -19.53 -37.67 -4.21
N ASP D 33 -20.16 -36.51 -4.17
CA ASP D 33 -20.59 -35.88 -2.93
C ASP D 33 -19.42 -35.78 -1.93
N ARG D 34 -18.22 -35.48 -2.44
CA ARG D 34 -17.07 -35.36 -1.56
C ARG D 34 -16.13 -34.24 -1.97
N TYR D 35 -15.55 -34.35 -3.16
CA TYR D 35 -14.56 -33.40 -3.64
C TYR D 35 -15.20 -32.29 -4.45
N GLU D 36 -14.87 -31.04 -4.11
CA GLU D 36 -15.34 -29.87 -4.84
C GLU D 36 -14.18 -29.31 -5.65
N ILE D 37 -14.29 -29.37 -6.98
CA ILE D 37 -13.21 -28.95 -7.85
C ILE D 37 -13.12 -27.44 -7.86
N ASP D 38 -11.98 -26.90 -7.41
CA ASP D 38 -11.79 -25.45 -7.40
C ASP D 38 -11.25 -24.94 -8.74
N SER D 39 -10.08 -25.42 -9.15
CA SER D 39 -9.46 -24.90 -10.35
C SER D 39 -8.35 -25.85 -10.81
N LEU D 40 -7.86 -25.59 -12.01
CA LEU D 40 -6.75 -26.35 -12.57
C LEU D 40 -5.43 -25.82 -12.04
N ILE D 41 -4.61 -26.70 -11.49
CA ILE D 41 -3.28 -26.31 -11.00
C ILE D 41 -2.23 -26.41 -12.10
N GLY D 42 -2.22 -27.53 -12.81
CA GLY D 42 -1.23 -27.72 -13.85
C GLY D 42 -1.65 -28.77 -14.85
N LYS D 43 -1.00 -28.73 -16.01
CA LYS D 43 -1.21 -29.68 -17.08
C LYS D 43 0.11 -30.36 -17.37
N GLY D 44 0.04 -31.67 -17.66
CA GLY D 44 1.23 -32.44 -17.94
C GLY D 44 0.92 -33.52 -18.96
N SER D 45 1.97 -34.26 -19.34
CA SER D 45 1.78 -35.37 -20.25
C SER D 45 0.83 -36.41 -19.68
N PHE D 46 0.95 -36.68 -18.37
CA PHE D 46 0.07 -37.64 -17.71
C PHE D 46 -1.38 -37.18 -17.73
N GLY D 47 -1.62 -35.89 -17.54
CA GLY D 47 -2.97 -35.37 -17.41
C GLY D 47 -2.92 -34.03 -16.68
N GLN D 48 -4.00 -33.73 -15.96
CA GLN D 48 -4.13 -32.47 -15.25
C GLN D 48 -4.20 -32.70 -13.74
N VAL D 49 -3.67 -31.73 -13.01
CA VAL D 49 -3.76 -31.68 -11.54
C VAL D 49 -4.68 -30.52 -11.19
N VAL D 50 -5.68 -30.78 -10.36
CA VAL D 50 -6.65 -29.77 -9.99
C VAL D 50 -6.65 -29.59 -8.48
N LYS D 51 -7.04 -28.39 -8.06
CA LYS D 51 -7.22 -28.08 -6.65
C LYS D 51 -8.66 -28.39 -6.28
N ALA D 52 -8.85 -29.11 -5.17
CA ALA D 52 -10.19 -29.52 -4.77
C ALA D 52 -10.29 -29.54 -3.27
N TYR D 53 -11.51 -29.36 -2.78
CA TYR D 53 -11.79 -29.43 -1.35
C TYR D 53 -12.42 -30.77 -1.02
N ASP D 54 -11.85 -31.46 -0.04
CA ASP D 54 -12.36 -32.75 0.43
C ASP D 54 -13.34 -32.47 1.57
N ARG D 55 -14.63 -32.63 1.28
CA ARG D 55 -15.67 -32.32 2.26
C ARG D 55 -15.56 -33.16 3.53
N VAL D 56 -14.85 -34.30 3.48
CA VAL D 56 -14.81 -35.25 4.59
C VAL D 56 -13.60 -34.96 5.47
N GLU D 57 -12.40 -35.00 4.89
CA GLU D 57 -11.18 -34.68 5.63
C GLU D 57 -11.12 -33.20 5.97
N GLN D 58 -12.02 -32.40 5.39
CA GLN D 58 -12.06 -30.96 5.64
C GLN D 58 -10.69 -30.34 5.36
N GLU D 59 -10.20 -30.56 4.14
CA GLU D 59 -8.87 -30.09 3.77
C GLU D 59 -8.82 -29.95 2.26
N TRP D 60 -7.88 -29.13 1.80
CA TRP D 60 -7.65 -28.94 0.37
C TRP D 60 -6.72 -30.03 -0.13
N VAL D 61 -7.04 -30.59 -1.29
CA VAL D 61 -6.26 -31.67 -1.87
C VAL D 61 -5.96 -31.34 -3.32
N ALA D 62 -4.93 -32.02 -3.85
CA ALA D 62 -4.57 -31.95 -5.26
C ALA D 62 -4.93 -33.29 -5.88
N ILE D 63 -5.76 -33.25 -6.92
CA ILE D 63 -6.23 -34.46 -7.59
C ILE D 63 -5.60 -34.50 -8.98
N LYS D 64 -4.80 -35.53 -9.22
CA LYS D 64 -4.19 -35.75 -10.53
C LYS D 64 -5.14 -36.58 -11.38
N ILE D 65 -5.69 -35.97 -12.43
CA ILE D 65 -6.64 -36.63 -13.31
C ILE D 65 -5.85 -37.21 -14.48
N ILE D 66 -5.65 -38.52 -14.47
CA ILE D 66 -4.88 -39.17 -15.53
C ILE D 66 -5.69 -39.16 -16.82
N LYS D 67 -4.99 -39.00 -17.94
CA LYS D 67 -5.64 -39.00 -19.25
C LYS D 67 -6.42 -40.29 -19.45
N ASN D 68 -7.56 -40.18 -20.15
CA ASN D 68 -8.38 -41.34 -20.49
C ASN D 68 -7.80 -42.02 -21.73
N LYS D 69 -6.66 -42.69 -21.53
CA LYS D 69 -6.00 -43.45 -22.59
C LYS D 69 -5.20 -44.58 -21.95
N LYS D 70 -5.40 -45.79 -22.48
CA LYS D 70 -4.79 -46.99 -21.91
C LYS D 70 -3.32 -46.79 -21.51
N ALA D 71 -2.51 -46.24 -22.42
CA ALA D 71 -1.08 -46.12 -22.15
C ALA D 71 -0.80 -45.29 -20.91
N PHE D 72 -1.54 -44.20 -20.73
CA PHE D 72 -1.33 -43.34 -19.56
C PHE D 72 -1.92 -43.96 -18.31
N LEU D 73 -3.09 -44.59 -18.44
CA LEU D 73 -3.69 -45.29 -17.31
C LEU D 73 -2.76 -46.39 -16.80
N ASN D 74 -2.26 -47.24 -17.71
CA ASN D 74 -1.40 -48.35 -17.30
C ASN D 74 -0.13 -47.85 -16.62
N GLN D 75 0.42 -46.73 -17.09
CA GLN D 75 1.62 -46.18 -16.44
C GLN D 75 1.26 -45.57 -15.09
N ALA D 76 0.10 -44.91 -15.00
CA ALA D 76 -0.31 -44.33 -13.74
C ALA D 76 -0.56 -45.40 -12.69
N GLN D 77 -0.96 -46.60 -13.12
CA GLN D 77 -1.12 -47.69 -12.16
C GLN D 77 0.21 -48.06 -11.53
N ILE D 78 1.31 -47.91 -12.29
CA ILE D 78 2.63 -48.15 -11.73
C ILE D 78 2.97 -47.07 -10.71
N GLU D 79 2.71 -45.80 -11.05
CA GLU D 79 2.93 -44.73 -10.08
C GLU D 79 2.19 -45.02 -8.78
N VAL D 80 0.94 -45.47 -8.88
CA VAL D 80 0.19 -45.82 -7.67
C VAL D 80 0.90 -46.94 -6.90
N ARG D 81 1.26 -48.02 -7.60
CA ARG D 81 1.93 -49.13 -6.94
C ARG D 81 3.17 -48.64 -6.19
N LEU D 82 3.97 -47.81 -6.83
CA LEU D 82 5.21 -47.34 -6.20
C LEU D 82 4.91 -46.42 -5.04
N LEU D 83 3.95 -45.50 -5.21
CA LEU D 83 3.62 -44.59 -4.12
C LEU D 83 3.13 -45.35 -2.89
N GLU D 84 2.24 -46.32 -3.10
CA GLU D 84 1.73 -47.10 -1.98
C GLU D 84 2.84 -47.90 -1.32
N LEU D 85 3.78 -48.40 -2.12
CA LEU D 85 4.91 -49.14 -1.58
C LEU D 85 5.80 -48.24 -0.72
N MET D 86 6.03 -47.01 -1.17
CA MET D 86 6.84 -46.08 -0.39
C MET D 86 6.12 -45.60 0.86
N ASN D 87 4.85 -45.22 0.75
CA ASN D 87 4.15 -44.69 1.91
C ASN D 87 3.98 -45.76 3.00
N LYS D 88 3.79 -47.02 2.59
CA LYS D 88 3.65 -48.10 3.56
C LYS D 88 4.93 -48.35 4.32
N HIS D 89 6.08 -48.17 3.66
CA HIS D 89 7.38 -48.30 4.31
C HIS D 89 7.49 -47.35 5.50
N ASP D 90 8.13 -47.82 6.58
CA ASP D 90 8.26 -47.04 7.81
C ASP D 90 9.67 -46.51 7.98
N THR D 91 9.82 -45.19 7.91
CA THR D 91 11.04 -44.46 8.18
C THR D 91 10.67 -42.99 8.15
N GLU D 92 11.45 -42.18 8.85
CA GLU D 92 11.25 -40.74 8.75
C GLU D 92 11.55 -40.24 7.35
N MET D 93 12.38 -40.98 6.61
CA MET D 93 12.76 -40.62 5.26
C MET D 93 11.58 -40.61 4.30
N LYS D 94 10.60 -41.51 4.51
CA LYS D 94 9.47 -41.60 3.59
C LYS D 94 8.70 -40.29 3.46
N TYR D 95 8.87 -39.37 4.41
CA TYR D 95 8.18 -38.09 4.39
C TYR D 95 8.84 -37.06 3.48
N TYR D 96 9.75 -37.48 2.60
CA TYR D 96 10.28 -36.64 1.55
C TYR D 96 9.60 -36.93 0.22
N ILE D 97 8.74 -37.93 0.17
CA ILE D 97 7.97 -38.29 -1.01
C ILE D 97 6.52 -37.89 -0.79
N VAL D 98 5.91 -37.28 -1.81
CA VAL D 98 4.54 -36.82 -1.70
C VAL D 98 3.63 -37.97 -1.30
N HIS D 99 2.62 -37.67 -0.48
CA HIS D 99 1.71 -38.68 0.06
C HIS D 99 0.49 -38.83 -0.83
N LEU D 100 0.23 -40.06 -1.28
CA LEU D 100 -0.98 -40.40 -2.01
C LEU D 100 -2.04 -40.84 -1.01
N LYS D 101 -3.08 -40.03 -0.85
CA LYS D 101 -4.12 -40.35 0.12
C LYS D 101 -4.99 -41.52 -0.37
N ARG D 102 -5.52 -41.41 -1.59
CA ARG D 102 -6.36 -42.46 -2.16
C ARG D 102 -6.47 -42.22 -3.66
N HIS D 103 -7.07 -43.18 -4.35
CA HIS D 103 -7.33 -43.07 -5.77
C HIS D 103 -8.70 -43.64 -6.09
N PHE D 104 -9.23 -43.25 -7.24
CA PHE D 104 -10.54 -43.71 -7.67
C PHE D 104 -10.69 -43.48 -9.16
N MET D 105 -11.62 -44.22 -9.77
CA MET D 105 -12.00 -44.04 -11.15
C MET D 105 -13.22 -43.12 -11.19
N PHE D 106 -13.20 -42.14 -12.09
CA PHE D 106 -14.32 -41.21 -12.21
C PHE D 106 -14.45 -40.80 -13.67
N ARG D 107 -15.62 -41.08 -14.26
CA ARG D 107 -15.88 -40.75 -15.66
C ARG D 107 -14.74 -41.24 -16.55
N ASN D 108 -14.28 -42.46 -16.27
CA ASN D 108 -13.26 -43.18 -17.02
C ASN D 108 -11.86 -42.56 -16.91
N HIS D 109 -11.61 -41.80 -15.84
CA HIS D 109 -10.29 -41.25 -15.56
C HIS D 109 -9.82 -41.79 -14.21
N LEU D 110 -8.57 -42.25 -14.16
CA LEU D 110 -7.96 -42.60 -12.89
C LEU D 110 -7.56 -41.31 -12.20
N CYS D 111 -8.03 -41.12 -10.96
CA CYS D 111 -7.77 -39.90 -10.22
C CYS D 111 -6.98 -40.24 -8.96
N LEU D 112 -5.88 -39.51 -8.78
CA LEU D 112 -4.98 -39.70 -7.65
C LEU D 112 -5.11 -38.49 -6.73
N VAL D 113 -5.49 -38.72 -5.48
CA VAL D 113 -5.68 -37.65 -4.51
C VAL D 113 -4.42 -37.52 -3.67
N PHE D 114 -3.79 -36.34 -3.74
CA PHE D 114 -2.55 -36.05 -3.03
C PHE D 114 -2.77 -34.96 -2.00
N GLU D 115 -1.86 -34.93 -1.01
CA GLU D 115 -1.79 -33.80 -0.11
C GLU D 115 -1.47 -32.54 -0.90
N MET D 116 -1.97 -31.41 -0.41
CA MET D 116 -1.70 -30.13 -1.05
C MET D 116 -0.30 -29.65 -0.69
N LEU D 117 0.41 -29.16 -1.70
CA LEU D 117 1.76 -28.65 -1.55
C LEU D 117 1.84 -27.24 -2.12
N SER D 118 3.02 -26.63 -1.99
CA SER D 118 3.27 -25.26 -2.42
C SER D 118 4.06 -25.23 -3.74
N TYR D 119 4.70 -24.11 -4.02
CA TYR D 119 5.38 -23.90 -5.31
C TYR D 119 6.56 -24.83 -5.48
N ASN D 120 6.82 -25.22 -6.72
CA ASN D 120 7.99 -26.01 -7.04
C ASN D 120 9.25 -25.15 -7.06
N LEU D 121 10.41 -25.80 -7.03
CA LEU D 121 11.67 -25.07 -6.97
C LEU D 121 11.90 -24.21 -8.20
N TYR D 122 11.27 -24.52 -9.34
CA TYR D 122 11.38 -23.63 -10.49
C TYR D 122 10.64 -22.33 -10.22
N ASP D 123 9.41 -22.42 -9.71
CA ASP D 123 8.68 -21.22 -9.34
C ASP D 123 9.46 -20.41 -8.32
N LEU D 124 10.19 -21.10 -7.44
CA LEU D 124 11.04 -20.42 -6.46
C LEU D 124 12.17 -19.67 -7.13
N LEU D 125 12.83 -20.32 -8.09
CA LEU D 125 13.89 -19.65 -8.84
C LEU D 125 13.34 -18.46 -9.60
N ARG D 126 12.14 -18.63 -10.17
CA ARG D 126 11.50 -17.57 -10.94
C ARG D 126 11.17 -16.37 -10.07
N ASN D 127 10.85 -16.58 -8.78
CA ASN D 127 10.53 -15.45 -7.92
C ASN D 127 11.75 -14.58 -7.65
N THR D 128 12.94 -15.17 -7.65
CA THR D 128 14.17 -14.41 -7.49
C THR D 128 14.69 -13.88 -8.81
N ASN D 129 13.82 -13.79 -9.82
CA ASN D 129 14.21 -13.34 -11.15
CA ASN D 129 14.20 -13.36 -11.16
C ASN D 129 15.47 -14.07 -11.60
N PHE D 130 15.59 -15.33 -11.20
CA PHE D 130 16.69 -16.22 -11.59
C PHE D 130 18.05 -15.73 -11.10
N ARG D 131 18.08 -15.02 -9.97
CA ARG D 131 19.36 -14.75 -9.33
C ARG D 131 19.82 -15.92 -8.47
N GLY D 132 18.97 -16.93 -8.29
CA GLY D 132 19.34 -18.11 -7.53
C GLY D 132 19.10 -17.93 -6.03
N VAL D 133 18.95 -19.06 -5.35
CA VAL D 133 18.77 -19.06 -3.91
C VAL D 133 20.13 -19.16 -3.23
N SER D 134 20.15 -18.83 -1.94
CA SER D 134 21.38 -18.84 -1.17
C SER D 134 22.00 -20.23 -1.11
N LEU D 135 23.31 -20.28 -0.88
CA LEU D 135 23.99 -21.55 -0.70
C LEU D 135 23.49 -22.29 0.53
N ASN D 136 23.08 -21.56 1.57
CA ASN D 136 22.52 -22.21 2.75
C ASN D 136 21.21 -22.91 2.42
N LEU D 137 20.35 -22.25 1.64
CA LEU D 137 19.10 -22.88 1.22
C LEU D 137 19.39 -24.05 0.28
N THR D 138 20.34 -23.87 -0.64
CA THR D 138 20.76 -24.97 -1.51
C THR D 138 21.21 -26.16 -0.70
N ARG D 139 21.98 -25.92 0.36
CA ARG D 139 22.43 -27.01 1.22
C ARG D 139 21.24 -27.75 1.83
N LYS D 140 20.23 -27.00 2.29
CA LYS D 140 19.05 -27.63 2.87
C LYS D 140 18.34 -28.51 1.85
N PHE D 141 18.15 -28.01 0.63
CA PHE D 141 17.54 -28.82 -0.41
C PHE D 141 18.38 -30.05 -0.72
N ALA D 142 19.70 -29.88 -0.79
CA ALA D 142 20.60 -30.98 -1.12
C ALA D 142 20.51 -32.09 -0.07
N GLN D 143 20.55 -31.72 1.22
CA GLN D 143 20.49 -32.73 2.27
C GLN D 143 19.17 -33.49 2.22
N GLN D 144 18.06 -32.78 2.01
CA GLN D 144 16.76 -33.45 1.93
C GLN D 144 16.70 -34.36 0.71
N MET D 145 17.16 -33.87 -0.45
CA MET D 145 17.12 -34.69 -1.66
C MET D 145 18.00 -35.92 -1.52
N CYS D 146 19.20 -35.76 -0.93
CA CYS D 146 20.06 -36.91 -0.73
C CYS D 146 19.43 -37.91 0.23
N THR D 147 18.68 -37.43 1.22
CA THR D 147 17.97 -38.34 2.11
C THR D 147 16.84 -39.04 1.37
N ALA D 148 16.10 -38.30 0.54
CA ALA D 148 15.06 -38.91 -0.28
C ALA D 148 15.64 -40.00 -1.18
N LEU D 149 16.76 -39.71 -1.84
CA LEU D 149 17.38 -40.71 -2.72
C LEU D 149 17.88 -41.90 -1.91
N LEU D 150 18.33 -41.68 -0.68
CA LEU D 150 18.72 -42.79 0.18
C LEU D 150 17.53 -43.67 0.49
N PHE D 151 16.36 -43.06 0.70
CA PHE D 151 15.15 -43.83 0.94
C PHE D 151 14.78 -44.66 -0.27
N LEU D 152 14.81 -44.06 -1.46
CA LEU D 152 14.49 -44.80 -2.67
C LEU D 152 15.45 -45.96 -2.91
N ALA D 153 16.69 -45.83 -2.43
CA ALA D 153 17.71 -46.84 -2.63
C ALA D 153 17.57 -48.05 -1.71
N THR D 154 16.72 -47.99 -0.68
CA THR D 154 16.55 -49.12 0.21
C THR D 154 16.22 -50.37 -0.61
N PRO D 155 16.97 -51.46 -0.43
CA PRO D 155 16.82 -52.64 -1.30
C PRO D 155 15.38 -53.07 -1.59
N GLU D 156 14.51 -53.03 -0.59
CA GLU D 156 13.13 -53.45 -0.82
C GLU D 156 12.43 -52.56 -1.85
N LEU D 157 12.84 -51.30 -1.96
CA LEU D 157 12.25 -50.36 -2.91
C LEU D 157 13.05 -50.28 -4.22
N SER D 158 14.30 -49.83 -4.14
CA SER D 158 15.16 -49.68 -5.30
C SER D 158 14.44 -48.96 -6.45
N ILE D 159 13.88 -47.79 -6.14
CA ILE D 159 13.08 -47.02 -7.07
C ILE D 159 13.93 -45.96 -7.76
N ILE D 160 13.80 -45.88 -9.08
CA ILE D 160 14.43 -44.83 -9.88
C ILE D 160 13.36 -43.83 -10.28
N HIS D 161 13.48 -42.58 -9.81
CA HIS D 161 12.47 -41.58 -10.13
C HIS D 161 12.40 -41.33 -11.63
N CYS D 162 13.54 -41.13 -12.27
CA CYS D 162 13.68 -40.99 -13.72
C CYS D 162 13.28 -39.62 -14.28
N ASP D 163 12.79 -38.68 -13.47
CA ASP D 163 12.39 -37.38 -13.99
C ASP D 163 12.62 -36.30 -12.95
N LEU D 164 13.77 -36.33 -12.27
CA LEU D 164 14.07 -35.29 -11.29
C LEU D 164 14.37 -33.97 -12.01
N LYS D 165 13.73 -32.92 -11.54
CA LYS D 165 13.90 -31.58 -12.08
C LYS D 165 13.29 -30.59 -11.10
N PRO D 166 13.67 -29.33 -11.16
CA PRO D 166 13.08 -28.35 -10.22
C PRO D 166 11.56 -28.44 -10.13
N GLU D 167 10.88 -28.61 -11.27
CA GLU D 167 9.42 -28.66 -11.29
C GLU D 167 8.86 -29.81 -10.46
N ASN D 168 9.60 -30.91 -10.31
CA ASN D 168 9.11 -32.06 -9.58
C ASN D 168 9.56 -32.08 -8.13
N ILE D 169 10.13 -30.98 -7.64
CA ILE D 169 10.48 -30.81 -6.24
C ILE D 169 9.67 -29.64 -5.73
N LEU D 170 8.77 -29.91 -4.78
CA LEU D 170 7.83 -28.91 -4.30
C LEU D 170 8.08 -28.59 -2.84
N LEU D 171 7.87 -27.32 -2.49
CA LEU D 171 7.89 -26.92 -1.10
C LEU D 171 6.61 -27.37 -0.43
N CYS D 172 6.72 -27.76 0.84
CA CYS D 172 5.51 -28.09 1.61
C CYS D 172 4.77 -26.82 2.00
N ASN D 173 5.50 -25.74 2.27
CA ASN D 173 4.99 -24.48 2.75
C ASN D 173 5.77 -23.37 2.05
N PRO D 174 5.09 -22.30 1.61
CA PRO D 174 5.79 -21.28 0.81
C PRO D 174 6.89 -20.53 1.56
N LYS D 175 6.87 -20.54 2.89
CA LYS D 175 7.86 -19.82 3.69
C LYS D 175 8.78 -20.76 4.48
N ARG D 176 8.72 -22.07 4.23
CA ARG D 176 9.54 -23.05 4.91
C ARG D 176 10.34 -23.87 3.90
N SER D 177 11.50 -24.37 4.35
CA SER D 177 12.44 -25.07 3.47
C SER D 177 12.13 -26.55 3.24
N ALA D 178 11.10 -27.10 3.89
CA ALA D 178 10.78 -28.51 3.69
C ALA D 178 10.26 -28.76 2.28
N ILE D 179 10.73 -29.84 1.65
CA ILE D 179 10.38 -30.18 0.28
C ILE D 179 9.94 -31.64 0.19
N LYS D 180 9.25 -31.94 -0.92
CA LYS D 180 8.80 -33.29 -1.22
C LYS D 180 8.91 -33.52 -2.73
N ILE D 181 9.14 -34.79 -3.11
CA ILE D 181 9.29 -35.18 -4.51
C ILE D 181 7.94 -35.65 -5.05
N VAL D 182 7.66 -35.31 -6.32
CA VAL D 182 6.39 -35.63 -6.94
C VAL D 182 6.59 -36.24 -8.32
N ASP D 183 5.48 -36.67 -8.92
CA ASP D 183 5.41 -37.19 -10.28
C ASP D 183 6.33 -38.40 -10.48
N PHE D 184 5.90 -39.50 -9.89
CA PHE D 184 6.57 -40.79 -10.04
C PHE D 184 6.05 -41.60 -11.23
N GLY D 185 5.29 -40.95 -12.13
CA GLY D 185 4.68 -41.68 -13.23
C GLY D 185 5.69 -42.37 -14.14
N SER D 186 6.81 -41.70 -14.42
CA SER D 186 7.85 -42.27 -15.26
C SER D 186 8.82 -43.16 -14.46
N SER D 187 8.65 -43.26 -13.15
CA SER D 187 9.55 -44.03 -12.30
C SER D 187 9.43 -45.52 -12.56
N CYS D 188 10.45 -46.25 -12.12
CA CYS D 188 10.48 -47.71 -12.21
C CYS D 188 11.35 -48.25 -11.09
N GLN D 189 11.29 -49.57 -10.91
CA GLN D 189 12.15 -50.20 -9.92
C GLN D 189 13.42 -50.71 -10.60
N LEU D 190 14.47 -50.89 -9.79
CA LEU D 190 15.77 -51.26 -10.34
C LEU D 190 15.68 -52.53 -11.19
N GLY D 191 14.89 -53.51 -10.74
CA GLY D 191 14.81 -54.75 -11.48
C GLY D 191 14.18 -54.61 -12.85
N GLN D 192 13.08 -53.85 -12.94
CA GLN D 192 12.29 -53.72 -14.15
C GLN D 192 12.50 -52.35 -14.79
N ARG D 193 12.98 -52.32 -16.03
CA ARG D 193 13.13 -51.07 -16.77
C ARG D 193 12.50 -51.21 -18.15
N ILE D 194 11.61 -50.28 -18.50
CA ILE D 194 10.78 -50.43 -19.70
C ILE D 194 10.97 -49.28 -20.69
N TYR D 195 11.94 -48.40 -20.48
CA TYR D 195 12.09 -47.25 -21.38
C TYR D 195 13.56 -46.99 -21.71
N GLN D 196 13.77 -46.35 -22.85
CA GLN D 196 15.10 -46.01 -23.37
C GLN D 196 15.40 -44.50 -23.34
N PTR D 197 14.46 -43.69 -23.84
CA PTR D 197 14.57 -42.24 -23.88
CA PTR D 197 14.59 -42.23 -23.88
C PTR D 197 13.92 -41.65 -22.63
O PTR D 197 12.72 -41.34 -22.66
CB PTR D 197 13.86 -41.84 -25.18
CB PTR D 197 13.93 -41.68 -25.17
CG PTR D 197 13.67 -40.36 -25.42
CG PTR D 197 14.83 -40.88 -26.12
CD1 PTR D 197 12.42 -39.78 -25.33
CD1 PTR D 197 14.89 -39.49 -26.05
CD2 PTR D 197 14.74 -39.54 -25.78
CD2 PTR D 197 15.56 -41.51 -27.12
CE1 PTR D 197 12.23 -38.43 -25.56
CE1 PTR D 197 15.68 -38.75 -26.93
CE2 PTR D 197 14.56 -38.19 -26.03
CE2 PTR D 197 16.34 -40.78 -28.00
CZ PTR D 197 13.30 -37.63 -25.92
CZ PTR D 197 16.39 -39.41 -27.92
OH PTR D 197 13.08 -36.36 -26.14
OH PTR D 197 17.16 -38.74 -28.76
P PTR D 197 14.10 -35.15 -25.89
P PTR D 197 16.80 -37.36 -29.52
O1P PTR D 197 13.95 -34.73 -24.46
O1P PTR D 197 18.01 -36.89 -30.26
O2P PTR D 197 13.71 -33.99 -26.81
O2P PTR D 197 16.38 -36.28 -28.51
O3P PTR D 197 15.55 -35.55 -26.22
O3P PTR D 197 15.66 -37.58 -30.52
N ILE D 198 14.68 -41.52 -21.55
CA ILE D 198 14.12 -41.04 -20.27
C ILE D 198 14.83 -39.84 -19.66
N GLN D 199 14.18 -39.25 -18.67
CA GLN D 199 14.65 -38.05 -17.96
C GLN D 199 14.49 -36.80 -18.81
N SER D 200 14.32 -35.66 -18.16
CA SER D 200 14.26 -34.39 -18.87
C SER D 200 15.65 -34.03 -19.38
N ARG D 201 15.72 -33.55 -20.63
CA ARG D 201 17.00 -33.41 -21.31
C ARG D 201 18.05 -32.69 -20.46
N PHE D 202 17.71 -31.54 -19.88
CA PHE D 202 18.71 -30.79 -19.12
C PHE D 202 19.30 -31.63 -17.99
N TYR D 203 18.52 -32.57 -17.47
CA TYR D 203 18.89 -33.36 -16.30
C TYR D 203 19.17 -34.81 -16.65
N ARG D 204 19.33 -35.12 -17.94
CA ARG D 204 19.55 -36.47 -18.41
C ARG D 204 21.01 -36.89 -18.21
N SER D 205 21.20 -38.11 -17.72
CA SER D 205 22.52 -38.63 -17.42
C SER D 205 23.26 -39.08 -18.68
N PRO D 206 24.59 -39.13 -18.65
CA PRO D 206 25.34 -39.61 -19.82
C PRO D 206 24.99 -41.03 -20.22
N GLU D 207 24.75 -41.93 -19.25
CA GLU D 207 24.44 -43.31 -19.60
C GLU D 207 23.14 -43.40 -20.39
N VAL D 208 22.16 -42.54 -20.06
CA VAL D 208 20.92 -42.53 -20.83
C VAL D 208 21.14 -41.90 -22.19
N LEU D 209 21.91 -40.80 -22.25
CA LEU D 209 22.24 -40.20 -23.54
C LEU D 209 22.97 -41.18 -24.44
N LEU D 210 23.79 -42.05 -23.85
CA LEU D 210 24.57 -43.03 -24.59
C LEU D 210 23.82 -44.32 -24.85
N GLY D 211 22.56 -44.41 -24.43
CA GLY D 211 21.80 -45.62 -24.65
C GLY D 211 22.31 -46.82 -23.89
N MET D 212 22.91 -46.62 -22.72
CA MET D 212 23.42 -47.70 -21.89
C MET D 212 22.40 -48.08 -20.83
N PRO D 213 22.58 -49.23 -20.18
CA PRO D 213 21.70 -49.57 -19.06
C PRO D 213 21.93 -48.62 -17.89
N TYR D 214 20.87 -48.38 -17.14
CA TYR D 214 20.90 -47.38 -16.08
C TYR D 214 20.38 -47.96 -14.77
N ASP D 215 20.77 -47.31 -13.68
CA ASP D 215 20.36 -47.70 -12.33
C ASP D 215 20.00 -46.43 -11.58
N LEU D 216 19.94 -46.52 -10.25
CA LEU D 216 19.56 -45.37 -9.43
C LEU D 216 20.53 -44.21 -9.53
N ALA D 217 21.74 -44.45 -10.04
CA ALA D 217 22.73 -43.38 -10.16
C ALA D 217 22.25 -42.23 -11.03
N ILE D 218 21.32 -42.48 -11.96
CA ILE D 218 20.88 -41.41 -12.86
C ILE D 218 20.17 -40.31 -12.08
N ASP D 219 19.51 -40.65 -10.97
CA ASP D 219 18.87 -39.62 -10.15
C ASP D 219 19.90 -38.74 -9.46
N MET D 220 21.04 -39.31 -9.08
CA MET D 220 22.09 -38.51 -8.47
C MET D 220 22.66 -37.51 -9.46
N TRP D 221 22.78 -37.90 -10.72
CA TRP D 221 23.21 -36.98 -11.77
C TRP D 221 22.25 -35.80 -11.86
N SER D 222 20.95 -36.09 -12.00
CA SER D 222 19.95 -35.03 -12.06
C SER D 222 20.05 -34.10 -10.87
N LEU D 223 20.23 -34.67 -9.67
CA LEU D 223 20.34 -33.85 -8.47
C LEU D 223 21.51 -32.87 -8.58
N GLY D 224 22.67 -33.35 -9.02
CA GLY D 224 23.80 -32.46 -9.21
C GLY D 224 23.46 -31.29 -10.12
N CYS D 225 22.83 -31.58 -11.26
CA CYS D 225 22.41 -30.52 -12.17
C CYS D 225 21.44 -29.58 -11.48
N ILE D 226 20.46 -30.13 -10.76
CA ILE D 226 19.46 -29.30 -10.10
C ILE D 226 20.11 -28.37 -9.10
N LEU D 227 20.96 -28.91 -8.23
CA LEU D 227 21.55 -28.09 -7.17
C LEU D 227 22.32 -26.91 -7.73
N VAL D 228 23.09 -27.12 -8.80
CA VAL D 228 23.81 -26.00 -9.41
C VAL D 228 22.82 -24.98 -9.94
N GLU D 229 21.76 -25.45 -10.62
CA GLU D 229 20.76 -24.54 -11.15
C GLU D 229 20.07 -23.77 -10.01
N MET D 230 19.82 -24.44 -8.89
CA MET D 230 19.16 -23.76 -7.78
C MET D 230 19.99 -22.58 -7.28
N HIS D 231 21.31 -22.75 -7.23
CA HIS D 231 22.17 -21.67 -6.72
C HIS D 231 22.53 -20.66 -7.79
N THR D 232 22.77 -21.10 -9.03
CA THR D 232 23.17 -20.16 -10.08
C THR D 232 21.95 -19.50 -10.72
N GLY D 233 20.80 -20.16 -10.71
CA GLY D 233 19.60 -19.63 -11.31
C GLY D 233 19.37 -20.04 -12.74
N GLU D 234 20.33 -20.70 -13.37
CA GLU D 234 20.21 -21.14 -14.74
CA GLU D 234 20.22 -21.13 -14.75
C GLU D 234 20.65 -22.59 -14.89
N PRO D 235 20.04 -23.33 -15.81
CA PRO D 235 20.42 -24.73 -16.00
C PRO D 235 21.89 -24.88 -16.33
N LEU D 236 22.52 -25.89 -15.71
CA LEU D 236 23.94 -26.14 -15.94
C LEU D 236 24.20 -26.59 -17.37
N PHE D 237 23.40 -27.54 -17.87
CA PHE D 237 23.55 -28.09 -19.22
C PHE D 237 22.23 -27.91 -19.95
N SER D 238 22.05 -26.75 -20.58
CA SER D 238 20.79 -26.40 -21.25
C SER D 238 20.87 -26.76 -22.74
N GLY D 239 20.70 -28.05 -23.02
CA GLY D 239 20.82 -28.53 -24.39
C GLY D 239 19.48 -28.51 -25.13
N ALA D 240 19.54 -28.10 -26.39
CA ALA D 240 18.34 -28.06 -27.23
C ALA D 240 17.97 -29.45 -27.76
N ASN D 241 18.93 -30.36 -27.82
CA ASN D 241 18.71 -31.73 -28.27
C ASN D 241 19.82 -32.58 -27.66
N GLU D 242 19.75 -33.90 -27.89
CA GLU D 242 20.73 -34.78 -27.26
C GLU D 242 22.16 -34.42 -27.66
N VAL D 243 22.40 -34.11 -28.94
CA VAL D 243 23.75 -33.76 -29.36
C VAL D 243 24.22 -32.49 -28.67
N ASP D 244 23.35 -31.47 -28.61
CA ASP D 244 23.71 -30.24 -27.92
C ASP D 244 23.92 -30.51 -26.43
N GLN D 245 23.08 -31.36 -25.84
CA GLN D 245 23.21 -31.70 -24.43
C GLN D 245 24.56 -32.33 -24.13
N MET D 246 24.95 -33.35 -24.91
CA MET D 246 26.23 -34.03 -24.65
C MET D 246 27.39 -33.05 -24.78
N ASN D 247 27.38 -32.21 -25.82
CA ASN D 247 28.47 -31.25 -26.00
C ASN D 247 28.54 -30.28 -24.84
N LYS D 248 27.39 -29.86 -24.31
CA LYS D 248 27.40 -28.94 -23.18
C LYS D 248 27.95 -29.61 -21.93
N ILE D 249 27.71 -30.92 -21.78
CA ILE D 249 28.31 -31.65 -20.67
C ILE D 249 29.82 -31.74 -20.86
N VAL D 250 30.25 -32.01 -22.10
CA VAL D 250 31.67 -32.14 -22.40
C VAL D 250 32.40 -30.83 -22.16
N GLU D 251 31.74 -29.69 -22.41
CA GLU D 251 32.38 -28.39 -22.15
C GLU D 251 32.89 -28.31 -20.72
N VAL D 252 32.18 -28.93 -19.77
CA VAL D 252 32.48 -28.82 -18.35
C VAL D 252 33.31 -30.00 -17.86
N LEU D 253 32.96 -31.22 -18.26
CA LEU D 253 33.56 -32.42 -17.69
C LEU D 253 34.55 -33.11 -18.63
N GLY D 254 34.71 -32.63 -19.86
CA GLY D 254 35.61 -33.26 -20.80
C GLY D 254 35.01 -34.48 -21.48
N ILE D 255 35.85 -35.14 -22.27
CA ILE D 255 35.41 -36.35 -22.98
C ILE D 255 35.16 -37.47 -21.98
N PRO D 256 34.06 -38.20 -22.10
CA PRO D 256 33.83 -39.31 -21.18
C PRO D 256 34.89 -40.37 -21.32
N PRO D 257 35.15 -41.13 -20.25
CA PRO D 257 36.21 -42.15 -20.29
C PRO D 257 35.99 -43.20 -21.36
N ALA D 258 37.10 -43.71 -21.89
CA ALA D 258 37.03 -44.69 -22.98
C ALA D 258 36.29 -45.97 -22.57
N HIS D 259 36.51 -46.44 -21.34
CA HIS D 259 35.86 -47.69 -20.92
C HIS D 259 34.35 -47.57 -20.96
N ILE D 260 33.82 -46.35 -20.81
CA ILE D 260 32.39 -46.13 -20.95
C ILE D 260 32.00 -46.08 -22.42
N LEU D 261 32.66 -45.21 -23.19
CA LEU D 261 32.34 -45.07 -24.60
C LEU D 261 32.50 -46.38 -25.36
N ASP D 262 33.47 -47.21 -24.97
CA ASP D 262 33.65 -48.50 -25.65
C ASP D 262 32.45 -49.41 -25.48
N GLN D 263 31.59 -49.15 -24.49
CA GLN D 263 30.41 -49.96 -24.23
C GLN D 263 29.12 -49.24 -24.56
N ALA D 264 29.20 -48.00 -25.05
CA ALA D 264 28.01 -47.17 -25.26
C ALA D 264 27.44 -47.40 -26.67
N PRO D 265 26.21 -47.90 -26.80
CA PRO D 265 25.64 -48.10 -28.13
C PRO D 265 25.53 -46.81 -28.96
N LYS D 266 25.28 -45.67 -28.31
CA LYS D 266 25.11 -44.41 -29.02
C LYS D 266 26.35 -43.53 -28.96
N ALA D 267 27.50 -44.12 -28.64
CA ALA D 267 28.74 -43.33 -28.54
C ALA D 267 29.00 -42.55 -29.83
N ARG D 268 28.78 -43.18 -30.98
CA ARG D 268 29.09 -42.55 -32.25
C ARG D 268 28.04 -41.54 -32.70
N LYS D 269 26.99 -41.33 -31.89
CA LYS D 269 26.09 -40.20 -32.14
C LYS D 269 26.77 -38.89 -31.76
N PHE D 270 27.72 -38.93 -30.82
CA PHE D 270 28.41 -37.74 -30.33
C PHE D 270 29.92 -37.77 -30.54
N PHE D 271 30.55 -38.94 -30.53
CA PHE D 271 32.00 -39.06 -30.52
C PHE D 271 32.48 -39.94 -31.66
N GLU D 272 33.80 -39.93 -31.89
CA GLU D 272 34.43 -40.82 -32.86
C GLU D 272 35.73 -41.35 -32.29
N LYS D 273 36.04 -42.60 -32.60
CA LYS D 273 37.20 -43.30 -32.06
C LYS D 273 38.40 -43.15 -33.00
N LEU D 274 39.49 -42.61 -32.48
CA LEU D 274 40.71 -42.42 -33.26
C LEU D 274 41.45 -43.75 -33.44
N PRO D 275 42.36 -43.82 -34.41
CA PRO D 275 43.13 -45.06 -34.59
C PRO D 275 43.84 -45.54 -33.33
N ASP D 276 44.45 -44.62 -32.58
CA ASP D 276 45.13 -44.96 -31.34
C ASP D 276 44.18 -45.36 -30.21
N GLY D 277 42.90 -45.58 -30.50
CA GLY D 277 41.93 -46.04 -29.52
C GLY D 277 41.31 -44.98 -28.64
N THR D 278 41.78 -43.74 -28.70
CA THR D 278 41.19 -42.67 -27.91
C THR D 278 39.96 -42.09 -28.59
N TRP D 279 39.11 -41.46 -27.79
CA TRP D 279 37.85 -40.88 -28.28
C TRP D 279 37.93 -39.37 -28.31
N ASN D 280 37.28 -38.77 -29.30
CA ASN D 280 37.16 -37.33 -29.44
C ASN D 280 35.76 -37.01 -29.95
N LEU D 281 35.37 -35.75 -29.81
CA LEU D 281 34.07 -35.32 -30.33
C LEU D 281 34.03 -35.47 -31.84
N LYS D 282 32.83 -35.71 -32.37
CA LYS D 282 32.67 -35.86 -33.82
C LYS D 282 33.13 -34.60 -34.53
N LYS D 283 33.67 -34.79 -35.73
CA LYS D 283 34.24 -33.68 -36.50
C LYS D 283 33.18 -32.62 -36.78
N THR D 284 33.60 -31.36 -36.69
CA THR D 284 32.74 -30.22 -37.01
C THR D 284 33.25 -29.62 -38.32
N LYS D 285 32.38 -29.48 -39.29
CA LYS D 285 32.81 -29.07 -40.61
C LYS D 285 33.20 -27.58 -40.67
N ASP D 286 34.20 -27.29 -41.49
CA ASP D 286 34.59 -25.92 -41.83
C ASP D 286 35.00 -25.10 -40.60
N GLY D 287 35.55 -25.75 -39.59
CA GLY D 287 36.03 -25.02 -38.44
C GLY D 287 34.98 -24.16 -37.77
N LYS D 288 33.76 -24.69 -37.62
CA LYS D 288 32.69 -23.96 -36.97
C LYS D 288 32.87 -24.09 -35.46
N ARG D 289 32.76 -22.96 -34.76
CA ARG D 289 32.95 -22.95 -33.32
C ARG D 289 31.61 -22.69 -32.64
N GLU D 290 31.12 -23.68 -31.91
CA GLU D 290 29.91 -23.55 -31.12
C GLU D 290 30.10 -23.87 -29.64
N TYR D 291 31.17 -24.56 -29.27
CA TYR D 291 31.38 -24.97 -27.88
C TYR D 291 32.81 -24.67 -27.44
N LYS D 292 32.95 -24.46 -26.13
CA LYS D 292 34.27 -24.31 -25.54
C LYS D 292 35.00 -25.66 -25.57
N PRO D 293 36.32 -25.65 -25.70
CA PRO D 293 37.08 -26.92 -25.77
C PRO D 293 36.74 -27.83 -24.60
N PRO D 294 36.79 -29.14 -24.81
CA PRO D 294 36.40 -30.08 -23.74
C PRO D 294 37.09 -29.77 -22.41
N GLY D 295 36.26 -29.68 -21.36
CA GLY D 295 36.72 -29.47 -20.01
C GLY D 295 37.17 -28.07 -19.64
N THR D 296 37.03 -27.11 -20.55
CA THR D 296 37.48 -25.74 -20.26
C THR D 296 36.43 -24.88 -19.59
N ARG D 297 35.16 -25.26 -19.61
CA ARG D 297 34.12 -24.49 -18.91
C ARG D 297 34.10 -24.98 -17.48
N LYS D 298 34.94 -24.38 -16.64
CA LYS D 298 35.15 -24.87 -15.29
C LYS D 298 33.99 -24.53 -14.37
N LEU D 299 33.53 -25.54 -13.63
CA LEU D 299 32.52 -25.32 -12.60
C LEU D 299 33.04 -24.35 -11.54
N HIS D 300 34.37 -24.31 -11.35
CA HIS D 300 34.98 -23.35 -10.45
C HIS D 300 34.57 -21.92 -10.77
N ASN D 301 34.43 -21.60 -12.06
CA ASN D 301 34.02 -20.27 -12.50
C ASN D 301 32.51 -20.11 -12.55
N ILE D 302 31.79 -21.18 -12.93
CA ILE D 302 30.33 -21.13 -12.96
C ILE D 302 29.79 -20.77 -11.58
N LEU D 303 30.35 -21.36 -10.53
CA LEU D 303 29.91 -21.09 -9.17
C LEU D 303 30.51 -19.81 -8.59
N GLY D 304 31.56 -19.28 -9.21
CA GLY D 304 32.24 -18.11 -8.67
C GLY D 304 32.89 -18.40 -7.33
N VAL D 305 33.58 -19.54 -7.23
CA VAL D 305 34.19 -19.97 -5.98
C VAL D 305 34.99 -18.84 -5.34
N GLU D 306 35.88 -18.22 -6.12
CA GLU D 306 36.78 -17.21 -5.60
C GLU D 306 36.41 -15.79 -6.06
N THR D 307 35.25 -15.62 -6.67
CA THR D 307 34.82 -14.31 -7.17
C THR D 307 33.45 -13.90 -6.59
N GLY D 308 33.12 -14.40 -5.41
CA GLY D 308 31.89 -14.00 -4.75
C GLY D 308 30.62 -14.64 -5.27
N GLY D 309 30.66 -15.91 -5.64
CA GLY D 309 29.49 -16.64 -6.07
C GLY D 309 29.04 -16.33 -7.49
N PRO D 310 27.91 -16.93 -7.89
CA PRO D 310 27.40 -16.73 -9.25
C PRO D 310 27.18 -15.26 -9.57
N GLY D 311 27.88 -14.77 -10.58
CA GLY D 311 27.77 -13.38 -10.97
C GLY D 311 28.24 -12.40 -9.94
N GLY D 312 29.04 -12.85 -8.97
CA GLY D 312 29.48 -12.00 -7.90
C GLY D 312 28.38 -11.54 -6.97
N ARG D 313 27.17 -12.09 -7.11
CA ARG D 313 26.03 -11.62 -6.34
C ARG D 313 26.12 -11.93 -4.85
N ARG D 314 26.93 -12.90 -4.45
CA ARG D 314 27.06 -13.27 -3.04
C ARG D 314 28.34 -12.71 -2.41
N ALA D 315 28.97 -11.74 -3.05
CA ALA D 315 30.21 -11.17 -2.52
C ALA D 315 29.95 -10.48 -1.17
N GLY D 316 30.77 -10.83 -0.18
CA GLY D 316 30.66 -10.21 1.12
C GLY D 316 29.42 -10.61 1.89
N GLU D 317 28.87 -11.79 1.62
CA GLU D 317 27.72 -12.32 2.34
C GLU D 317 28.17 -13.46 3.24
N SER D 318 27.51 -13.57 4.39
CA SER D 318 27.84 -14.63 5.33
C SER D 318 27.39 -15.98 4.80
N GLY D 319 28.16 -17.01 5.14
CA GLY D 319 27.87 -18.36 4.71
C GLY D 319 28.23 -18.69 3.27
N HIS D 320 28.91 -17.78 2.57
CA HIS D 320 29.33 -18.03 1.18
C HIS D 320 30.85 -17.98 1.07
N THR D 321 31.55 -18.48 2.08
CA THR D 321 33.00 -18.45 2.09
C THR D 321 33.55 -19.35 0.98
N VAL D 322 34.80 -19.09 0.60
CA VAL D 322 35.47 -19.91 -0.41
C VAL D 322 35.50 -21.36 0.04
N ALA D 323 35.76 -21.59 1.34
CA ALA D 323 35.72 -22.95 1.87
C ALA D 323 34.37 -23.61 1.63
N ASP D 324 33.28 -22.85 1.81
CA ASP D 324 31.95 -23.39 1.51
C ASP D 324 31.83 -23.78 0.05
N TYR D 325 32.25 -22.88 -0.85
CA TYR D 325 32.12 -23.16 -2.28
C TYR D 325 32.98 -24.34 -2.70
N LEU D 326 34.18 -24.46 -2.14
CA LEU D 326 35.04 -25.59 -2.51
C LEU D 326 34.43 -26.91 -2.08
N LYS D 327 33.71 -26.92 -0.95
CA LYS D 327 33.01 -28.13 -0.55
C LYS D 327 31.84 -28.41 -1.49
N PHE D 328 31.02 -27.38 -1.75
CA PHE D 328 29.91 -27.52 -2.68
C PHE D 328 30.38 -28.05 -4.03
N LYS D 329 31.44 -27.43 -4.59
CA LYS D 329 31.97 -27.86 -5.87
C LYS D 329 32.37 -29.33 -5.85
N ASP D 330 33.07 -29.76 -4.79
CA ASP D 330 33.51 -31.15 -4.72
C ASP D 330 32.32 -32.10 -4.72
N LEU D 331 31.28 -31.79 -3.95
CA LEU D 331 30.10 -32.64 -3.92
C LEU D 331 29.45 -32.72 -5.29
N ILE D 332 29.25 -31.56 -5.93
CA ILE D 332 28.65 -31.54 -7.26
C ILE D 332 29.45 -32.40 -8.22
N LEU D 333 30.77 -32.21 -8.24
CA LEU D 333 31.60 -32.98 -9.16
C LEU D 333 31.54 -34.47 -8.86
N ARG D 334 31.38 -34.84 -7.59
CA ARG D 334 31.15 -36.25 -7.25
C ARG D 334 29.80 -36.72 -7.77
N MET D 335 28.79 -35.85 -7.79
CA MET D 335 27.49 -36.22 -8.32
C MET D 335 27.51 -36.29 -9.84
N LEU D 336 28.39 -35.52 -10.48
CA LEU D 336 28.48 -35.47 -11.94
C LEU D 336 29.58 -36.38 -12.48
N ASP D 337 29.92 -37.43 -11.75
CA ASP D 337 30.87 -38.41 -12.22
C ASP D 337 30.32 -39.12 -13.46
N TYR D 338 31.14 -39.23 -14.50
CA TYR D 338 30.68 -39.90 -15.72
C TYR D 338 30.35 -41.36 -15.45
N ASP D 339 31.14 -42.01 -14.60
CA ASP D 339 31.02 -43.44 -14.30
C ASP D 339 29.95 -43.66 -13.23
N PRO D 340 28.83 -44.31 -13.57
CA PRO D 340 27.79 -44.55 -12.57
C PRO D 340 28.24 -45.48 -11.45
N LYS D 341 29.26 -46.30 -11.68
CA LYS D 341 29.77 -47.18 -10.63
C LYS D 341 30.53 -46.42 -9.55
N THR D 342 31.20 -45.32 -9.91
CA THR D 342 31.97 -44.52 -8.97
C THR D 342 31.27 -43.22 -8.60
N ARG D 343 30.12 -42.92 -9.20
CA ARG D 343 29.38 -41.73 -8.84
C ARG D 343 28.89 -41.82 -7.40
N ILE D 344 29.08 -40.74 -6.63
CA ILE D 344 28.73 -40.75 -5.22
C ILE D 344 27.30 -41.24 -5.03
N GLN D 345 27.11 -42.11 -4.00
CA GLN D 345 25.84 -42.68 -3.59
C GLN D 345 25.25 -41.90 -2.41
N PRO D 346 23.92 -41.91 -2.28
CA PRO D 346 23.28 -41.06 -1.25
C PRO D 346 23.88 -41.19 0.15
N TYR D 347 24.07 -42.42 0.63
CA TYR D 347 24.59 -42.63 1.98
C TYR D 347 25.88 -41.84 2.19
N TYR D 348 26.82 -41.94 1.25
CA TYR D 348 28.11 -41.27 1.38
C TYR D 348 28.01 -39.78 1.09
N ALA D 349 27.11 -39.37 0.20
CA ALA D 349 26.92 -37.95 -0.06
C ALA D 349 26.48 -37.22 1.20
N LEU D 350 25.63 -37.85 2.01
CA LEU D 350 25.16 -37.24 3.23
C LEU D 350 26.27 -37.04 4.27
N GLN D 351 27.35 -37.79 4.16
CA GLN D 351 28.50 -37.64 5.05
C GLN D 351 29.50 -36.61 4.55
N HIS D 352 29.22 -35.97 3.42
CA HIS D 352 30.15 -35.03 2.82
C HIS D 352 30.33 -33.79 3.69
N SER D 353 31.55 -33.26 3.69
CA SER D 353 31.88 -32.09 4.50
C SER D 353 30.99 -30.89 4.18
N PHE D 354 30.37 -30.85 2.99
CA PHE D 354 29.47 -29.76 2.65
C PHE D 354 28.34 -29.63 3.67
N PHE D 355 27.95 -30.75 4.30
CA PHE D 355 26.86 -30.76 5.26
C PHE D 355 27.31 -30.61 6.70
N LYS D 356 28.63 -30.61 6.96
CA LYS D 356 29.13 -30.49 8.33
C LYS D 356 28.71 -29.18 8.98
N LYS D 357 28.22 -29.28 10.22
CA LYS D 357 27.82 -28.10 10.97
C LYS D 357 29.03 -27.35 11.51
C10 QKG E . -5.85 38.68 20.04
C15 QKG E . -3.47 38.85 18.03
C17 QKG E . -4.37 39.92 16.02
C20 QKG E . -3.17 39.71 15.39
C21 QKG E . -2.08 39.07 16.05
C22 QKG E . -2.24 38.64 17.39
C01 QKG E . -2.12 36.89 22.01
C02 QKG E . -1.45 37.12 20.69
N03 QKG E . -0.17 36.71 20.58
C04 QKG E . 0.52 36.88 19.45
C05 QKG E . 0.00 37.50 18.29
C06 QKG E . -1.34 37.97 18.34
C07 QKG E . -2.08 37.78 19.54
N08 QKG E . -3.38 38.32 19.37
C09 QKG E . -4.42 38.28 20.46
C11 QKG E . -6.95 38.44 21.10
C12 QKG E . -8.35 38.64 20.63
N13 QKG E . -9.51 38.42 21.37
O14 QKG E . -8.58 39.06 19.46
C16 QKG E . -4.57 39.50 17.34
O18 QKG E . -5.42 40.56 15.29
C19 QKG E . -6.70 40.79 15.87
H102 QKG E . -5.84 39.63 19.78
H101 QKG E . -6.08 38.20 19.23
H201 QKG E . -3.03 39.99 14.52
H211 QKG E . -1.30 38.96 15.58
H011 QKG E . -2.93 36.34 21.99
H012 QKG E . -1.58 36.59 22.75
H013 QKG E . -2.42 37.73 22.40
H041 QKG E . 1.39 36.56 19.44
H051 QKG E . 0.56 37.56 17.56
H091 QKG E . -4.41 37.40 20.85
H092 QKG E . -4.12 38.85 21.19
H111 QKG E . -6.87 37.55 21.48
H112 QKG E . -6.81 39.04 21.86
H131 QKG E . -9.53 38.13 22.18
H132 QKG E . -10.27 38.57 21.00
H161 QKG E . -5.40 39.64 17.77
H193 QKG E . -7.13 41.55 15.45
H191 QKG E . -6.68 40.98 16.82
H192 QKG E . -7.30 40.05 15.69
O1 PG4 F . 2.31 28.11 32.50
C1 PG4 F . 2.57 29.01 31.46
C2 PG4 F . 4.08 29.29 31.39
O2 PG4 F . 4.28 30.66 31.27
C3 PG4 F . 4.63 31.30 32.46
C4 PG4 F . 4.92 32.77 32.20
O3 PG4 F . 6.16 33.11 32.78
C5 PG4 F . 6.05 33.96 33.88
C6 PG4 F . 6.43 33.22 35.16
O4 PG4 F . 5.31 32.55 35.67
O1 PG4 G . -17.51 0.89 22.39
C1 PG4 G . -16.30 1.60 22.46
C2 PG4 G . -16.54 3.10 22.31
O2 PG4 G . -15.32 3.79 22.20
C3 PG4 G . -15.24 4.95 22.98
C4 PG4 G . -14.04 4.86 23.92
O3 PG4 G . -14.41 4.17 25.08
C5 PG4 G . -13.33 3.69 25.84
C6 PG4 G . -13.69 2.33 26.44
O4 PG4 G . -14.63 2.49 27.47
C7 PG4 G . -15.58 1.47 27.56
C8 PG4 G . -16.52 1.72 28.74
O5 PG4 G . -17.85 1.54 28.33
O1 PG4 H . 15.99 37.92 21.98
C1 PG4 H . 14.77 38.48 21.57
C2 PG4 H . 14.82 40.01 21.65
O2 PG4 H . 14.55 40.44 22.96
C3 PG4 H . 14.55 41.83 23.11
C4 PG4 H . 14.55 42.20 24.60
O3 PG4 H . 15.75 41.81 25.20
C5 PG4 H . 15.94 42.31 26.49
C6 PG4 H . 16.68 41.30 27.37
O4 PG4 H . 17.71 40.69 26.64
C7 PG4 H . 18.58 39.92 27.44
C8 PG4 H . 18.50 38.44 27.04
O5 PG4 H . 19.16 38.19 25.82
C10 QKG I . -17.63 -31.49 11.71
C15 QKG I . -19.34 -31.44 14.43
C17 QKG I . -21.67 -31.67 13.74
C20 QKG I . -22.06 -31.65 15.07
C21 QKG I . -21.10 -31.52 16.11
C22 QKG I . -19.72 -31.42 15.80
C01 QKG I . -14.82 -31.03 15.34
C02 QKG I . -16.05 -31.10 16.20
N03 QKG I . -15.86 -31.03 17.54
C04 QKG I . -16.88 -31.08 18.39
C05 QKG I . -18.25 -31.21 18.00
C06 QKG I . -18.52 -31.29 16.59
C07 QKG I . -17.42 -31.23 15.69
N08 QKG I . -17.91 -31.32 14.36
C09 QKG I . -16.99 -31.30 13.13
C11 QKG I . -18.05 -30.17 10.96
C12 QKG I . -18.87 -30.35 9.71
N13 QKG I . -19.88 -29.49 9.23
O14 QKG I . -18.67 -31.36 8.95
C16 QKG I . -20.33 -31.56 13.39
O18 QKG I . -22.67 -31.79 12.74
C19 QKG I . -22.33 -31.74 11.35
H102 QKG I . -17.01 -32.00 11.16
H101 QKG I . -18.40 -32.07 11.80
H201 QKG I . -22.96 -31.71 15.31
H211 QKG I . -21.40 -31.52 16.99
H011 QKG I . -14.78 -30.31 14.70
H012 QKG I . -13.96 -31.10 15.78
H013 QKG I . -14.75 -31.83 14.79
H041 QKG I . -16.68 -31.03 19.30
H051 QKG I . -18.89 -31.24 18.66
H091 QKG I . -16.50 -30.46 13.17
H092 QKG I . -16.29 -31.96 13.27
H111 QKG I . -18.53 -29.58 11.56
H112 QKG I . -17.26 -29.68 10.72
H131 QKG I . -20.13 -28.77 9.64
H132 QKG I . -20.28 -29.69 8.51
H161 QKG I . -20.08 -31.58 12.50
H193 QKG I . -22.99 -32.21 10.82
H191 QKG I . -21.46 -32.14 11.14
H192 QKG I . -22.36 -30.83 11.01
O1 PG4 J . -25.78 -35.12 7.54
C1 PG4 J . -26.87 -34.24 7.65
C2 PG4 J . -27.84 -34.74 8.72
O2 PG4 J . -28.88 -35.43 8.11
C3 PG4 J . -29.66 -36.19 8.99
C4 PG4 J . -30.60 -37.08 8.20
O3 PG4 J . -29.87 -37.79 7.23
C5 PG4 J . -30.55 -38.86 6.65
C6 PG4 J . -29.60 -40.02 6.42
O4 PG4 J . -28.81 -39.77 5.30
C7 PG4 J . -27.61 -40.49 5.28
C8 PG4 J . -26.57 -39.74 4.43
O5 PG4 J . -25.64 -39.09 5.25
O1 PG4 K . -1.83 -27.06 19.98
C1 PG4 K . -3.04 -27.79 19.98
C2 PG4 K . -3.54 -27.92 21.42
O2 PG4 K . -4.36 -29.05 21.55
C3 PG4 K . -3.86 -29.98 22.49
C4 PG4 K . -3.93 -31.39 21.90
O3 PG4 K . -2.85 -32.14 22.38
C5 PG4 K . -2.71 -33.38 21.76
C6 PG4 K . -1.28 -33.88 21.92
O4 PG4 K . -0.91 -34.60 20.78
O1 PG4 L . -3.10 6.57 7.23
C1 PG4 L . -4.28 7.19 7.67
C2 PG4 L . -4.50 6.85 9.14
O2 PG4 L . -5.88 6.87 9.40
C3 PG4 L . -6.22 6.55 10.71
C4 PG4 L . -7.13 5.32 10.72
O3 PG4 L . -6.37 4.17 10.92
C5 PG4 L . -7.12 2.99 11.02
C6 PG4 L . -6.17 1.81 11.20
O4 PG4 L . -5.27 2.08 12.25
C7 PG4 L . -3.93 1.98 11.88
C8 PG4 L . -3.10 3.03 12.64
O5 PG4 L . -1.75 2.86 12.32
C10 QKG M . -4.08 34.82 -16.97
C15 QKG M . -5.60 32.29 -15.97
C17 QKG M . -5.08 32.11 -13.58
C20 QKG M . -5.78 30.93 -13.53
C21 QKG M . -6.40 30.39 -14.69
C22 QKG M . -6.32 31.08 -15.93
C01 QKG M . -6.36 32.98 -20.47
C02 QKG M . -6.77 31.91 -19.51
N03 QKG M . -7.50 30.90 -20.02
C04 QKG M . -7.90 29.88 -19.24
C05 QKG M . -7.61 29.78 -17.86
C06 QKG M . -6.83 30.81 -17.27
C07 QKG M . -6.40 31.88 -18.10
N08 QKG M . -5.65 32.79 -17.31
C09 QKG M . -5.04 34.07 -17.90
C11 QKG M . -3.28 35.95 -17.66
C12 QKG M . -2.20 36.56 -16.80
N13 QKG M . -1.28 37.54 -17.19
O14 QKG M . -2.06 36.20 -15.59
C16 QKG M . -4.96 32.84 -14.77
O18 QKG M . -4.47 32.58 -12.38
C19 QKG M . -3.84 33.87 -12.32
H102 QKG M . -4.58 35.17 -16.22
H101 QKG M . -3.46 34.18 -16.58
H201 QKG M . -5.86 30.44 -12.74
H211 QKG M . -6.87 29.59 -14.61
H011 QKG M . -5.41 33.13 -20.59
H012 QKG M . -6.78 32.98 -21.34
H013 QKG M . -6.70 33.84 -20.17
H041 QKG M . -8.41 29.22 -19.66
H051 QKG M . -7.94 29.03 -17.41
H091 QKG M . -4.60 33.81 -18.73
H092 QKG M . -5.76 34.65 -18.18
H111 QKG M . -2.88 35.65 -18.48
H112 QKG M . -3.88 36.67 -17.90
H131 QKG M . -0.68 37.86 -16.67
H132 QKG M . -1.31 37.83 -17.99
H161 QKG M . -4.49 33.63 -14.80
H193 QKG M . -3.84 34.20 -11.42
H191 QKG M . -4.27 34.55 -12.87
H192 QKG M . -2.90 33.80 -12.54
O1 PG4 N . -3.63 37.55 -7.59
C1 PG4 N . -2.94 36.65 -6.77
C2 PG4 N . -3.94 35.77 -6.01
O2 PG4 N . -4.06 36.22 -4.69
C3 PG4 N . -5.13 35.64 -3.99
C4 PG4 N . -5.32 36.37 -2.66
O3 PG4 N . -5.43 37.76 -2.90
C5 PG4 N . -5.97 38.47 -1.84
C6 PG4 N . -6.84 39.60 -2.38
O4 PG4 N . -6.03 40.64 -2.84
C7 PG4 N . -6.63 41.46 -3.80
C8 PG4 N . -5.56 42.07 -4.71
O5 PG4 N . -5.62 41.48 -5.98
O1 PG4 O . -6.68 32.04 -34.90
C1 PG4 O . -7.20 31.81 -33.63
C2 PG4 O . -8.57 31.15 -33.75
O2 PG4 O . -9.47 31.76 -32.87
C3 PG4 O . -10.48 32.50 -33.52
C4 PG4 O . -11.51 32.96 -32.48
O3 PG4 O . -12.80 32.80 -33.01
C5 PG4 O . -13.44 34.00 -33.34
C6 PG4 O . -13.64 34.09 -34.85
O4 PG4 O . -12.51 34.69 -35.45
C10 QKG P . 2.81 -29.93 -9.18
C15 QKG P . 1.21 -31.91 -7.26
C17 QKG P . 0.47 -30.71 -5.27
C20 QKG P . 0.41 -31.91 -4.59
C21 QKG P . 0.75 -33.13 -5.23
C22 QKG P . 1.16 -33.15 -6.59
C01 QKG P . 2.64 -33.73 -11.27
C02 QKG P . 2.30 -34.30 -9.93
N03 QKG P . 2.43 -35.65 -9.81
C04 QKG P . 2.16 -36.27 -8.64
C05 QKG P . 1.72 -35.60 -7.47
C06 QKG P . 1.56 -34.19 -7.53
C07 QKG P . 1.86 -33.52 -8.77
N08 QKG P . 1.63 -32.14 -8.58
C09 QKG P . 1.81 -31.04 -9.61
C11 QKG P . 2.83 -28.67 -10.07
C12 QKG P . 4.12 -28.42 -10.77
N13 QKG P . 5.05 -29.40 -11.15
O14 QKG P . 4.48 -27.24 -11.09
C16 QKG P . 0.86 -30.67 -6.61
O18 QKG P . 0.12 -29.51 -4.60
C19 QKG P . 0.47 -28.23 -5.13
H102 QKG P . 3.70 -30.33 -9.15
H101 QKG P . 2.61 -29.69 -8.26
H201 QKG P . 0.15 -31.94 -3.70
H211 QKG P . 0.70 -33.92 -4.73
H011 QKG P . 3.34 -33.08 -11.30
H012 QKG P . 2.77 -34.34 -12.01
H013 QKG P . 1.87 -33.26 -11.65
H041 QKG P . 2.26 -37.19 -8.64
H051 QKG P . 1.56 -36.12 -6.72
H091 QKG P . 0.94 -30.66 -9.80
H092 QKG P . 2.08 -31.44 -10.45
H111 QKG P . 2.59 -27.88 -9.55
H112 QKG P . 2.14 -28.75 -10.74
H131 QKG P . 4.95 -30.24 -11.01
H132 QKG P . 5.77 -29.16 -11.55
H161 QKG P . 0.90 -29.86 -7.06
H193 QKG P . -0.14 -27.55 -4.81
H191 QKG P . 0.44 -28.18 -6.10
H192 QKG P . 1.33 -27.93 -4.80
O1 PG4 Q . -3.55 -23.53 -3.98
C1 PG4 Q . -2.99 -23.36 -2.71
C2 PG4 Q . -3.82 -24.09 -1.65
O2 PG4 Q . -4.64 -23.19 -0.98
C3 PG4 Q . -5.65 -23.79 -0.23
C4 PG4 Q . -6.63 -22.72 0.27
O3 PG4 Q . -7.13 -22.00 -0.81
C5 PG4 Q . -8.34 -21.36 -0.56
C6 PG4 Q . -9.29 -21.52 -1.75
O4 PG4 Q . -8.98 -20.58 -2.75
C7 PG4 Q . -9.30 -20.99 -4.04
C8 PG4 Q . -8.31 -20.37 -5.03
O5 PG4 Q . -7.47 -21.37 -5.54
O1 PG4 R . 9.56 -41.43 -21.07
C1 PG4 R . 8.47 -41.18 -20.21
C2 PG4 R . 7.77 -42.49 -19.90
O2 PG4 R . 6.38 -42.29 -19.79
C3 PG4 R . 5.67 -42.58 -20.96
C4 PG4 R . 4.18 -42.67 -20.66
O3 PG4 R . 3.58 -43.52 -21.59
C5 PG4 R . 2.74 -42.86 -22.50
C6 PG4 R . 3.24 -43.11 -23.92
O4 PG4 R . 2.19 -42.93 -24.82
O1 PG4 S . -4.76 -53.62 -13.72
C1 PG4 S . -5.42 -53.59 -14.95
C2 PG4 S . -6.84 -53.03 -14.79
O2 PG4 S . -6.80 -51.64 -14.61
C3 PG4 S . -8.05 -51.02 -14.63
C4 PG4 S . -7.93 -49.60 -14.09
O3 PG4 S . -7.49 -49.63 -12.76
C5 PG4 S . -7.60 -48.39 -12.10
C6 PG4 S . -7.14 -48.52 -10.65
O4 PG4 S . -5.74 -48.59 -10.61
C7 PG4 S . -5.22 -48.96 -9.36
C8 PG4 S . -3.73 -49.30 -9.51
O5 PG4 S . -3.59 -50.70 -9.66
#